data_8Y48
#
_entry.id   8Y48
#
_cell.length_a   1.00
_cell.length_b   1.00
_cell.length_c   1.00
_cell.angle_alpha   90.00
_cell.angle_beta   90.00
_cell.angle_gamma   90.00
#
_symmetry.space_group_name_H-M   'P 1'
#
_entity_poly.entity_id   1
_entity_poly.type   'polypeptide(L)'
_entity_poly.pdbx_seq_one_letter_code
;MTPRSRLATLGTVILLVCFCAGAAHSRGDTFQTSSSPTPPGSSSKAPTKPGEEASGPKSVDFYQFRVCSASITGELFRFN
LEQTCPDTKDKYHQEGILLVYKKNIVPHIFKVRRYRKIATSVTVYRGHRESAITNKYELPRPVPLYEISHMDSTYQCFSS
MKVNVNGVENTFTDRDDVNTTVFLQPVEGLTDNIQRYFSQPVIYAEPGRVEATYRVRTTVNCEIVDMIARSAEPYNYFVT
SLGDTVEVSPFCYNESSCSTTPSNKNGLSVQVVLNHTVVTYSDRGTSPTPQNRIFVETGAYTLSWASESKTTAVCPLALW
KTFPRSIQTTHEDSFHFVANEITATFTAPLTPVANFTDTYSCLTSDINTTLNASKAKLASTHVPNGTVQYFHTTGGLYLV
WQPMSAINLTHAQGDSGNPTSSPPPSASPMTTSASRGGSGGASTAAAGGGGSTDNLSYTQLQFAYDKLRDGINQVLEELS
RAWCREQVRDNLMWYELSKINPTSVMTAIYGRPVSAKFVGDAISVTECINVDQSSVNIHKSLRTNSKDVCYARPLVTFKF
LNSSNLFTGQLGARNEIILTNNQVETCKDTCEHYFITRNETLVYKDYAYLRTINTTDISTLNTFIALNLSFIQNIDFKAI
ELYSSAEKRLASSGSHHHHHH
;
_entity_poly.pdbx_strand_id   A,B,C
#
# COMPACT_ATOMS: atom_id res chain seq x y z
N GLU A 53 77.62 -5.91 -0.21
CA GLU A 53 76.90 -6.31 0.98
C GLU A 53 75.83 -7.34 0.63
N ALA A 54 74.62 -7.12 1.15
CA ALA A 54 73.49 -8.02 0.92
C ALA A 54 72.43 -7.29 0.09
N SER A 55 71.93 -7.97 -0.93
CA SER A 55 70.91 -7.40 -1.80
C SER A 55 70.06 -8.52 -2.38
N GLY A 56 68.87 -8.17 -2.87
CA GLY A 56 67.97 -9.11 -3.45
C GLY A 56 66.53 -8.65 -3.41
N PRO A 57 65.60 -9.59 -3.56
CA PRO A 57 64.18 -9.23 -3.56
C PRO A 57 63.72 -8.73 -2.20
N LYS A 58 62.73 -7.84 -2.23
CA LYS A 58 62.15 -7.28 -1.00
C LYS A 58 61.02 -8.16 -0.49
N SER A 59 60.99 -8.37 0.81
CA SER A 59 59.98 -9.22 1.43
C SER A 59 58.59 -8.61 1.25
N VAL A 60 57.59 -9.48 1.06
CA VAL A 60 56.20 -9.07 0.90
C VAL A 60 55.26 -9.85 1.79
N ASP A 61 55.74 -10.86 2.52
CA ASP A 61 54.90 -11.64 3.41
C ASP A 61 55.75 -12.23 4.51
N PHE A 62 55.08 -12.64 5.60
CA PHE A 62 55.75 -13.23 6.75
C PHE A 62 55.94 -14.74 6.55
N TYR A 63 56.71 -15.08 5.53
CA TYR A 63 56.96 -16.48 5.23
C TYR A 63 58.41 -16.81 4.94
N GLN A 64 59.30 -15.83 4.78
CA GLN A 64 60.71 -16.06 4.51
C GLN A 64 61.55 -15.33 5.52
N PHE A 65 62.62 -15.98 5.98
CA PHE A 65 63.53 -15.35 6.93
C PHE A 65 64.15 -14.11 6.30
N ARG A 66 64.19 -13.02 7.07
CA ARG A 66 64.72 -11.77 6.55
C ARG A 66 65.40 -11.00 7.67
N VAL A 67 66.40 -10.20 7.31
CA VAL A 67 67.10 -9.35 8.24
C VAL A 67 67.30 -7.99 7.59
N CYS A 68 66.99 -6.92 8.31
CA CYS A 68 67.08 -5.58 7.75
C CYS A 68 67.25 -4.57 8.88
N SER A 69 68.43 -3.95 8.94
CA SER A 69 68.72 -2.89 9.91
C SER A 69 69.52 -1.78 9.23
N ALA A 70 69.20 -1.51 7.96
CA ALA A 70 69.97 -0.55 7.18
C ALA A 70 69.86 0.85 7.77
N SER A 71 70.97 1.60 7.67
CA SER A 71 71.04 2.97 8.18
C SER A 71 70.62 4.01 7.14
N ILE A 72 70.28 3.58 5.92
CA ILE A 72 69.87 4.53 4.89
C ILE A 72 68.48 5.04 5.24
N THR A 73 68.34 6.37 5.30
CA THR A 73 67.07 6.98 5.66
C THR A 73 66.07 6.82 4.53
N GLY A 74 64.86 6.38 4.88
CA GLY A 74 63.77 6.20 3.94
C GLY A 74 62.77 7.35 4.00
N GLU A 75 61.51 7.03 3.73
CA GLU A 75 60.47 8.03 3.78
C GLU A 75 60.23 8.48 5.22
N LEU A 76 59.75 9.71 5.37
CA LEU A 76 59.48 10.30 6.67
C LEU A 76 57.97 10.37 6.89
N PHE A 77 57.52 9.89 8.04
CA PHE A 77 56.11 9.91 8.40
C PHE A 77 55.93 10.47 9.80
N ARG A 78 54.81 11.16 10.01
CA ARG A 78 54.47 11.73 11.29
C ARG A 78 53.01 11.42 11.61
N PHE A 79 52.70 11.37 12.91
CA PHE A 79 51.36 11.06 13.34
C PHE A 79 50.50 12.32 13.31
N ASN A 80 49.34 12.23 12.68
CA ASN A 80 48.41 13.37 12.58
C ASN A 80 47.71 13.52 13.93
N LEU A 81 48.38 14.23 14.83
CA LEU A 81 47.87 14.39 16.19
C LEU A 81 46.55 15.15 16.23
N GLU A 82 46.25 15.94 15.21
CA GLU A 82 45.01 16.72 15.16
C GLU A 82 44.07 16.11 14.14
N GLN A 83 42.90 15.69 14.61
CA GLN A 83 41.90 15.08 13.71
C GLN A 83 40.51 15.34 14.29
N THR A 84 39.53 15.59 13.45
CA THR A 84 38.15 15.82 13.88
C THR A 84 37.23 15.72 12.67
N CYS A 85 35.94 15.57 12.95
CA CYS A 85 34.91 15.55 11.93
C CYS A 85 33.75 16.43 12.38
N PRO A 86 33.08 17.10 11.45
CA PRO A 86 32.00 18.02 11.85
C PRO A 86 30.64 17.36 11.93
N ASP A 87 29.64 18.12 12.33
CA ASP A 87 28.26 17.66 12.41
C ASP A 87 27.45 18.34 11.32
N THR A 88 26.63 17.55 10.62
CA THR A 88 25.83 18.09 9.53
C THR A 88 24.81 19.10 10.05
N LYS A 89 24.57 20.14 9.27
CA LYS A 89 23.60 21.17 9.62
C LYS A 89 22.20 20.73 9.20
N ASP A 90 21.22 21.02 10.06
CA ASP A 90 19.85 20.65 9.77
C ASP A 90 19.34 21.41 8.56
N LYS A 91 18.70 20.68 7.64
CA LYS A 91 18.14 21.27 6.42
C LYS A 91 16.72 21.72 6.72
N TYR A 92 16.51 23.03 6.80
CA TYR A 92 15.18 23.56 7.07
C TYR A 92 14.24 23.26 5.91
N HIS A 93 12.95 23.16 6.23
CA HIS A 93 11.94 22.77 5.25
C HIS A 93 10.84 23.83 5.20
N GLN A 94 10.37 24.10 3.98
CA GLN A 94 9.30 25.06 3.79
C GLN A 94 7.97 24.49 4.30
N GLU A 95 7.06 25.39 4.65
CA GLU A 95 5.74 24.99 5.13
C GLU A 95 4.73 26.04 4.72
N GLY A 96 3.47 25.62 4.68
CA GLY A 96 2.42 26.54 4.29
C GLY A 96 1.08 25.83 4.19
N ILE A 97 0.08 26.57 3.75
CA ILE A 97 -1.27 26.05 3.60
C ILE A 97 -1.36 25.29 2.28
N LEU A 98 -1.95 24.10 2.32
CA LEU A 98 -2.11 23.26 1.13
C LEU A 98 -3.58 22.89 0.98
N LEU A 99 -4.11 23.06 -0.21
CA LEU A 99 -5.50 22.70 -0.53
C LEU A 99 -5.52 21.79 -1.73
N VAL A 100 -6.33 20.74 -1.65
CA VAL A 100 -6.51 19.80 -2.74
C VAL A 100 -7.80 20.14 -3.47
N TYR A 101 -7.95 19.60 -4.67
CA TYR A 101 -9.13 19.88 -5.49
C TYR A 101 -9.39 18.67 -6.38
N LYS A 102 -10.36 17.84 -5.99
CA LYS A 102 -10.75 16.69 -6.77
C LYS A 102 -11.63 17.11 -7.94
N LYS A 103 -11.79 16.20 -8.90
CA LYS A 103 -12.62 16.46 -10.06
C LYS A 103 -14.09 16.26 -9.71
N ASN A 104 -14.91 17.26 -10.02
CA ASN A 104 -16.32 17.19 -9.69
C ASN A 104 -17.04 16.17 -10.55
N ILE A 105 -18.00 15.47 -9.95
CA ILE A 105 -18.80 14.48 -10.65
C ILE A 105 -20.30 14.69 -10.45
N VAL A 106 -20.70 15.69 -9.67
CA VAL A 106 -22.13 15.94 -9.46
C VAL A 106 -22.75 16.50 -10.73
N PRO A 107 -23.80 15.89 -11.26
CA PRO A 107 -24.40 16.40 -12.50
C PRO A 107 -25.08 17.74 -12.30
N HIS A 108 -25.13 18.51 -13.39
CA HIS A 108 -25.81 19.80 -13.36
C HIS A 108 -27.31 19.59 -13.18
N ILE A 109 -27.93 20.47 -12.39
CA ILE A 109 -29.35 20.36 -12.06
C ILE A 109 -30.02 21.68 -12.39
N PHE A 110 -31.13 21.61 -13.13
CA PHE A 110 -31.92 22.80 -13.45
C PHE A 110 -33.37 22.39 -13.66
N LYS A 111 -34.26 23.36 -13.56
CA LYS A 111 -35.69 23.11 -13.68
C LYS A 111 -36.15 23.29 -15.12
N VAL A 112 -37.12 22.47 -15.53
CA VAL A 112 -37.63 22.49 -16.89
C VAL A 112 -39.15 22.38 -16.83
N ARG A 113 -39.83 23.16 -17.66
CA ARG A 113 -41.28 23.15 -17.76
C ARG A 113 -41.70 22.49 -19.07
N ARG A 114 -42.74 21.67 -19.01
CA ARG A 114 -43.21 20.89 -20.15
C ARG A 114 -44.67 21.18 -20.42
N TYR A 115 -45.01 21.30 -21.71
CA TYR A 115 -46.38 21.51 -22.16
C TYR A 115 -46.77 20.38 -23.10
N ARG A 116 -48.01 19.91 -23.00
CA ARG A 116 -48.48 18.80 -23.81
C ARG A 116 -49.99 18.89 -23.98
N LYS A 117 -50.46 18.61 -25.19
CA LYS A 117 -51.89 18.58 -25.51
C LYS A 117 -52.32 17.14 -25.66
N ILE A 118 -53.42 16.77 -24.99
CA ILE A 118 -53.92 15.41 -24.97
C ILE A 118 -55.35 15.40 -25.47
N ALA A 119 -55.64 14.53 -26.44
CA ALA A 119 -56.97 14.33 -26.97
C ALA A 119 -57.33 12.85 -26.85
N THR A 120 -58.51 12.57 -26.30
CA THR A 120 -58.94 11.20 -26.07
C THR A 120 -60.43 11.07 -26.38
N SER A 121 -60.82 9.88 -26.82
CA SER A 121 -62.20 9.57 -27.12
C SER A 121 -62.55 8.20 -26.54
N VAL A 122 -63.83 8.02 -26.23
CA VAL A 122 -64.34 6.76 -25.68
C VAL A 122 -65.58 6.38 -26.47
N THR A 123 -65.64 5.12 -26.90
CA THR A 123 -66.76 4.59 -27.68
C THR A 123 -67.27 3.32 -26.98
N VAL A 124 -68.17 3.49 -26.01
CA VAL A 124 -68.73 2.38 -25.25
C VAL A 124 -70.25 2.51 -25.30
N TYR A 125 -70.88 1.93 -26.33
CA TYR A 125 -72.32 1.82 -26.39
C TYR A 125 -72.75 0.51 -27.04
N ARG A 126 -71.96 -0.55 -26.86
CA ARG A 126 -72.24 -1.83 -27.50
C ARG A 126 -73.56 -2.40 -26.98
N GLY A 127 -74.29 -3.06 -27.89
CA GLY A 127 -75.58 -3.60 -27.51
C GLY A 127 -76.54 -2.49 -27.13
N HIS A 128 -77.19 -2.65 -25.98
CA HIS A 128 -78.08 -1.62 -25.48
C HIS A 128 -77.29 -0.46 -24.86
N ARG A 129 -76.50 -0.75 -23.83
CA ARG A 129 -75.68 0.28 -23.19
C ARG A 129 -74.49 -0.42 -22.53
N GLU A 130 -73.33 -0.33 -23.16
CA GLU A 130 -72.12 -0.95 -22.64
C GLU A 130 -71.20 0.11 -22.02
N SER A 131 -70.21 -0.36 -21.27
CA SER A 131 -69.25 0.50 -20.61
C SER A 131 -67.84 0.00 -20.87
N ALA A 132 -66.93 0.93 -21.15
CA ALA A 132 -65.53 0.62 -21.41
C ALA A 132 -65.37 -0.42 -22.52
N ILE A 133 -66.19 -0.29 -23.57
CA ILE A 133 -66.12 -1.22 -24.69
C ILE A 133 -64.80 -1.07 -25.43
N THR A 134 -64.42 0.16 -25.74
CA THR A 134 -63.17 0.42 -26.44
C THR A 134 -62.73 1.84 -26.17
N ASN A 135 -61.45 2.10 -26.40
CA ASN A 135 -60.85 3.42 -26.23
C ASN A 135 -60.19 3.84 -27.53
N LYS A 136 -59.99 5.16 -27.66
CA LYS A 136 -59.39 5.72 -28.86
C LYS A 136 -57.87 5.65 -28.77
N TYR A 137 -57.20 6.21 -29.78
CA TYR A 137 -55.74 6.19 -29.80
C TYR A 137 -55.15 7.02 -28.67
N GLU A 138 -55.86 8.06 -28.22
CA GLU A 138 -55.37 8.94 -27.15
C GLU A 138 -54.00 9.52 -27.49
N LEU A 139 -53.82 9.90 -28.75
CA LEU A 139 -52.53 10.41 -29.20
C LEU A 139 -52.27 11.80 -28.64
N PRO A 140 -51.18 12.00 -27.91
CA PRO A 140 -50.85 13.35 -27.44
C PRO A 140 -50.06 14.13 -28.48
N ARG A 141 -50.26 15.44 -28.47
CA ARG A 141 -49.62 16.32 -29.44
C ARG A 141 -48.95 17.49 -28.75
N PRO A 142 -47.89 18.02 -29.33
CA PRO A 142 -47.23 19.20 -28.75
C PRO A 142 -48.14 20.42 -28.82
N VAL A 143 -47.96 21.32 -27.86
CA VAL A 143 -48.75 22.54 -27.80
C VAL A 143 -48.32 23.46 -28.95
N PRO A 144 -49.23 23.84 -29.85
CA PRO A 144 -48.86 24.72 -30.95
C PRO A 144 -48.63 26.15 -30.46
N LEU A 145 -47.91 26.91 -31.29
CA LEU A 145 -47.59 28.30 -30.99
C LEU A 145 -48.45 29.25 -31.81
N TYR A 146 -49.71 28.90 -32.02
CA TYR A 146 -50.63 29.82 -32.70
C TYR A 146 -50.79 31.11 -31.89
N GLU A 147 -50.93 30.98 -30.58
CA GLU A 147 -50.89 32.10 -29.66
C GLU A 147 -49.53 32.24 -28.98
N ILE A 148 -48.53 31.50 -29.46
CA ILE A 148 -47.19 31.46 -28.90
C ILE A 148 -47.27 31.00 -27.44
N SER A 149 -48.32 30.24 -27.11
CA SER A 149 -48.55 29.75 -25.76
C SER A 149 -48.54 30.88 -24.74
N HIS A 150 -48.92 32.08 -25.17
CA HIS A 150 -48.93 33.22 -24.26
C HIS A 150 -49.96 33.05 -23.16
N MET A 151 -51.15 32.54 -23.51
CA MET A 151 -52.18 32.32 -22.50
C MET A 151 -51.72 31.28 -21.47
N ASP A 152 -51.08 30.21 -21.94
CA ASP A 152 -50.55 29.20 -21.01
C ASP A 152 -49.46 29.79 -20.13
N SER A 153 -48.59 30.62 -20.72
CA SER A 153 -47.54 31.26 -19.93
C SER A 153 -48.14 32.17 -18.86
N THR A 154 -49.26 32.83 -19.17
CA THR A 154 -49.95 33.64 -18.18
C THR A 154 -50.53 32.82 -17.05
N TYR A 155 -50.62 31.49 -17.22
CA TYR A 155 -51.14 30.59 -16.19
C TYR A 155 -52.56 30.96 -15.77
N GLN A 156 -53.36 31.46 -16.71
CA GLN A 156 -54.74 31.84 -16.46
C GLN A 156 -55.73 31.05 -17.28
N CYS A 157 -55.47 30.87 -18.57
CA CYS A 157 -56.37 30.14 -19.44
C CYS A 157 -55.58 29.62 -20.63
N PHE A 158 -56.25 28.80 -21.44
CA PHE A 158 -55.65 28.23 -22.64
C PHE A 158 -56.73 27.97 -23.67
N SER A 159 -56.34 27.92 -24.93
CA SER A 159 -57.26 27.68 -26.04
C SER A 159 -57.40 26.18 -26.26
N SER A 160 -58.61 25.66 -26.05
CA SER A 160 -58.88 24.24 -26.23
C SER A 160 -59.19 23.96 -27.70
N MET A 161 -59.65 22.74 -27.98
CA MET A 161 -60.02 22.31 -29.34
C MET A 161 -58.84 22.44 -30.31
N LYS A 162 -57.78 21.71 -30.01
CA LYS A 162 -56.60 21.71 -30.87
C LYS A 162 -56.91 21.03 -32.19
N VAL A 163 -56.42 21.63 -33.29
CA VAL A 163 -56.63 21.11 -34.63
C VAL A 163 -55.27 20.73 -35.22
N ASN A 164 -55.06 19.43 -35.45
CA ASN A 164 -53.80 18.93 -35.99
C ASN A 164 -53.97 17.47 -36.36
N VAL A 165 -53.45 17.10 -37.53
CA VAL A 165 -53.45 15.71 -37.98
C VAL A 165 -52.49 15.56 -39.16
N ASN A 166 -51.97 14.35 -39.35
CA ASN A 166 -51.05 14.11 -40.46
C ASN A 166 -51.75 14.20 -41.81
N GLY A 167 -53.01 13.77 -41.89
CA GLY A 167 -53.75 13.82 -43.14
C GLY A 167 -54.28 15.20 -43.47
N VAL A 168 -55.18 15.69 -42.63
CA VAL A 168 -55.76 17.02 -42.81
C VAL A 168 -56.17 17.55 -41.45
N GLU A 169 -56.10 18.88 -41.30
CA GLU A 169 -56.41 19.52 -40.03
C GLU A 169 -57.86 19.31 -39.61
N ASN A 170 -58.08 18.53 -38.55
CA ASN A 170 -59.41 18.28 -38.02
C ASN A 170 -59.42 18.65 -36.53
N THR A 171 -60.46 19.36 -36.12
CA THR A 171 -60.56 19.84 -34.75
C THR A 171 -61.27 18.81 -33.88
N PHE A 172 -60.66 18.47 -32.75
CA PHE A 172 -61.24 17.54 -31.78
C PHE A 172 -61.48 18.29 -30.48
N THR A 173 -62.68 18.13 -29.93
CA THR A 173 -63.05 18.82 -28.69
C THR A 173 -64.28 18.12 -28.12
N ASP A 174 -64.90 18.77 -27.14
CA ASP A 174 -66.13 18.29 -26.50
C ASP A 174 -67.37 18.98 -27.09
N ARG A 175 -67.35 19.21 -28.40
CA ARG A 175 -68.41 19.92 -29.11
C ARG A 175 -68.56 21.36 -28.58
N ASP A 176 -67.47 22.11 -28.74
CA ASP A 176 -67.42 23.50 -28.30
C ASP A 176 -66.70 24.32 -29.38
N ASP A 177 -66.34 25.54 -29.04
CA ASP A 177 -65.68 26.44 -29.99
C ASP A 177 -64.28 25.94 -30.32
N VAL A 178 -63.80 26.34 -31.50
CA VAL A 178 -62.47 25.93 -31.94
C VAL A 178 -61.40 26.60 -31.10
N ASN A 179 -61.60 27.87 -30.74
CA ASN A 179 -60.62 28.63 -29.96
C ASN A 179 -61.21 29.05 -28.61
N THR A 180 -62.01 28.18 -28.01
CA THR A 180 -62.58 28.46 -26.70
C THR A 180 -61.49 28.48 -25.64
N THR A 181 -61.65 29.34 -24.65
CA THR A 181 -60.67 29.50 -23.58
C THR A 181 -61.15 28.79 -22.32
N VAL A 182 -60.28 27.98 -21.74
CA VAL A 182 -60.58 27.24 -20.52
C VAL A 182 -59.54 27.62 -19.46
N PHE A 183 -60.03 27.96 -18.27
CA PHE A 183 -59.13 28.39 -17.20
C PHE A 183 -58.37 27.20 -16.61
N LEU A 184 -57.07 27.36 -16.47
CA LEU A 184 -56.23 26.32 -15.88
C LEU A 184 -56.39 26.32 -14.36
N GLN A 185 -55.97 25.22 -13.75
CA GLN A 185 -56.04 25.07 -12.30
C GLN A 185 -54.98 24.07 -11.86
N PRO A 186 -54.49 24.18 -10.62
CA PRO A 186 -53.51 23.21 -10.12
C PRO A 186 -54.18 22.03 -9.44
N VAL A 187 -53.58 20.86 -9.64
CA VAL A 187 -54.08 19.61 -9.07
C VAL A 187 -53.00 19.03 -8.16
N GLU A 188 -53.40 18.64 -6.95
CA GLU A 188 -52.46 18.07 -6.00
C GLU A 188 -52.05 16.66 -6.43
N GLY A 189 -50.90 16.23 -5.91
CA GLY A 189 -50.38 14.91 -6.24
C GLY A 189 -49.45 14.42 -5.15
N LEU A 190 -49.03 13.16 -5.30
CA LEU A 190 -48.15 12.52 -4.33
C LEU A 190 -46.68 12.77 -4.70
N THR A 191 -46.35 14.04 -4.85
CA THR A 191 -44.99 14.44 -5.19
C THR A 191 -44.75 15.85 -4.67
N ASP A 192 -43.54 16.08 -4.17
CA ASP A 192 -43.15 17.38 -3.64
C ASP A 192 -42.43 18.26 -4.64
N ASN A 193 -42.26 17.79 -5.88
CA ASN A 193 -41.56 18.59 -6.89
C ASN A 193 -42.24 18.57 -8.25
N ILE A 194 -43.46 18.05 -8.35
CA ILE A 194 -44.20 18.01 -9.61
C ILE A 194 -45.52 18.74 -9.37
N GLN A 195 -45.55 20.03 -9.69
CA GLN A 195 -46.75 20.84 -9.54
C GLN A 195 -47.53 20.85 -10.85
N ARG A 196 -48.15 19.71 -11.13
CA ARG A 196 -48.91 19.54 -12.36
C ARG A 196 -50.16 20.40 -12.35
N TYR A 197 -50.45 21.02 -13.49
CA TYR A 197 -51.64 21.83 -13.68
C TYR A 197 -52.53 21.17 -14.73
N PHE A 198 -53.81 21.01 -14.41
CA PHE A 198 -54.73 20.29 -15.26
C PHE A 198 -55.92 21.16 -15.63
N SER A 199 -56.36 21.03 -16.89
CA SER A 199 -57.57 21.64 -17.39
C SER A 199 -58.40 20.56 -18.06
N GLN A 200 -59.69 20.51 -17.73
CA GLN A 200 -60.59 19.45 -18.19
C GLN A 200 -60.02 18.10 -17.75
N PRO A 201 -59.98 17.82 -16.45
CA PRO A 201 -59.38 16.56 -15.98
C PRO A 201 -60.38 15.41 -15.96
N VAL A 202 -61.67 15.73 -15.90
CA VAL A 202 -62.70 14.69 -15.85
C VAL A 202 -62.76 13.98 -17.20
N ILE A 203 -63.11 12.69 -17.14
CA ILE A 203 -63.20 11.85 -18.34
C ILE A 203 -64.29 12.36 -19.25
N TYR A 204 -64.31 11.86 -20.49
CA TYR A 204 -65.26 12.33 -21.49
C TYR A 204 -66.70 12.11 -21.03
N ALA A 205 -67.64 12.68 -21.80
CA ALA A 205 -69.04 12.64 -21.42
C ALA A 205 -69.54 11.21 -21.26
N GLU A 206 -69.28 10.35 -22.25
CA GLU A 206 -69.69 8.96 -22.23
C GLU A 206 -71.18 8.85 -21.93
N PRO A 207 -72.05 9.21 -22.87
CA PRO A 207 -73.49 9.20 -22.58
C PRO A 207 -74.02 7.84 -22.14
N GLY A 208 -73.51 6.76 -22.73
CA GLY A 208 -73.95 5.43 -22.35
C GLY A 208 -75.43 5.17 -22.58
N ARG A 209 -76.06 5.90 -23.49
CA ARG A 209 -77.47 5.73 -23.76
C ARG A 209 -77.67 4.56 -24.71
N VAL A 210 -78.91 4.35 -25.16
CA VAL A 210 -79.24 3.25 -26.07
C VAL A 210 -78.76 3.64 -27.46
N GLU A 211 -77.59 3.14 -27.85
CA GLU A 211 -77.00 3.41 -29.15
C GLU A 211 -76.73 2.10 -29.87
N ALA A 212 -76.81 2.15 -31.21
CA ALA A 212 -76.67 0.94 -32.00
C ALA A 212 -75.27 0.34 -31.88
N THR A 213 -74.24 1.15 -32.12
CA THR A 213 -72.88 0.63 -32.14
C THR A 213 -72.01 1.22 -31.04
N TYR A 214 -71.86 2.55 -30.98
CA TYR A 214 -70.95 3.16 -30.02
C TYR A 214 -71.25 4.65 -29.93
N ARG A 215 -70.64 5.29 -28.93
CA ARG A 215 -70.77 6.73 -28.74
C ARG A 215 -69.61 7.45 -29.42
N VAL A 216 -69.63 8.78 -29.36
CA VAL A 216 -68.61 9.58 -30.02
C VAL A 216 -68.09 10.66 -29.06
N ARG A 217 -68.44 10.54 -27.78
CA ARG A 217 -68.02 11.53 -26.79
C ARG A 217 -66.51 11.58 -26.68
N THR A 218 -65.96 12.79 -26.68
CA THR A 218 -64.51 12.98 -26.60
C THR A 218 -64.23 14.36 -26.03
N THR A 219 -63.09 14.47 -25.33
CA THR A 219 -62.64 15.74 -24.75
C THR A 219 -61.16 15.89 -25.00
N VAL A 220 -60.67 17.12 -24.81
CA VAL A 220 -59.25 17.44 -24.95
C VAL A 220 -58.75 17.96 -23.60
N ASN A 221 -57.44 17.92 -23.44
CA ASN A 221 -56.82 18.30 -22.18
C ASN A 221 -55.53 19.08 -22.44
N CYS A 222 -55.28 20.09 -21.60
CA CYS A 222 -54.05 20.87 -21.63
C CYS A 222 -53.26 20.56 -20.37
N GLU A 223 -52.00 20.18 -20.54
CA GLU A 223 -51.16 19.72 -19.44
C GLU A 223 -49.93 20.60 -19.33
N ILE A 224 -49.69 21.11 -18.12
CA ILE A 224 -48.50 21.88 -17.78
C ILE A 224 -47.83 21.17 -16.60
N VAL A 225 -46.61 20.66 -16.83
CA VAL A 225 -45.90 19.87 -15.84
C VAL A 225 -44.57 20.53 -15.55
N ASP A 226 -44.24 20.67 -14.27
CA ASP A 226 -42.96 21.20 -13.82
C ASP A 226 -42.09 20.03 -13.37
N MET A 227 -40.91 19.90 -13.96
CA MET A 227 -40.01 18.80 -13.65
C MET A 227 -38.59 19.35 -13.45
N ILE A 228 -37.67 18.45 -13.15
CA ILE A 228 -36.27 18.77 -12.92
C ILE A 228 -35.42 17.93 -13.87
N ALA A 229 -34.45 18.57 -14.50
CA ALA A 229 -33.59 17.91 -15.48
C ALA A 229 -32.14 17.90 -14.99
N ARG A 230 -31.42 16.86 -15.39
CA ARG A 230 -30.01 16.71 -15.03
C ARG A 230 -29.21 16.35 -16.27
N SER A 231 -27.97 16.83 -16.31
CA SER A 231 -27.08 16.60 -17.45
C SER A 231 -25.71 16.19 -16.94
N ALA A 232 -24.98 15.47 -17.79
CA ALA A 232 -23.67 14.95 -17.45
C ALA A 232 -22.61 16.05 -17.62
N GLU A 233 -21.34 15.68 -17.44
CA GLU A 233 -20.25 16.64 -17.56
C GLU A 233 -20.15 17.25 -18.96
N PRO A 234 -20.17 16.48 -20.06
CA PRO A 234 -20.06 17.11 -21.39
C PRO A 234 -21.17 18.09 -21.69
N TYR A 235 -22.33 17.96 -21.04
CA TYR A 235 -23.46 18.88 -21.23
C TYR A 235 -23.90 18.93 -22.69
N ASN A 236 -23.96 17.77 -23.34
CA ASN A 236 -24.45 17.68 -24.70
C ASN A 236 -25.88 17.16 -24.80
N TYR A 237 -26.34 16.44 -23.78
CA TYR A 237 -27.72 15.95 -23.73
C TYR A 237 -28.12 15.79 -22.28
N PHE A 238 -29.42 15.76 -22.04
CA PHE A 238 -29.93 15.64 -20.68
C PHE A 238 -31.26 14.91 -20.68
N VAL A 239 -31.61 14.36 -19.52
CA VAL A 239 -32.84 13.61 -19.32
C VAL A 239 -33.59 14.22 -18.15
N THR A 240 -34.89 14.44 -18.32
CA THR A 240 -35.71 15.04 -17.27
C THR A 240 -36.10 13.98 -16.24
N SER A 241 -36.69 14.46 -15.14
CA SER A 241 -37.12 13.56 -14.08
C SER A 241 -38.28 12.68 -14.51
N LEU A 242 -39.14 13.17 -15.40
CA LEU A 242 -40.27 12.37 -15.86
C LEU A 242 -39.81 11.12 -16.60
N GLY A 243 -38.80 11.25 -17.45
CA GLY A 243 -38.29 10.12 -18.18
C GLY A 243 -37.91 10.44 -19.62
N ASP A 244 -38.38 11.58 -20.12
CA ASP A 244 -38.09 11.96 -21.49
C ASP A 244 -36.61 12.27 -21.66
N THR A 245 -36.08 11.95 -22.83
CA THR A 245 -34.67 12.17 -23.15
C THR A 245 -34.56 12.99 -24.43
N VAL A 246 -33.74 14.03 -24.40
CA VAL A 246 -33.54 14.93 -25.53
C VAL A 246 -32.04 15.07 -25.75
N GLU A 247 -31.62 15.12 -27.01
CA GLU A 247 -30.21 15.14 -27.39
C GLU A 247 -29.71 16.55 -27.71
N VAL A 248 -30.19 17.56 -27.00
CA VAL A 248 -29.72 18.93 -27.20
C VAL A 248 -28.93 19.36 -25.98
N SER A 249 -28.06 20.36 -26.20
CA SER A 249 -27.20 20.86 -25.15
C SER A 249 -27.98 21.79 -24.23
N PRO A 250 -27.93 21.59 -22.91
CA PRO A 250 -28.65 22.50 -22.00
C PRO A 250 -28.19 23.95 -22.11
N PHE A 251 -26.92 24.17 -22.41
CA PHE A 251 -26.37 25.52 -22.53
C PHE A 251 -26.38 25.91 -24.01
N CYS A 252 -27.29 26.81 -24.38
CA CYS A 252 -27.41 27.27 -25.75
C CYS A 252 -28.10 28.62 -25.76
N TYR A 253 -27.97 29.33 -26.88
CA TYR A 253 -28.55 30.65 -27.11
C TYR A 253 -28.08 31.69 -26.10
N ASN A 254 -27.01 31.38 -25.34
CA ASN A 254 -26.46 32.32 -24.37
C ASN A 254 -24.97 31.99 -24.24
N GLU A 255 -24.13 32.76 -24.93
CA GLU A 255 -22.69 32.50 -25.00
C GLU A 255 -22.40 31.09 -25.51
N SER A 256 -23.27 30.58 -26.39
CA SER A 256 -23.11 29.24 -26.94
C SER A 256 -23.75 29.20 -28.32
N SER A 257 -23.28 28.26 -29.13
CA SER A 257 -23.74 28.11 -30.51
C SER A 257 -24.89 27.09 -30.56
N CYS A 258 -25.23 26.66 -31.77
CA CYS A 258 -26.28 25.66 -32.00
C CYS A 258 -27.64 26.15 -31.50
N SER A 259 -27.91 27.43 -31.71
CA SER A 259 -29.20 28.01 -31.33
C SER A 259 -29.39 29.31 -32.11
N THR A 260 -30.60 29.52 -32.62
CA THR A 260 -30.90 30.70 -33.41
C THR A 260 -32.40 30.98 -33.35
N THR A 261 -32.78 32.19 -33.76
CA THR A 261 -34.19 32.57 -33.76
C THR A 261 -35.05 31.65 -34.62
N PRO A 262 -34.67 31.30 -35.86
CA PRO A 262 -35.49 30.36 -36.62
C PRO A 262 -35.50 28.98 -35.96
N SER A 263 -36.61 28.27 -36.14
CA SER A 263 -36.79 26.94 -35.58
C SER A 263 -36.42 25.91 -36.62
N ASN A 264 -35.35 25.15 -36.37
CA ASN A 264 -34.89 24.13 -37.29
C ASN A 264 -33.93 23.16 -36.60
N LYS A 265 -34.19 21.86 -36.73
CA LYS A 265 -33.34 20.84 -36.14
C LYS A 265 -33.69 19.50 -36.78
N ASN A 266 -32.89 18.49 -36.47
CA ASN A 266 -33.11 17.14 -36.98
C ASN A 266 -34.12 16.43 -36.07
N GLY A 267 -35.39 16.65 -36.38
CA GLY A 267 -36.48 16.10 -35.60
C GLY A 267 -36.97 17.01 -34.48
N LEU A 268 -36.29 18.13 -34.24
CA LEU A 268 -36.69 19.06 -33.19
C LEU A 268 -36.87 20.46 -33.77
N SER A 269 -37.06 21.45 -32.91
CA SER A 269 -37.23 22.83 -33.34
C SER A 269 -36.15 23.75 -32.80
N VAL A 270 -35.86 23.69 -31.50
CA VAL A 270 -34.85 24.52 -30.85
C VAL A 270 -35.12 25.99 -31.14
N GLN A 271 -36.25 26.50 -30.64
CA GLN A 271 -36.66 27.88 -30.84
C GLN A 271 -36.30 28.70 -29.61
N VAL A 272 -35.76 29.89 -29.83
CA VAL A 272 -35.37 30.82 -28.78
C VAL A 272 -36.28 32.03 -28.82
N VAL A 273 -36.75 32.46 -27.64
CA VAL A 273 -37.59 33.65 -27.51
C VAL A 273 -36.86 34.66 -26.63
N LEU A 274 -36.90 35.92 -27.04
CA LEU A 274 -36.24 36.99 -26.31
C LEU A 274 -37.24 37.65 -25.36
N ASN A 275 -36.91 37.65 -24.07
CA ASN A 275 -37.76 38.24 -23.03
C ASN A 275 -39.15 37.63 -23.05
N HIS A 276 -39.20 36.32 -22.76
CA HIS A 276 -40.47 35.60 -22.78
C HIS A 276 -41.42 36.11 -21.69
N THR A 277 -40.87 36.52 -20.55
CA THR A 277 -41.66 37.05 -19.43
C THR A 277 -42.70 36.04 -18.95
N VAL A 278 -42.21 34.86 -18.58
CA VAL A 278 -43.08 33.81 -18.07
C VAL A 278 -43.55 34.19 -16.67
N VAL A 279 -44.86 34.09 -16.44
CA VAL A 279 -45.41 34.38 -15.12
C VAL A 279 -44.86 33.39 -14.10
N THR A 280 -44.82 32.11 -14.46
CA THR A 280 -44.26 31.04 -13.64
C THR A 280 -44.89 30.95 -12.26
N TYR A 281 -46.14 31.40 -12.12
CA TYR A 281 -46.83 31.32 -10.83
C TYR A 281 -48.32 31.15 -11.11
N SER A 282 -48.78 29.90 -11.13
CA SER A 282 -50.18 29.62 -11.36
C SER A 282 -51.02 29.87 -10.10
N ASP A 283 -50.46 29.63 -8.92
CA ASP A 283 -51.21 29.83 -7.68
C ASP A 283 -51.56 31.30 -7.48
N ARG A 284 -50.62 32.20 -7.76
CA ARG A 284 -50.84 33.63 -7.59
C ARG A 284 -50.01 34.36 -8.65
N GLY A 285 -50.69 35.02 -9.58
CA GLY A 285 -49.97 35.72 -10.63
C GLY A 285 -49.09 36.82 -10.07
N THR A 286 -47.91 36.98 -10.67
CA THR A 286 -46.95 37.99 -10.24
C THR A 286 -46.44 38.80 -11.42
N SER A 287 -45.43 39.63 -11.20
CA SER A 287 -44.83 40.48 -12.23
C SER A 287 -43.33 40.25 -12.23
N PRO A 288 -42.86 39.14 -12.79
CA PRO A 288 -41.43 38.84 -12.80
C PRO A 288 -40.72 39.49 -13.98
N THR A 289 -39.39 39.43 -13.93
CA THR A 289 -38.57 40.00 -14.99
C THR A 289 -38.69 39.18 -16.26
N PRO A 290 -38.63 39.82 -17.44
CA PRO A 290 -38.70 39.07 -18.71
C PRO A 290 -37.40 38.36 -19.05
N GLN A 291 -37.13 37.28 -18.31
CA GLN A 291 -35.92 36.50 -18.53
C GLN A 291 -36.00 35.74 -19.85
N ASN A 292 -34.84 35.48 -20.43
CA ASN A 292 -34.78 34.75 -21.69
C ASN A 292 -35.13 33.28 -21.48
N ARG A 293 -35.62 32.65 -22.54
CA ARG A 293 -36.01 31.26 -22.49
C ARG A 293 -35.96 30.67 -23.89
N ILE A 294 -35.96 29.34 -23.96
CA ILE A 294 -35.95 28.64 -25.23
C ILE A 294 -36.98 27.52 -25.18
N PHE A 295 -37.35 27.04 -26.37
CA PHE A 295 -38.34 25.97 -26.50
C PHE A 295 -37.81 24.91 -27.45
N VAL A 296 -38.20 23.67 -27.18
CA VAL A 296 -37.91 22.53 -28.04
C VAL A 296 -39.21 21.78 -28.28
N GLU A 297 -39.63 21.69 -29.54
CA GLU A 297 -40.89 21.04 -29.90
C GLU A 297 -40.59 19.64 -30.38
N THR A 298 -40.90 18.65 -29.55
CA THR A 298 -40.70 17.24 -29.91
C THR A 298 -41.89 16.76 -30.72
N GLY A 299 -41.97 15.44 -30.94
CA GLY A 299 -43.09 14.88 -31.66
C GLY A 299 -44.38 14.80 -30.87
N ALA A 300 -44.31 14.90 -29.54
CA ALA A 300 -45.49 14.80 -28.72
C ALA A 300 -45.56 15.84 -27.60
N TYR A 301 -44.52 16.63 -27.36
CA TYR A 301 -44.53 17.58 -26.25
C TYR A 301 -43.51 18.67 -26.52
N THR A 302 -43.60 19.74 -25.72
CA THR A 302 -42.68 20.88 -25.82
C THR A 302 -42.04 21.10 -24.46
N LEU A 303 -40.73 21.29 -24.44
CA LEU A 303 -39.97 21.52 -23.22
C LEU A 303 -39.39 22.93 -23.23
N SER A 304 -39.37 23.55 -22.05
CA SER A 304 -38.85 24.92 -21.91
C SER A 304 -37.97 25.00 -20.68
N TRP A 305 -36.88 25.76 -20.81
CA TRP A 305 -35.98 25.99 -19.68
C TRP A 305 -35.18 27.26 -19.94
N ALA A 306 -34.77 27.91 -18.85
CA ALA A 306 -34.02 29.15 -18.95
C ALA A 306 -32.62 28.87 -19.51
N SER A 307 -32.12 29.82 -20.30
CA SER A 307 -30.82 29.69 -20.93
C SER A 307 -29.72 30.23 -20.02
N GLU A 308 -28.62 29.50 -19.94
CA GLU A 308 -27.47 29.90 -19.14
C GLU A 308 -26.19 29.48 -19.86
N SER A 309 -25.13 30.25 -19.61
CA SER A 309 -23.84 29.96 -20.24
C SER A 309 -23.16 28.77 -19.57
N LYS A 310 -22.31 28.08 -20.34
CA LYS A 310 -21.56 26.97 -19.79
C LYS A 310 -20.63 27.44 -18.67
N THR A 311 -19.96 28.57 -18.88
CA THR A 311 -19.13 29.15 -17.84
C THR A 311 -19.99 29.90 -16.83
N THR A 312 -19.39 30.18 -15.67
CA THR A 312 -20.03 30.92 -14.58
C THR A 312 -21.24 30.20 -14.02
N ALA A 313 -21.50 28.98 -14.51
CA ALA A 313 -22.60 28.16 -14.01
C ALA A 313 -22.11 26.87 -13.38
N VAL A 314 -21.32 26.08 -14.09
CA VAL A 314 -20.79 24.82 -13.58
C VAL A 314 -19.42 24.58 -14.20
N CYS A 315 -18.42 24.35 -13.35
CA CYS A 315 -17.09 23.99 -13.78
C CYS A 315 -16.58 22.86 -12.89
N PRO A 316 -15.77 21.94 -13.43
CA PRO A 316 -15.42 20.70 -12.72
C PRO A 316 -14.21 20.75 -11.78
N LEU A 317 -14.40 21.39 -10.63
CA LEU A 317 -13.38 21.41 -9.59
C LEU A 317 -14.06 21.67 -8.25
N ALA A 318 -13.96 20.71 -7.34
CA ALA A 318 -14.59 20.80 -6.02
C ALA A 318 -13.56 20.57 -4.93
N LEU A 319 -13.61 21.40 -3.90
CA LEU A 319 -12.66 21.27 -2.79
C LEU A 319 -12.91 19.99 -2.01
N TRP A 320 -11.83 19.32 -1.63
CA TRP A 320 -11.90 18.08 -0.87
C TRP A 320 -11.49 18.25 0.58
N LYS A 321 -10.29 18.80 0.82
CA LYS A 321 -9.79 18.97 2.18
C LYS A 321 -8.83 20.14 2.22
N THR A 322 -8.62 20.66 3.42
CA THR A 322 -7.67 21.75 3.65
C THR A 322 -6.74 21.36 4.79
N PHE A 323 -5.44 21.56 4.58
CA PHE A 323 -4.42 21.24 5.58
C PHE A 323 -3.66 22.50 5.95
N PRO A 324 -3.95 23.10 7.11
CA PRO A 324 -3.22 24.32 7.49
C PRO A 324 -1.74 24.12 7.69
N ARG A 325 -1.28 22.90 7.96
CA ARG A 325 0.13 22.62 8.17
C ARG A 325 0.56 21.53 7.19
N SER A 326 1.60 21.83 6.41
CA SER A 326 2.14 20.87 5.47
C SER A 326 3.61 21.21 5.24
N ILE A 327 4.35 20.22 4.73
CA ILE A 327 5.79 20.36 4.50
C ILE A 327 6.07 20.02 3.05
N GLN A 328 6.84 20.88 2.39
CA GLN A 328 7.25 20.67 1.01
C GLN A 328 8.75 20.37 0.99
N THR A 329 9.11 19.21 0.43
CA THR A 329 10.50 18.79 0.33
C THR A 329 10.85 18.62 -1.14
N THR A 330 11.90 19.30 -1.58
CA THR A 330 12.33 19.19 -2.96
C THR A 330 13.06 17.86 -3.18
N HIS A 331 13.19 17.48 -4.44
CA HIS A 331 13.85 16.23 -4.81
C HIS A 331 14.56 16.44 -6.14
N GLU A 332 14.93 15.33 -6.79
CA GLU A 332 15.65 15.43 -8.06
C GLU A 332 14.82 16.13 -9.13
N ASP A 333 13.59 15.66 -9.35
CA ASP A 333 12.75 16.26 -10.38
C ASP A 333 11.28 16.36 -9.97
N SER A 334 10.98 16.40 -8.68
CA SER A 334 9.59 16.47 -8.24
C SER A 334 9.53 17.02 -6.83
N PHE A 335 8.35 17.51 -6.46
CA PHE A 335 8.09 18.00 -5.12
C PHE A 335 7.39 16.92 -4.29
N HIS A 336 7.27 17.19 -2.99
CA HIS A 336 6.61 16.26 -2.08
C HIS A 336 5.89 17.07 -1.03
N PHE A 337 4.56 17.02 -1.05
CA PHE A 337 3.73 17.70 -0.07
C PHE A 337 3.18 16.67 0.90
N VAL A 338 3.39 16.91 2.19
CA VAL A 338 3.05 15.97 3.25
C VAL A 338 1.79 16.45 3.96
N ALA A 339 0.79 15.57 4.07
CA ALA A 339 -0.44 15.84 4.80
C ALA A 339 -0.60 14.68 5.79
N ASN A 340 -0.10 14.87 7.01
CA ASN A 340 -0.11 13.79 8.00
C ASN A 340 -1.44 13.63 8.70
N GLU A 341 -2.41 14.52 8.46
CA GLU A 341 -3.72 14.34 9.06
C GLU A 341 -4.45 13.13 8.49
N ILE A 342 -4.11 12.70 7.28
CA ILE A 342 -4.71 11.54 6.65
C ILE A 342 -3.60 10.56 6.24
N THR A 343 -2.36 10.89 6.60
CA THR A 343 -1.19 10.07 6.29
C THR A 343 -1.08 9.81 4.79
N ALA A 344 -0.90 10.89 4.04
CA ALA A 344 -0.76 10.81 2.59
C ALA A 344 0.25 11.84 2.13
N THR A 345 0.86 11.57 0.97
CA THR A 345 1.85 12.46 0.37
C THR A 345 1.58 12.58 -1.11
N PHE A 346 1.49 13.81 -1.60
CA PHE A 346 1.22 14.09 -3.00
C PHE A 346 2.48 14.58 -3.70
N THR A 347 2.75 14.03 -4.88
CA THR A 347 3.92 14.38 -5.66
C THR A 347 3.50 15.10 -6.94
N ALA A 348 4.25 16.14 -7.29
CA ALA A 348 3.98 16.94 -8.47
C ALA A 348 5.29 17.25 -9.17
N PRO A 349 5.25 17.51 -10.48
CA PRO A 349 6.48 17.88 -11.19
C PRO A 349 7.02 19.21 -10.70
N LEU A 350 8.34 19.39 -10.87
CA LEU A 350 9.00 20.59 -10.36
C LEU A 350 8.43 21.85 -11.01
N THR A 351 8.17 21.81 -12.31
CA THR A 351 7.61 22.97 -12.98
C THR A 351 6.14 23.16 -12.57
N PRO A 352 5.72 24.40 -12.33
CA PRO A 352 4.30 24.64 -12.00
C PRO A 352 3.41 24.43 -13.22
N VAL A 353 3.05 23.16 -13.47
CA VAL A 353 2.31 22.81 -14.68
C VAL A 353 1.06 23.66 -14.83
N ALA A 354 0.41 24.00 -13.71
CA ALA A 354 -0.76 24.87 -13.75
C ALA A 354 -0.32 26.32 -13.92
N ASN A 355 0.30 26.58 -15.07
CA ASN A 355 0.76 27.92 -15.39
C ASN A 355 -0.37 28.85 -15.83
N PHE A 356 -1.52 28.30 -16.19
CA PHE A 356 -2.66 29.09 -16.63
C PHE A 356 -3.89 28.76 -15.80
N THR A 357 -3.74 28.78 -14.47
CA THR A 357 -4.86 28.48 -13.59
C THR A 357 -5.92 29.58 -13.58
N ASP A 358 -5.78 30.61 -14.41
CA ASP A 358 -6.80 31.65 -14.52
C ASP A 358 -7.96 31.23 -15.41
N THR A 359 -7.81 30.15 -16.17
CA THR A 359 -8.93 29.66 -16.98
C THR A 359 -10.07 29.18 -16.09
N TYR A 360 -9.75 28.53 -14.98
CA TYR A 360 -10.76 28.11 -14.01
C TYR A 360 -11.24 29.34 -13.23
N SER A 361 -12.01 30.20 -13.90
CA SER A 361 -12.40 31.48 -13.31
C SER A 361 -13.34 31.33 -12.13
N CYS A 362 -13.98 30.16 -11.96
CA CYS A 362 -14.91 30.00 -10.84
C CYS A 362 -14.19 30.15 -9.50
N LEU A 363 -13.11 29.40 -9.32
CA LEU A 363 -12.45 29.30 -8.02
C LEU A 363 -11.72 30.57 -7.61
N THR A 364 -11.55 31.53 -8.52
CA THR A 364 -10.84 32.75 -8.16
C THR A 364 -11.54 33.53 -7.06
N SER A 365 -12.83 33.26 -6.83
CA SER A 365 -13.61 33.97 -5.82
C SER A 365 -13.83 33.15 -4.56
N ASP A 366 -13.37 31.90 -4.51
CA ASP A 366 -13.55 31.08 -3.32
C ASP A 366 -12.25 30.58 -2.73
N ILE A 367 -11.26 30.24 -3.57
CA ILE A 367 -9.95 29.89 -3.03
C ILE A 367 -9.36 31.06 -2.29
N ASN A 368 -9.64 32.29 -2.74
CA ASN A 368 -9.19 33.47 -2.03
C ASN A 368 -9.80 33.54 -0.64
N THR A 369 -11.10 33.25 -0.52
CA THR A 369 -11.76 33.28 0.78
C THR A 369 -11.21 32.20 1.70
N THR A 370 -11.04 30.99 1.18
CA THR A 370 -10.51 29.90 2.03
C THR A 370 -9.10 30.21 2.49
N LEU A 371 -8.25 30.71 1.59
CA LEU A 371 -6.89 31.08 1.96
C LEU A 371 -6.89 32.21 2.98
N ASN A 372 -7.77 33.20 2.80
CA ASN A 372 -7.87 34.30 3.75
C ASN A 372 -8.26 33.78 5.14
N ALA A 373 -9.24 32.89 5.20
CA ALA A 373 -9.67 32.35 6.48
C ALA A 373 -8.54 31.56 7.14
N SER A 374 -7.88 30.69 6.37
CA SER A 374 -6.81 29.87 6.93
C SER A 374 -5.65 30.72 7.42
N LYS A 375 -5.25 31.72 6.64
CA LYS A 375 -4.14 32.57 7.06
C LYS A 375 -4.53 33.47 8.22
N ALA A 376 -5.80 33.88 8.31
CA ALA A 376 -6.25 34.63 9.47
C ALA A 376 -6.17 33.76 10.73
N LYS A 377 -6.55 32.48 10.60
CA LYS A 377 -6.44 31.58 11.74
C LYS A 377 -4.99 31.35 12.14
N LEU A 378 -4.10 31.21 11.16
CA LEU A 378 -2.70 30.90 11.43
C LEU A 378 -1.84 32.14 11.64
N ALA A 379 -2.41 33.35 11.57
CA ALA A 379 -1.62 34.56 11.74
C ALA A 379 -1.01 34.70 13.13
N SER A 380 -1.46 33.90 14.10
CA SER A 380 -0.89 33.99 15.45
C SER A 380 0.59 33.67 15.45
N THR A 381 1.01 32.64 14.69
CA THR A 381 2.39 32.20 14.70
C THR A 381 2.96 31.99 13.30
N HIS A 382 2.33 32.52 12.26
CA HIS A 382 2.83 32.34 10.90
C HIS A 382 2.44 33.52 10.03
N VAL A 383 3.28 33.78 9.03
CA VAL A 383 3.03 34.86 8.07
C VAL A 383 3.41 34.38 6.67
N PRO A 384 2.75 34.93 5.65
CA PRO A 384 3.08 34.53 4.27
C PRO A 384 4.50 34.93 3.91
N ASN A 385 5.11 34.13 3.05
CA ASN A 385 6.48 34.36 2.61
C ASN A 385 6.64 34.51 1.10
N GLY A 386 5.65 34.10 0.31
CA GLY A 386 5.76 34.20 -1.14
C GLY A 386 4.41 34.17 -1.80
N THR A 387 4.43 34.23 -3.12
CA THR A 387 3.21 34.22 -3.91
C THR A 387 2.64 32.80 -4.01
N VAL A 388 1.34 32.74 -4.27
CA VAL A 388 0.66 31.44 -4.37
C VAL A 388 1.11 30.72 -5.64
N GLN A 389 1.04 29.40 -5.60
CA GLN A 389 1.39 28.56 -6.73
C GLN A 389 0.37 27.44 -6.88
N TYR A 390 0.21 26.96 -8.11
CA TYR A 390 -0.72 25.88 -8.41
C TYR A 390 0.01 24.75 -9.10
N PHE A 391 -0.20 23.53 -8.63
CA PHE A 391 0.44 22.34 -9.17
C PHE A 391 -0.62 21.37 -9.68
N HIS A 392 -0.16 20.26 -10.25
CA HIS A 392 -1.04 19.24 -10.81
C HIS A 392 -0.38 17.88 -10.63
N THR A 393 -0.91 17.08 -9.70
CA THR A 393 -0.33 15.77 -9.42
C THR A 393 -0.62 14.80 -10.57
N THR A 394 0.03 13.64 -10.51
CA THR A 394 -0.14 12.64 -11.55
C THR A 394 -1.49 11.94 -11.44
N GLY A 395 -2.09 11.92 -10.25
CA GLY A 395 -3.35 11.25 -10.06
C GLY A 395 -4.57 12.00 -10.55
N GLY A 396 -4.40 13.23 -11.01
CA GLY A 396 -5.50 14.03 -11.50
C GLY A 396 -6.03 15.05 -10.53
N LEU A 397 -5.42 15.19 -9.35
CA LEU A 397 -5.86 16.16 -8.36
C LEU A 397 -5.02 17.42 -8.48
N TYR A 398 -5.65 18.57 -8.20
CA TYR A 398 -4.98 19.85 -8.27
C TYR A 398 -4.65 20.35 -6.87
N LEU A 399 -3.43 20.85 -6.70
CA LEU A 399 -2.95 21.33 -5.42
C LEU A 399 -2.73 22.85 -5.48
N VAL A 400 -3.02 23.51 -4.36
CA VAL A 400 -2.78 24.94 -4.21
C VAL A 400 -1.81 25.11 -3.06
N TRP A 401 -0.68 25.75 -3.32
CA TRP A 401 0.39 25.90 -2.34
C TRP A 401 0.58 27.38 -2.01
N GLN A 402 0.64 27.69 -0.72
CA GLN A 402 0.87 29.05 -0.25
C GLN A 402 1.87 29.00 0.87
N PRO A 403 3.17 29.16 0.57
CA PRO A 403 4.19 29.03 1.61
C PRO A 403 4.01 30.06 2.71
N MET A 404 4.28 29.63 3.95
CA MET A 404 4.19 30.47 5.12
C MET A 404 5.45 30.31 5.95
N SER A 405 5.95 31.42 6.49
CA SER A 405 7.16 31.43 7.28
C SER A 405 6.84 31.71 8.74
N ALA A 406 7.49 30.96 9.64
CA ALA A 406 7.29 31.17 11.06
C ALA A 406 7.83 32.52 11.49
N ILE A 407 7.20 33.11 12.51
CA ILE A 407 7.57 34.42 13.01
C ILE A 407 8.46 34.24 14.24
N ASN A 408 9.59 34.95 14.25
CA ASN A 408 10.50 34.88 15.38
C ASN A 408 9.85 35.51 16.62
N LEU A 409 10.17 34.95 17.79
CA LEU A 409 9.61 35.47 19.03
C LEU A 409 10.07 36.89 19.29
N THR A 410 11.36 37.18 19.04
CA THR A 410 11.89 38.52 19.24
C THR A 410 11.84 39.33 17.96
N ASP A 454 -11.16 6.54 -5.85
CA ASP A 454 -10.84 5.80 -4.64
C ASP A 454 -9.39 5.31 -4.69
N ASN A 455 -8.76 5.47 -5.85
CA ASN A 455 -7.37 5.04 -6.04
C ASN A 455 -6.44 6.05 -5.39
N LEU A 456 -6.30 5.93 -4.06
CA LEU A 456 -5.44 6.81 -3.29
C LEU A 456 -4.45 6.05 -2.43
N SER A 457 -4.30 4.74 -2.64
CA SER A 457 -3.39 3.96 -1.81
C SER A 457 -1.94 4.32 -2.04
N TYR A 458 -1.57 4.71 -3.26
CA TYR A 458 -0.18 5.02 -3.55
C TYR A 458 0.31 6.22 -2.76
N THR A 459 -0.58 7.15 -2.42
CA THR A 459 -0.17 8.28 -1.57
C THR A 459 0.24 7.80 -0.19
N GLN A 460 -0.56 6.91 0.40
CA GLN A 460 -0.20 6.36 1.71
C GLN A 460 1.08 5.55 1.63
N LEU A 461 1.26 4.80 0.54
CA LEU A 461 2.49 4.04 0.36
C LEU A 461 3.69 4.97 0.30
N GLN A 462 3.56 6.08 -0.43
CA GLN A 462 4.64 7.05 -0.52
C GLN A 462 4.94 7.66 0.84
N PHE A 463 3.90 7.97 1.61
CA PHE A 463 4.09 8.53 2.95
C PHE A 463 4.88 7.56 3.85
N ALA A 464 4.47 6.29 3.86
CA ALA A 464 5.16 5.30 4.68
C ALA A 464 6.60 5.12 4.23
N TYR A 465 6.82 5.06 2.93
CA TYR A 465 8.18 4.89 2.41
C TYR A 465 9.06 6.07 2.81
N ASP A 466 8.54 7.29 2.70
CA ASP A 466 9.31 8.46 3.06
C ASP A 466 9.65 8.46 4.55
N LYS A 467 8.68 8.11 5.40
CA LYS A 467 8.94 8.06 6.83
C LYS A 467 10.04 7.05 7.16
N LEU A 468 9.94 5.84 6.60
CA LEU A 468 10.94 4.82 6.87
C LEU A 468 12.31 5.24 6.38
N ARG A 469 12.38 5.80 5.17
CA ARG A 469 13.66 6.23 4.62
C ARG A 469 14.30 7.32 5.49
N ASP A 470 13.50 8.28 5.94
CA ASP A 470 14.04 9.34 6.79
C ASP A 470 14.59 8.78 8.10
N GLY A 471 13.84 7.85 8.73
CA GLY A 471 14.32 7.26 9.96
C GLY A 471 15.62 6.51 9.78
N ILE A 472 15.70 5.71 8.71
CA ILE A 472 16.91 4.93 8.45
C ILE A 472 18.10 5.86 8.19
N ASN A 473 17.88 6.92 7.42
CA ASN A 473 18.97 7.85 7.12
C ASN A 473 19.48 8.53 8.38
N GLN A 474 18.56 8.95 9.26
CA GLN A 474 18.98 9.57 10.51
C GLN A 474 19.80 8.61 11.37
N VAL A 475 19.35 7.36 11.45
CA VAL A 475 20.10 6.36 12.22
C VAL A 475 21.49 6.17 11.65
N LEU A 476 21.59 6.10 10.31
CA LEU A 476 22.89 5.94 9.68
C LEU A 476 23.81 7.12 9.96
N GLU A 477 23.26 8.34 9.94
CA GLU A 477 24.08 9.51 10.21
C GLU A 477 24.63 9.48 11.65
N GLU A 478 23.77 9.14 12.61
CA GLU A 478 24.24 9.05 13.99
C GLU A 478 25.32 7.98 14.15
N LEU A 479 25.12 6.82 13.51
CA LEU A 479 26.11 5.76 13.59
C LEU A 479 27.44 6.21 12.99
N SER A 480 27.40 6.93 11.86
CA SER A 480 28.63 7.40 11.24
C SER A 480 29.37 8.37 12.15
N ARG A 481 28.64 9.28 12.80
CA ARG A 481 29.29 10.22 13.71
C ARG A 481 29.96 9.50 14.87
N ALA A 482 29.26 8.52 15.46
CA ALA A 482 29.86 7.77 16.55
C ALA A 482 31.10 7.01 16.08
N TRP A 483 31.05 6.43 14.88
CA TRP A 483 32.19 5.70 14.35
C TRP A 483 33.37 6.64 14.13
N CYS A 484 33.12 7.86 13.65
CA CYS A 484 34.22 8.81 13.47
C CYS A 484 34.88 9.15 14.80
N ARG A 485 34.07 9.38 15.83
CA ARG A 485 34.66 9.66 17.15
C ARG A 485 35.50 8.49 17.63
N GLU A 486 34.99 7.27 17.47
CA GLU A 486 35.74 6.09 17.91
C GLU A 486 37.04 5.96 17.13
N GLN A 487 37.01 6.23 15.83
CA GLN A 487 38.22 6.13 15.02
C GLN A 487 39.27 7.15 15.45
N VAL A 488 38.83 8.37 15.79
CA VAL A 488 39.77 9.39 16.27
C VAL A 488 40.44 8.92 17.55
N ARG A 489 39.63 8.41 18.49
CA ARG A 489 40.21 7.93 19.75
C ARG A 489 41.17 6.76 19.50
N ASP A 490 40.80 5.87 18.58
CA ASP A 490 41.65 4.72 18.26
C ASP A 490 42.99 5.19 17.70
N ASN A 491 42.96 6.18 16.80
CA ASN A 491 44.21 6.71 16.25
C ASN A 491 45.08 7.33 17.33
N LEU A 492 44.45 8.04 18.27
CA LEU A 492 45.23 8.61 19.38
C LEU A 492 45.89 7.52 20.21
N MET A 493 45.15 6.43 20.48
CA MET A 493 45.73 5.32 21.23
C MET A 493 46.87 4.67 20.46
N TRP A 494 46.73 4.56 19.13
CA TRP A 494 47.80 4.02 18.32
C TRP A 494 49.06 4.87 18.41
N TYR A 495 48.90 6.20 18.33
CA TYR A 495 50.05 7.08 18.45
C TYR A 495 50.71 6.93 19.82
N GLU A 496 49.90 6.84 20.88
CA GLU A 496 50.45 6.65 22.21
C GLU A 496 51.24 5.34 22.31
N LEU A 497 50.70 4.27 21.71
CA LEU A 497 51.37 2.98 21.75
C LEU A 497 52.67 2.99 20.93
N SER A 498 52.74 3.82 19.89
CA SER A 498 53.90 3.84 19.01
C SER A 498 55.17 4.32 19.70
N LYS A 499 55.08 4.92 20.89
CA LYS A 499 56.26 5.48 21.55
C LYS A 499 57.20 4.42 22.10
N ILE A 500 56.80 3.15 22.14
CA ILE A 500 57.66 2.11 22.69
C ILE A 500 58.55 1.53 21.60
N ASN A 501 57.94 0.96 20.58
CA ASN A 501 58.69 0.39 19.47
C ASN A 501 57.95 0.63 18.16
N PRO A 502 58.42 1.57 17.33
CA PRO A 502 57.70 1.89 16.09
C PRO A 502 57.61 0.73 15.11
N THR A 503 58.52 -0.25 15.18
CA THR A 503 58.50 -1.35 14.23
C THR A 503 57.21 -2.14 14.30
N SER A 504 56.75 -2.45 15.52
CA SER A 504 55.52 -3.21 15.68
C SER A 504 54.33 -2.45 15.15
N VAL A 505 54.24 -1.15 15.45
CA VAL A 505 53.10 -0.35 14.99
C VAL A 505 53.11 -0.25 13.47
N MET A 506 54.28 -0.02 12.87
CA MET A 506 54.36 0.08 11.42
C MET A 506 53.98 -1.24 10.76
N THR A 507 54.46 -2.36 11.31
CA THR A 507 54.09 -3.66 10.74
C THR A 507 52.61 -3.97 10.96
N ALA A 508 52.01 -3.38 11.99
CA ALA A 508 50.57 -3.57 12.19
C ALA A 508 49.75 -2.75 11.19
N ILE A 509 50.17 -1.51 10.93
CA ILE A 509 49.42 -0.66 10.02
C ILE A 509 49.56 -1.15 8.58
N TYR A 510 50.78 -1.45 8.16
CA TYR A 510 51.05 -1.94 6.81
C TYR A 510 51.20 -3.45 6.84
N GLY A 511 50.49 -4.13 5.95
CA GLY A 511 50.57 -5.58 5.89
C GLY A 511 51.98 -6.07 5.60
N ARG A 512 52.69 -5.38 4.72
CA ARG A 512 54.04 -5.77 4.38
C ARG A 512 54.99 -5.44 5.53
N PRO A 513 55.80 -6.40 5.99
CA PRO A 513 56.77 -6.10 7.06
C PRO A 513 57.75 -5.02 6.62
N VAL A 514 58.08 -4.13 7.55
CA VAL A 514 59.00 -3.03 7.32
C VAL A 514 59.90 -2.88 8.54
N SER A 515 60.83 -1.93 8.45
CA SER A 515 61.72 -1.59 9.55
C SER A 515 61.66 -0.09 9.77
N ALA A 516 61.48 0.32 11.02
CA ALA A 516 61.32 1.73 11.34
C ALA A 516 62.11 2.08 12.59
N LYS A 517 62.47 3.35 12.70
CA LYS A 517 63.26 3.83 13.87
C LYS A 517 62.95 5.32 14.08
N PHE A 518 62.65 5.72 15.31
CA PHE A 518 62.24 7.13 15.57
C PHE A 518 63.33 8.09 15.12
N VAL A 519 62.95 9.10 14.33
CA VAL A 519 63.96 10.13 13.93
C VAL A 519 63.52 11.46 14.54
N GLY A 520 64.07 11.81 15.71
CA GLY A 520 63.60 13.03 16.40
C GLY A 520 62.12 12.94 16.68
N ASP A 521 61.36 13.99 16.38
CA ASP A 521 59.88 13.94 16.56
C ASP A 521 59.29 12.97 15.54
N ALA A 522 59.82 12.97 14.30
CA ALA A 522 59.28 12.10 13.24
C ALA A 522 59.92 10.72 13.29
N ILE A 523 59.70 9.89 12.26
CA ILE A 523 60.30 8.52 12.21
C ILE A 523 60.71 8.23 10.75
N SER A 524 61.65 7.31 10.55
CA SER A 524 62.05 6.93 9.17
C SER A 524 61.82 5.42 8.96
N VAL A 525 60.97 5.06 8.00
CA VAL A 525 60.70 3.65 7.72
C VAL A 525 61.40 3.26 6.42
N THR A 526 62.08 2.13 6.45
CA THR A 526 62.77 1.58 5.28
C THR A 526 62.14 0.23 4.92
N GLU A 527 62.69 -0.40 3.88
CA GLU A 527 62.21 -1.69 3.44
C GLU A 527 63.01 -2.81 4.10
N CYS A 528 62.64 -4.05 3.80
CA CYS A 528 63.32 -5.21 4.37
C CYS A 528 63.79 -6.13 3.25
N ILE A 529 64.87 -6.84 3.52
CA ILE A 529 65.55 -7.68 2.53
C ILE A 529 65.62 -9.09 3.07
N ASN A 530 65.27 -10.06 2.22
CA ASN A 530 65.31 -11.47 2.60
C ASN A 530 66.72 -12.02 2.44
N VAL A 531 66.87 -13.32 2.70
CA VAL A 531 68.14 -14.03 2.58
C VAL A 531 67.87 -15.37 1.91
N ASP A 532 68.93 -16.17 1.79
CA ASP A 532 68.83 -17.50 1.19
C ASP A 532 68.04 -18.41 2.13
N GLN A 533 66.86 -18.85 1.68
CA GLN A 533 66.01 -19.69 2.52
C GLN A 533 66.67 -21.03 2.81
N SER A 534 67.34 -21.62 1.82
CA SER A 534 67.99 -22.91 2.04
C SER A 534 69.13 -22.80 3.04
N SER A 535 69.90 -21.71 2.98
CA SER A 535 71.05 -21.52 3.85
C SER A 535 70.56 -20.98 5.20
N VAL A 536 70.09 -21.91 6.04
CA VAL A 536 69.65 -21.59 7.39
C VAL A 536 70.15 -22.67 8.33
N ASN A 537 70.59 -22.26 9.52
CA ASN A 537 71.09 -23.21 10.52
C ASN A 537 70.80 -22.65 11.90
N ILE A 538 70.10 -23.43 12.72
CA ILE A 538 69.73 -23.04 14.08
C ILE A 538 70.41 -23.99 15.05
N HIS A 539 71.17 -23.45 15.99
CA HIS A 539 71.87 -24.26 16.97
C HIS A 539 70.87 -24.93 17.91
N LYS A 540 71.12 -26.19 18.24
CA LYS A 540 70.23 -26.96 19.11
C LYS A 540 70.37 -26.58 20.57
N SER A 541 71.37 -25.79 20.94
CA SER A 541 71.60 -25.40 22.32
C SER A 541 71.72 -23.89 22.40
N LEU A 542 70.90 -23.27 23.26
CA LEU A 542 71.00 -21.83 23.50
C LEU A 542 71.88 -21.51 24.70
N ARG A 543 72.45 -22.52 25.36
CA ARG A 543 73.35 -22.29 26.47
C ARG A 543 74.72 -21.87 25.93
N THR A 544 75.11 -20.64 26.23
CA THR A 544 76.38 -20.10 25.77
C THR A 544 77.48 -20.38 26.80
N ASN A 545 78.64 -19.74 26.63
CA ASN A 545 79.75 -19.93 27.54
C ASN A 545 79.41 -19.37 28.92
N SER A 546 80.34 -19.57 29.86
CA SER A 546 80.20 -19.12 31.25
C SER A 546 78.96 -19.78 31.85
N LYS A 547 78.31 -19.10 32.80
CA LYS A 547 77.12 -19.64 33.44
C LYS A 547 76.17 -18.50 33.77
N ASP A 548 74.88 -18.83 33.83
CA ASP A 548 73.82 -17.88 34.16
C ASP A 548 73.77 -16.71 33.18
N VAL A 549 74.24 -16.93 31.95
CA VAL A 549 74.23 -15.89 30.93
C VAL A 549 73.65 -16.48 29.64
N CYS A 550 72.85 -17.54 29.80
CA CYS A 550 72.30 -18.26 28.65
C CYS A 550 71.49 -17.34 27.75
N TYR A 551 71.53 -17.62 26.45
CA TYR A 551 70.86 -16.79 25.47
C TYR A 551 69.34 -16.85 25.67
N ALA A 552 68.69 -15.69 25.50
CA ALA A 552 67.24 -15.64 25.60
C ALA A 552 66.58 -16.28 24.38
N ARG A 553 67.19 -16.12 23.21
CA ARG A 553 66.69 -16.68 21.97
C ARG A 553 67.82 -17.46 21.28
N PRO A 554 67.47 -18.49 20.51
CA PRO A 554 68.52 -19.29 19.85
C PRO A 554 69.26 -18.48 18.81
N LEU A 555 70.54 -18.81 18.65
CA LEU A 555 71.37 -18.17 17.64
C LEU A 555 71.16 -18.85 16.29
N VAL A 556 71.27 -18.06 15.23
CA VAL A 556 71.06 -18.56 13.87
C VAL A 556 72.22 -18.13 12.99
N THR A 557 72.45 -18.90 11.94
CA THR A 557 73.49 -18.61 10.95
C THR A 557 72.91 -18.80 9.56
N PHE A 558 73.27 -17.89 8.65
CA PHE A 558 72.72 -17.92 7.30
C PHE A 558 73.67 -17.22 6.35
N LYS A 559 73.34 -17.28 5.07
CA LYS A 559 74.09 -16.63 4.01
C LYS A 559 73.24 -15.52 3.40
N PHE A 560 73.90 -14.40 3.05
CA PHE A 560 73.21 -13.22 2.55
C PHE A 560 72.75 -13.44 1.11
N LEU A 561 71.79 -14.36 0.95
CA LEU A 561 71.16 -14.65 -0.34
C LEU A 561 72.18 -14.99 -1.42
N ASN A 562 72.26 -14.15 -2.45
CA ASN A 562 73.15 -14.38 -3.58
C ASN A 562 74.57 -13.90 -3.23
N SER A 563 75.18 -14.61 -2.29
CA SER A 563 76.53 -14.30 -1.87
C SER A 563 77.12 -15.54 -1.19
N SER A 564 78.44 -15.55 -1.07
CA SER A 564 79.17 -16.63 -0.43
C SER A 564 79.79 -16.07 0.85
N ASN A 565 79.01 -16.08 1.92
CA ASN A 565 79.48 -15.57 3.21
C ASN A 565 78.59 -16.14 4.30
N LEU A 566 79.07 -16.08 5.54
CA LEU A 566 78.35 -16.58 6.69
C LEU A 566 78.29 -15.50 7.77
N PHE A 567 77.13 -15.38 8.41
CA PHE A 567 76.95 -14.45 9.50
C PHE A 567 76.17 -15.13 10.62
N THR A 568 76.36 -14.63 11.84
CA THR A 568 75.70 -15.17 13.02
C THR A 568 74.71 -14.15 13.56
N GLY A 569 73.45 -14.57 13.71
CA GLY A 569 72.41 -13.71 14.21
C GLY A 569 71.52 -14.44 15.21
N GLN A 570 70.60 -13.68 15.78
CA GLN A 570 69.66 -14.19 16.76
C GLN A 570 68.25 -14.16 16.19
N LEU A 571 67.53 -15.27 16.33
CA LEU A 571 66.16 -15.35 15.82
C LEU A 571 65.24 -14.45 16.64
N GLY A 572 64.42 -13.66 15.94
CA GLY A 572 63.49 -12.78 16.60
C GLY A 572 62.08 -13.31 16.59
N ALA A 573 61.17 -12.58 15.95
CA ALA A 573 59.77 -12.99 15.84
C ALA A 573 59.32 -12.85 14.39
N ARG A 574 58.34 -13.66 14.01
CA ARG A 574 57.80 -13.69 12.65
C ARG A 574 58.91 -13.88 11.61
N ASN A 575 59.84 -14.78 11.94
CA ASN A 575 60.98 -15.10 11.07
C ASN A 575 61.79 -13.85 10.76
N GLU A 576 62.35 -13.25 11.81
CA GLU A 576 63.19 -12.07 11.70
C GLU A 576 64.52 -12.34 12.36
N ILE A 577 65.58 -11.76 11.79
CA ILE A 577 66.95 -11.96 12.27
C ILE A 577 67.48 -10.63 12.78
N ILE A 578 68.20 -10.69 13.90
CA ILE A 578 68.82 -9.52 14.52
C ILE A 578 70.32 -9.74 14.53
N LEU A 579 71.07 -8.77 14.01
CA LEU A 579 72.52 -8.92 13.94
C LEU A 579 73.15 -8.94 15.33
N THR A 580 72.73 -8.04 16.21
CA THR A 580 73.31 -7.95 17.54
C THR A 580 72.71 -9.02 18.45
N ASN A 581 73.57 -9.88 19.00
CA ASN A 581 73.14 -10.98 19.86
C ASN A 581 73.34 -10.60 21.33
N ASN A 582 72.50 -9.69 21.79
CA ASN A 582 72.55 -9.22 23.17
C ASN A 582 71.47 -9.82 24.05
N GLN A 583 70.67 -10.75 23.53
CA GLN A 583 69.58 -11.35 24.30
C GLN A 583 70.16 -12.45 25.18
N VAL A 584 70.38 -12.11 26.45
CA VAL A 584 70.90 -13.05 27.43
C VAL A 584 70.06 -12.97 28.69
N GLU A 585 70.09 -14.05 29.47
CA GLU A 585 69.31 -14.11 30.70
C GLU A 585 69.98 -15.10 31.66
N THR A 586 69.61 -14.99 32.93
CA THR A 586 70.16 -15.89 33.94
C THR A 586 69.60 -17.29 33.77
N CYS A 587 70.47 -18.29 33.93
CA CYS A 587 70.05 -19.68 33.81
C CYS A 587 69.11 -20.06 34.94
N LYS A 588 68.02 -20.75 34.59
CA LYS A 588 67.03 -21.18 35.55
C LYS A 588 66.80 -22.68 35.40
N ASP A 589 66.68 -23.37 36.53
CA ASP A 589 66.45 -24.81 36.50
C ASP A 589 65.09 -25.14 35.90
N THR A 590 65.04 -26.23 35.14
CA THR A 590 63.81 -26.70 34.48
C THR A 590 63.20 -25.60 33.61
N CYS A 591 64.05 -24.87 32.88
CA CYS A 591 63.57 -23.81 32.01
C CYS A 591 62.80 -24.38 30.84
N GLU A 592 61.67 -23.77 30.49
CA GLU A 592 60.97 -24.26 29.28
C GLU A 592 60.93 -23.10 28.27
N HIS A 593 61.08 -23.40 26.99
CA HIS A 593 60.96 -22.31 25.99
C HIS A 593 60.41 -22.86 24.68
N TYR A 594 59.24 -22.39 24.25
CA TYR A 594 58.73 -22.78 22.93
C TYR A 594 59.01 -21.59 22.00
N PHE A 595 59.30 -21.84 20.72
CA PHE A 595 59.50 -20.75 19.75
C PHE A 595 58.72 -21.07 18.48
N ILE A 596 58.36 -20.05 17.69
CA ILE A 596 57.51 -20.30 16.50
C ILE A 596 58.31 -20.08 15.22
N THR A 597 57.98 -20.79 14.14
CA THR A 597 58.70 -20.69 12.87
C THR A 597 57.77 -21.24 11.78
N ARG A 598 56.99 -20.34 11.16
CA ARG A 598 56.06 -20.68 10.08
C ARG A 598 55.12 -21.77 10.57
N ASN A 599 55.11 -22.96 9.99
CA ASN A 599 54.20 -24.03 10.36
C ASN A 599 54.80 -25.02 11.35
N GLU A 600 56.02 -24.79 11.81
CA GLU A 600 56.68 -25.69 12.76
C GLU A 600 57.11 -24.90 13.99
N THR A 601 57.28 -25.64 15.10
CA THR A 601 57.63 -25.05 16.38
C THR A 601 58.80 -25.80 16.99
N LEU A 602 59.48 -25.13 17.91
CA LEU A 602 60.63 -25.69 18.61
C LEU A 602 60.34 -25.72 20.10
N VAL A 603 60.76 -26.80 20.76
CA VAL A 603 60.55 -27.00 22.19
C VAL A 603 61.90 -27.21 22.85
N TYR A 604 62.13 -26.52 23.97
CA TYR A 604 63.38 -26.60 24.73
C TYR A 604 63.03 -26.91 26.19
N LYS A 605 62.91 -28.20 26.51
CA LYS A 605 62.67 -28.61 27.88
C LYS A 605 63.84 -28.28 28.81
N ASP A 606 65.03 -28.10 28.25
CA ASP A 606 66.22 -27.76 29.02
C ASP A 606 67.02 -26.76 28.20
N TYR A 607 68.27 -26.54 28.57
CA TYR A 607 69.13 -25.62 27.84
C TYR A 607 69.41 -26.07 26.41
N ALA A 608 68.94 -27.25 26.01
CA ALA A 608 69.14 -27.75 24.66
C ALA A 608 68.09 -28.82 24.38
N TYR A 609 67.35 -28.66 23.29
CA TYR A 609 66.34 -29.63 22.89
C TYR A 609 65.89 -29.29 21.48
N LEU A 610 65.38 -30.30 20.77
CA LEU A 610 64.90 -30.15 19.41
C LEU A 610 63.62 -30.94 19.21
N ARG A 611 62.69 -30.87 20.17
CA ARG A 611 61.41 -31.56 20.07
C ARG A 611 60.50 -30.76 19.14
N THR A 612 60.74 -30.89 17.84
CA THR A 612 59.96 -30.17 16.86
C THR A 612 58.56 -30.75 16.75
N ILE A 613 57.54 -29.91 16.91
CA ILE A 613 56.14 -30.32 16.82
C ILE A 613 55.40 -29.30 15.96
N ASN A 614 54.17 -29.66 15.60
CA ASN A 614 53.34 -28.79 14.78
C ASN A 614 52.96 -27.53 15.53
N THR A 615 52.80 -26.43 14.79
CA THR A 615 52.45 -25.15 15.40
C THR A 615 51.03 -25.18 15.96
N THR A 616 50.11 -25.86 15.28
CA THR A 616 48.71 -25.89 15.70
C THR A 616 48.50 -26.67 16.99
N ASP A 617 49.50 -27.38 17.49
CA ASP A 617 49.33 -28.17 18.71
C ASP A 617 49.00 -27.30 19.90
N ILE A 618 49.46 -26.06 19.92
CA ILE A 618 49.18 -25.13 21.01
C ILE A 618 47.89 -24.39 20.71
N SER A 619 47.03 -24.26 21.72
CA SER A 619 45.75 -23.60 21.55
C SER A 619 45.94 -22.12 21.22
N THR A 620 45.04 -21.60 20.40
CA THR A 620 45.08 -20.20 19.96
C THR A 620 43.89 -19.47 20.57
N LEU A 621 44.17 -18.53 21.45
CA LEU A 621 43.11 -17.73 22.06
C LEU A 621 42.58 -16.72 21.05
N ASN A 622 41.33 -16.32 21.23
CA ASN A 622 40.66 -15.39 20.33
C ASN A 622 40.14 -14.19 21.10
N THR A 623 40.18 -13.03 20.46
CA THR A 623 39.66 -11.78 21.01
C THR A 623 38.74 -11.18 19.94
N PHE A 624 37.49 -11.62 19.95
CA PHE A 624 36.52 -11.17 18.95
C PHE A 624 35.20 -10.88 19.63
N ILE A 625 34.55 -9.80 19.21
CA ILE A 625 33.22 -9.44 19.67
C ILE A 625 32.28 -9.70 18.50
N ALA A 626 31.64 -10.87 18.50
CA ALA A 626 30.80 -11.26 17.38
C ALA A 626 29.59 -10.34 17.25
N LEU A 627 29.28 -9.98 16.02
CA LEU A 627 28.12 -9.15 15.69
C LEU A 627 27.09 -10.07 15.05
N ASN A 628 26.26 -10.69 15.90
CA ASN A 628 25.25 -11.64 15.43
C ASN A 628 24.04 -10.87 14.89
N LEU A 629 24.29 -10.16 13.79
CA LEU A 629 23.23 -9.40 13.14
C LEU A 629 22.21 -10.33 12.52
N SER A 630 20.94 -9.93 12.59
CA SER A 630 19.85 -10.68 12.01
C SER A 630 19.30 -9.91 10.81
N PHE A 631 19.29 -10.56 9.65
CA PHE A 631 18.83 -9.90 8.44
C PHE A 631 17.32 -9.76 8.45
N ILE A 632 16.77 -9.22 7.37
CA ILE A 632 15.35 -8.96 7.24
C ILE A 632 14.75 -10.00 6.31
N GLN A 633 13.81 -10.78 6.82
CA GLN A 633 13.14 -11.79 6.01
C GLN A 633 12.23 -11.13 4.99
N ASN A 634 12.08 -11.79 3.84
CA ASN A 634 11.25 -11.30 2.76
C ASN A 634 10.00 -12.16 2.66
N ILE A 635 8.83 -11.52 2.67
CA ILE A 635 7.55 -12.22 2.65
C ILE A 635 6.81 -11.88 1.36
N ASP A 636 5.67 -12.54 1.18
CA ASP A 636 4.83 -12.35 0.01
C ASP A 636 3.46 -11.84 0.43
N PHE A 637 2.94 -10.90 -0.35
CA PHE A 637 1.61 -10.33 -0.09
C PHE A 637 0.60 -10.95 -1.04
N LYS A 638 -0.61 -11.19 -0.53
CA LYS A 638 -1.68 -11.81 -1.29
C LYS A 638 -2.88 -10.89 -1.34
N ALA A 639 -3.52 -10.83 -2.50
CA ALA A 639 -4.71 -10.00 -2.66
C ALA A 639 -5.87 -10.57 -1.87
N ILE A 640 -6.63 -9.68 -1.23
CA ILE A 640 -7.78 -10.06 -0.42
C ILE A 640 -8.98 -9.26 -0.89
N GLU A 641 -10.10 -9.94 -1.10
CA GLU A 641 -11.35 -9.31 -1.52
C GLU A 641 -12.36 -9.42 -0.39
N LEU A 642 -12.91 -8.28 0.02
CA LEU A 642 -13.86 -8.28 1.13
C LEU A 642 -15.15 -8.99 0.76
N TYR A 643 -15.73 -8.65 -0.38
CA TYR A 643 -16.99 -9.23 -0.84
C TYR A 643 -16.75 -10.06 -2.09
N SER A 644 -17.24 -11.29 -2.08
CA SER A 644 -17.09 -12.15 -3.24
C SER A 644 -18.03 -11.70 -4.36
N SER A 645 -17.83 -12.27 -5.54
CA SER A 645 -18.66 -11.91 -6.69
C SER A 645 -20.11 -12.32 -6.48
N ALA A 646 -20.36 -13.38 -5.71
CA ALA A 646 -21.73 -13.81 -5.45
C ALA A 646 -22.51 -12.74 -4.70
N GLU A 647 -21.90 -12.13 -3.69
CA GLU A 647 -22.57 -11.06 -2.96
C GLU A 647 -22.79 -9.84 -3.85
N LYS A 648 -21.82 -9.53 -4.71
CA LYS A 648 -21.99 -8.40 -5.63
C LYS A 648 -23.16 -8.64 -6.57
N ARG A 649 -23.29 -9.87 -7.09
CA ARG A 649 -24.44 -10.19 -7.94
C ARG A 649 -25.74 -10.12 -7.15
N LEU A 650 -25.74 -10.64 -5.92
CA LEU A 650 -26.94 -10.59 -5.10
C LEU A 650 -27.34 -9.16 -4.73
N ALA A 651 -26.40 -8.23 -4.76
CA ALA A 651 -26.74 -6.83 -4.48
C ALA A 651 -27.74 -6.31 -5.51
N SER A 652 -27.50 -6.61 -6.79
CA SER A 652 -28.39 -6.24 -7.90
C SER A 652 -28.57 -4.72 -7.88
N SER A 653 -29.80 -4.21 -7.90
CA SER A 653 -30.04 -2.78 -7.90
C SER A 653 -30.95 -2.38 -6.73
N GLU B 53 56.46 33.33 41.94
CA GLU B 53 56.82 32.33 40.95
C GLU B 53 56.26 32.69 39.57
N ALA B 54 55.65 31.72 38.91
CA ALA B 54 55.05 31.91 37.59
C ALA B 54 53.54 31.76 37.69
N SER B 55 52.83 32.71 37.07
CA SER B 55 51.38 32.69 37.07
C SER B 55 50.87 33.37 35.81
N GLY B 56 49.61 33.10 35.48
CA GLY B 56 48.99 33.69 34.31
C GLY B 56 47.82 32.86 33.80
N PRO B 57 47.44 33.08 32.55
CA PRO B 57 46.31 32.35 31.98
C PRO B 57 46.62 30.86 31.82
N LYS B 58 45.57 30.06 31.91
CA LYS B 58 45.68 28.61 31.76
C LYS B 58 45.54 28.22 30.30
N SER B 59 46.39 27.29 29.86
CA SER B 59 46.36 26.85 28.47
C SER B 59 45.05 26.14 28.14
N VAL B 60 44.58 26.34 26.91
CA VAL B 60 43.36 25.72 26.43
C VAL B 60 43.53 25.05 25.08
N ASP B 61 44.70 25.17 24.45
CA ASP B 61 44.93 24.55 23.15
C ASP B 61 46.43 24.32 22.98
N PHE B 62 46.76 23.43 22.05
CA PHE B 62 48.15 23.09 21.77
C PHE B 62 48.75 24.07 20.75
N TYR B 63 48.82 25.34 21.15
CA TYR B 63 49.35 26.37 20.27
C TYR B 63 50.31 27.33 20.95
N GLN B 64 50.45 27.30 22.27
CA GLN B 64 51.37 28.18 22.98
C GLN B 64 52.29 27.35 23.86
N PHE B 65 53.57 27.74 23.90
CA PHE B 65 54.53 27.04 24.74
C PHE B 65 54.11 27.16 26.20
N ARG B 66 54.17 26.03 26.92
CA ARG B 66 53.75 26.00 28.31
C ARG B 66 54.61 25.02 29.09
N VAL B 67 54.77 25.30 30.37
CA VAL B 67 55.51 24.41 31.28
C VAL B 67 54.72 24.33 32.58
N CYS B 68 54.52 23.11 33.07
CA CYS B 68 53.74 22.90 34.28
C CYS B 68 54.15 21.59 34.94
N SER B 69 54.77 21.69 36.11
CA SER B 69 55.15 20.53 36.91
C SER B 69 54.88 20.80 38.39
N ALA B 70 53.79 21.53 38.66
CA ALA B 70 53.48 21.95 40.02
C ALA B 70 53.23 20.76 40.93
N SER B 71 53.65 20.88 42.19
CA SER B 71 53.47 19.84 43.20
C SER B 71 52.16 19.96 43.95
N ILE B 72 51.36 20.98 43.66
CA ILE B 72 50.08 21.15 44.35
C ILE B 72 49.11 20.08 43.85
N THR B 73 48.54 19.32 44.79
CA THR B 73 47.64 18.24 44.43
C THR B 73 46.31 18.80 43.93
N GLY B 74 45.85 18.28 42.80
CA GLY B 74 44.59 18.67 42.21
C GLY B 74 43.49 17.66 42.49
N GLU B 75 42.57 17.54 41.54
CA GLU B 75 41.48 16.59 41.67
C GLU B 75 42.00 15.17 41.58
N LEU B 76 41.28 14.25 42.22
CA LEU B 76 41.65 12.83 42.25
C LEU B 76 40.70 12.05 41.36
N PHE B 77 41.27 11.22 40.50
CA PHE B 77 40.48 10.39 39.58
C PHE B 77 40.99 8.95 39.65
N ARG B 78 40.06 8.01 39.46
CA ARG B 78 40.37 6.59 39.44
C ARG B 78 39.66 5.94 38.27
N PHE B 79 40.24 4.84 37.78
CA PHE B 79 39.68 4.14 36.65
C PHE B 79 38.58 3.19 37.12
N ASN B 80 37.42 3.27 36.48
CA ASN B 80 36.28 2.43 36.82
C ASN B 80 36.54 1.03 36.25
N LEU B 81 37.27 0.24 37.03
CA LEU B 81 37.67 -1.10 36.57
C LEU B 81 36.49 -2.02 36.36
N GLU B 82 35.35 -1.74 36.99
CA GLU B 82 34.16 -2.57 36.88
C GLU B 82 33.12 -1.84 36.04
N GLN B 83 32.74 -2.46 34.92
CA GLN B 83 31.73 -1.84 34.02
C GLN B 83 31.01 -2.96 33.28
N THR B 84 29.72 -2.81 33.05
CA THR B 84 28.92 -3.80 32.32
C THR B 84 27.60 -3.17 31.93
N CYS B 85 26.92 -3.81 30.99
CA CYS B 85 25.59 -3.41 30.56
C CYS B 85 24.71 -4.66 30.46
N PRO B 86 23.42 -4.54 30.76
CA PRO B 86 22.55 -5.72 30.75
C PRO B 86 21.91 -5.98 29.40
N ASP B 87 21.15 -7.07 29.31
CA ASP B 87 20.41 -7.43 28.11
C ASP B 87 18.93 -7.24 28.37
N THR B 88 18.23 -6.63 27.41
CA THR B 88 16.81 -6.36 27.57
C THR B 88 16.02 -7.67 27.64
N LYS B 89 14.98 -7.67 28.45
CA LYS B 89 14.13 -8.85 28.59
C LYS B 89 13.06 -8.85 27.51
N ASP B 90 12.78 -10.03 26.98
CA ASP B 90 11.79 -10.16 25.92
C ASP B 90 10.40 -9.79 26.45
N LYS B 91 9.69 -8.98 25.69
CA LYS B 91 8.34 -8.55 26.05
C LYS B 91 7.34 -9.55 25.49
N TYR B 92 6.75 -10.35 26.36
CA TYR B 92 5.77 -11.34 25.92
C TYR B 92 4.53 -10.65 25.36
N HIS B 93 3.86 -11.35 24.45
CA HIS B 93 2.71 -10.80 23.74
C HIS B 93 1.50 -11.71 23.91
N GLN B 94 0.34 -11.10 24.08
CA GLN B 94 -0.89 -11.85 24.21
C GLN B 94 -1.29 -12.47 22.88
N GLU B 95 -2.06 -13.55 22.96
CA GLU B 95 -2.54 -14.22 21.77
C GLU B 95 -3.91 -14.82 22.06
N GLY B 96 -4.66 -15.07 20.99
CA GLY B 96 -5.98 -15.65 21.15
C GLY B 96 -6.69 -15.72 19.82
N ILE B 97 -7.96 -16.15 19.88
CA ILE B 97 -8.78 -16.29 18.69
C ILE B 97 -9.36 -14.94 18.32
N LEU B 98 -9.28 -14.60 17.04
CA LEU B 98 -9.78 -13.33 16.52
C LEU B 98 -10.75 -13.60 15.38
N LEU B 99 -11.92 -12.96 15.44
CA LEU B 99 -12.93 -13.09 14.39
C LEU B 99 -13.33 -11.69 13.90
N VAL B 100 -13.44 -11.55 12.60
CA VAL B 100 -13.86 -10.31 11.98
C VAL B 100 -15.32 -10.41 11.61
N TYR B 101 -15.95 -9.27 11.35
CA TYR B 101 -17.37 -9.24 11.02
C TYR B 101 -17.63 -8.04 10.11
N LYS B 102 -17.75 -8.32 8.82
CA LYS B 102 -18.05 -7.28 7.84
C LYS B 102 -19.53 -6.93 7.87
N LYS B 103 -19.87 -5.79 7.26
CA LYS B 103 -21.25 -5.35 7.20
C LYS B 103 -21.99 -6.09 6.09
N ASN B 104 -23.13 -6.68 6.44
CA ASN B 104 -23.90 -7.45 5.48
C ASN B 104 -24.53 -6.55 4.42
N ILE B 105 -24.57 -7.04 3.18
CA ILE B 105 -25.17 -6.32 2.08
C ILE B 105 -26.18 -7.16 1.30
N VAL B 106 -26.37 -8.41 1.68
CA VAL B 106 -27.34 -9.26 0.97
C VAL B 106 -28.75 -8.80 1.29
N PRO B 107 -29.57 -8.50 0.30
CA PRO B 107 -30.94 -8.02 0.58
C PRO B 107 -31.81 -9.11 1.18
N HIS B 108 -32.79 -8.68 1.95
CA HIS B 108 -33.75 -9.60 2.55
C HIS B 108 -34.61 -10.22 1.46
N ILE B 109 -34.90 -11.51 1.60
CA ILE B 109 -35.66 -12.26 0.60
C ILE B 109 -36.84 -12.94 1.29
N PHE B 110 -38.03 -12.76 0.72
CA PHE B 110 -39.23 -13.41 1.23
C PHE B 110 -40.21 -13.61 0.08
N LYS B 111 -41.15 -14.52 0.29
CA LYS B 111 -42.14 -14.85 -0.74
C LYS B 111 -43.39 -14.02 -0.58
N VAL B 112 -44.00 -13.66 -1.72
CA VAL B 112 -45.18 -12.81 -1.74
C VAL B 112 -46.18 -13.40 -2.75
N ARG B 113 -47.45 -13.41 -2.38
CA ARG B 113 -48.52 -13.89 -3.25
C ARG B 113 -49.35 -12.72 -3.74
N ARG B 114 -49.71 -12.76 -5.03
CA ARG B 114 -50.43 -11.66 -5.67
C ARG B 114 -51.74 -12.17 -6.27
N TYR B 115 -52.79 -11.37 -6.12
CA TYR B 115 -54.10 -11.65 -6.70
C TYR B 115 -54.50 -10.50 -7.61
N ARG B 116 -55.13 -10.84 -8.74
CA ARG B 116 -55.52 -9.84 -9.71
C ARG B 116 -56.71 -10.33 -10.52
N LYS B 117 -57.66 -9.44 -10.77
CA LYS B 117 -58.84 -9.74 -11.58
C LYS B 117 -58.68 -9.08 -12.94
N ILE B 118 -58.90 -9.83 -14.01
CA ILE B 118 -58.71 -9.36 -15.37
C ILE B 118 -60.02 -9.52 -16.13
N ALA B 119 -60.46 -8.45 -16.78
CA ALA B 119 -61.64 -8.46 -17.64
C ALA B 119 -61.25 -7.96 -19.02
N THR B 120 -61.63 -8.70 -20.05
CA THR B 120 -61.26 -8.36 -21.42
C THR B 120 -62.44 -8.63 -22.35
N SER B 121 -62.52 -7.84 -23.42
CA SER B 121 -63.55 -8.00 -24.44
C SER B 121 -62.92 -7.90 -25.81
N VAL B 122 -63.55 -8.55 -26.79
CA VAL B 122 -63.10 -8.54 -28.17
C VAL B 122 -64.29 -8.22 -29.06
N THR B 123 -64.11 -7.28 -29.99
CA THR B 123 -65.16 -6.85 -30.91
C THR B 123 -64.61 -6.96 -32.33
N VAL B 124 -64.72 -8.14 -32.93
CA VAL B 124 -64.23 -8.39 -34.28
C VAL B 124 -65.37 -9.01 -35.08
N TYR B 125 -66.20 -8.17 -35.70
CA TYR B 125 -67.21 -8.63 -36.64
C TYR B 125 -67.39 -7.64 -37.79
N ARG B 126 -66.32 -6.94 -38.17
CA ARG B 126 -66.42 -5.92 -39.20
C ARG B 126 -66.80 -6.53 -40.54
N GLY B 127 -67.61 -5.80 -41.30
CA GLY B 127 -68.08 -6.32 -42.58
C GLY B 127 -68.94 -7.54 -42.36
N HIS B 128 -68.64 -8.61 -43.11
CA HIS B 128 -69.36 -9.86 -42.94
C HIS B 128 -68.89 -10.59 -41.69
N ARG B 129 -67.60 -10.95 -41.64
CA ARG B 129 -67.04 -11.64 -40.49
C ARG B 129 -65.55 -11.34 -40.45
N GLU B 130 -65.15 -10.45 -39.56
CA GLU B 130 -63.75 -10.06 -39.41
C GLU B 130 -63.14 -10.71 -38.18
N SER B 131 -61.82 -10.68 -38.10
CA SER B 131 -61.08 -11.24 -36.98
C SER B 131 -60.05 -10.24 -36.48
N ALA B 132 -59.95 -10.14 -35.15
CA ALA B 132 -58.99 -9.23 -34.50
C ALA B 132 -59.16 -7.79 -35.00
N ILE B 133 -60.41 -7.37 -35.17
CA ILE B 133 -60.67 -6.01 -35.63
C ILE B 133 -60.26 -5.00 -34.58
N THR B 134 -60.64 -5.22 -33.32
CA THR B 134 -60.30 -4.32 -32.24
C THR B 134 -60.38 -5.08 -30.92
N ASN B 135 -59.71 -4.53 -29.91
CA ASN B 135 -59.69 -5.08 -28.57
C ASN B 135 -60.18 -4.04 -27.57
N LYS B 136 -60.63 -4.52 -26.42
CA LYS B 136 -61.15 -3.65 -25.38
C LYS B 136 -60.00 -3.08 -24.54
N TYR B 137 -60.35 -2.32 -23.50
CA TYR B 137 -59.34 -1.72 -22.64
C TYR B 137 -58.56 -2.78 -21.87
N GLU B 138 -59.19 -3.92 -21.58
CA GLU B 138 -58.55 -5.00 -20.82
C GLU B 138 -58.01 -4.50 -19.48
N LEU B 139 -58.79 -3.65 -18.82
CA LEU B 139 -58.37 -3.04 -17.57
C LEU B 139 -58.38 -4.07 -16.44
N PRO B 140 -57.24 -4.31 -15.78
CA PRO B 140 -57.25 -5.22 -14.64
C PRO B 140 -57.63 -4.51 -13.35
N ARG B 141 -58.27 -5.25 -12.45
CA ARG B 141 -58.75 -4.68 -11.20
C ARG B 141 -58.30 -5.54 -10.03
N PRO B 142 -58.12 -4.94 -8.86
CA PRO B 142 -57.76 -5.74 -7.67
C PRO B 142 -58.90 -6.64 -7.26
N VAL B 143 -58.55 -7.77 -6.63
CA VAL B 143 -59.55 -8.73 -6.18
C VAL B 143 -60.29 -8.13 -4.98
N PRO B 144 -61.61 -7.98 -5.06
CA PRO B 144 -62.35 -7.42 -3.92
C PRO B 144 -62.46 -8.42 -2.78
N LEU B 145 -62.74 -7.89 -1.60
CA LEU B 145 -62.87 -8.68 -0.38
C LEU B 145 -64.33 -8.88 0.02
N TYR B 146 -65.21 -9.02 -0.98
CA TYR B 146 -66.61 -9.31 -0.68
C TYR B 146 -66.74 -10.63 0.06
N GLU B 147 -65.99 -11.65 -0.39
CA GLU B 147 -65.85 -12.90 0.33
C GLU B 147 -64.54 -12.96 1.10
N ILE B 148 -63.84 -11.84 1.23
CA ILE B 148 -62.55 -11.73 1.88
C ILE B 148 -61.55 -12.66 1.19
N SER B 149 -61.80 -12.94 -0.09
CA SER B 149 -60.96 -13.84 -0.88
C SER B 149 -60.77 -15.18 -0.21
N HIS B 150 -61.76 -15.60 0.59
CA HIS B 150 -61.66 -16.87 1.30
C HIS B 150 -61.65 -18.04 0.32
N MET B 151 -62.50 -17.99 -0.72
CA MET B 151 -62.53 -19.06 -1.71
C MET B 151 -61.19 -19.15 -2.45
N ASP B 152 -60.60 -18.01 -2.80
CA ASP B 152 -59.30 -18.01 -3.45
C ASP B 152 -58.23 -18.56 -2.52
N SER B 153 -58.29 -18.19 -1.23
CA SER B 153 -57.34 -18.72 -0.26
C SER B 153 -57.45 -20.23 -0.14
N THR B 154 -58.68 -20.75 -0.23
CA THR B 154 -58.88 -22.19 -0.22
C THR B 154 -58.28 -22.87 -1.43
N TYR B 155 -57.94 -22.12 -2.48
CA TYR B 155 -57.34 -22.66 -3.70
C TYR B 155 -58.22 -23.72 -4.35
N GLN B 156 -59.54 -23.55 -4.24
CA GLN B 156 -60.50 -24.49 -4.83
C GLN B 156 -61.39 -23.84 -5.87
N CYS B 157 -61.91 -22.65 -5.60
CA CYS B 157 -62.78 -21.96 -6.53
C CYS B 157 -62.75 -20.47 -6.22
N PHE B 158 -63.38 -19.69 -7.10
CA PHE B 158 -63.48 -18.25 -6.92
C PHE B 158 -64.75 -17.75 -7.58
N SER B 159 -65.21 -16.59 -7.12
CA SER B 159 -66.43 -15.98 -7.65
C SER B 159 -66.07 -15.11 -8.85
N SER B 160 -66.60 -15.47 -10.01
CA SER B 160 -66.34 -14.74 -11.24
C SER B 160 -67.34 -13.57 -11.34
N MET B 161 -67.35 -12.92 -12.52
CA MET B 161 -68.26 -11.81 -12.80
C MET B 161 -68.08 -10.67 -11.79
N LYS B 162 -66.87 -10.12 -11.79
CA LYS B 162 -66.58 -9.00 -10.90
C LYS B 162 -67.33 -7.75 -11.36
N VAL B 163 -67.86 -7.02 -10.38
CA VAL B 163 -68.62 -5.79 -10.64
C VAL B 163 -67.87 -4.62 -10.00
N ASN B 164 -67.37 -3.71 -10.84
CA ASN B 164 -66.62 -2.56 -10.36
C ASN B 164 -66.38 -1.59 -11.52
N VAL B 165 -66.58 -0.31 -11.27
CA VAL B 165 -66.32 0.74 -12.26
C VAL B 165 -66.30 2.10 -11.56
N ASN B 166 -65.59 3.05 -12.14
CA ASN B 166 -65.52 4.39 -11.56
C ASN B 166 -66.85 5.12 -11.64
N GLY B 167 -67.62 4.90 -12.71
CA GLY B 167 -68.90 5.56 -12.87
C GLY B 167 -70.00 4.92 -12.05
N VAL B 168 -70.32 3.66 -12.37
CA VAL B 168 -71.35 2.91 -11.65
C VAL B 168 -71.02 1.44 -11.76
N GLU B 169 -71.40 0.68 -10.73
CA GLU B 169 -71.09 -0.74 -10.66
C GLU B 169 -71.78 -1.51 -11.78
N ASN B 170 -70.99 -2.04 -12.73
CA ASN B 170 -71.50 -2.84 -13.82
C ASN B 170 -70.76 -4.17 -13.84
N THR B 171 -71.52 -5.26 -13.99
CA THR B 171 -70.95 -6.60 -13.96
C THR B 171 -70.54 -7.03 -15.36
N PHE B 172 -69.29 -7.49 -15.48
CA PHE B 172 -68.75 -8.00 -16.74
C PHE B 172 -68.42 -9.47 -16.56
N THR B 173 -68.88 -10.30 -17.51
CA THR B 173 -68.66 -11.74 -17.45
C THR B 173 -68.90 -12.32 -18.84
N ASP B 174 -69.00 -13.65 -18.91
CA ASP B 174 -69.30 -14.37 -20.14
C ASP B 174 -70.77 -14.73 -20.23
N ARG B 175 -71.64 -13.83 -19.77
CA ARG B 175 -73.08 -14.06 -19.72
C ARG B 175 -73.42 -15.24 -18.80
N ASP B 176 -73.05 -15.07 -17.53
CA ASP B 176 -73.28 -16.08 -16.51
C ASP B 176 -73.74 -15.38 -15.24
N ASP B 177 -73.76 -16.12 -14.13
CA ASP B 177 -74.22 -15.57 -12.86
C ASP B 177 -73.24 -14.52 -12.34
N VAL B 178 -73.77 -13.62 -11.51
CA VAL B 178 -72.94 -12.56 -10.94
C VAL B 178 -71.94 -13.13 -9.94
N ASN B 179 -72.35 -14.12 -9.15
CA ASN B 179 -71.51 -14.73 -8.14
C ASN B 179 -71.26 -16.20 -8.44
N THR B 180 -71.13 -16.55 -9.71
CA THR B 180 -70.85 -17.92 -10.09
C THR B 180 -69.46 -18.32 -9.63
N THR B 181 -69.30 -19.59 -9.27
CA THR B 181 -68.04 -20.12 -8.77
C THR B 181 -67.35 -20.92 -9.86
N VAL B 182 -66.06 -20.63 -10.08
CA VAL B 182 -65.25 -21.32 -11.08
C VAL B 182 -64.05 -21.92 -10.38
N PHE B 183 -63.79 -23.19 -10.64
CA PHE B 183 -62.70 -23.89 -9.98
C PHE B 183 -61.36 -23.46 -10.57
N LEU B 184 -60.41 -23.13 -9.69
CA LEU B 184 -59.08 -22.75 -10.12
C LEU B 184 -58.27 -23.99 -10.51
N GLN B 185 -57.17 -23.75 -11.24
CA GLN B 185 -56.30 -24.82 -11.68
C GLN B 185 -54.91 -24.26 -11.92
N PRO B 186 -53.86 -25.07 -11.78
CA PRO B 186 -52.51 -24.59 -12.05
C PRO B 186 -52.11 -24.79 -13.50
N VAL B 187 -51.35 -23.81 -14.01
CA VAL B 187 -50.88 -23.82 -15.40
C VAL B 187 -49.36 -23.82 -15.38
N GLU B 188 -48.76 -24.71 -16.15
CA GLU B 188 -47.31 -24.80 -16.23
C GLU B 188 -46.73 -23.60 -16.99
N GLY B 189 -45.46 -23.34 -16.74
CA GLY B 189 -44.78 -22.23 -17.38
C GLY B 189 -43.28 -22.46 -17.43
N LEU B 190 -42.60 -21.56 -18.12
CA LEU B 190 -41.15 -21.64 -18.28
C LEU B 190 -40.44 -20.91 -17.14
N THR B 191 -40.79 -21.30 -15.92
CA THR B 191 -40.20 -20.71 -14.74
C THR B 191 -40.26 -21.73 -13.60
N ASP B 192 -39.20 -21.75 -12.79
CA ASP B 192 -39.11 -22.66 -11.66
C ASP B 192 -39.55 -22.04 -10.34
N ASN B 193 -40.00 -20.79 -10.36
CA ASN B 193 -40.41 -20.12 -9.12
C ASN B 193 -41.71 -19.33 -9.28
N ILE B 194 -42.42 -19.48 -10.38
CA ILE B 194 -43.68 -18.76 -10.61
C ILE B 194 -44.74 -19.82 -10.88
N GLN B 195 -45.44 -20.24 -9.83
CA GLN B 195 -46.52 -21.24 -9.96
C GLN B 195 -47.85 -20.52 -10.16
N ARG B 196 -48.01 -19.97 -11.36
CA ARG B 196 -49.22 -19.24 -11.69
C ARG B 196 -50.42 -20.16 -11.77
N TYR B 197 -51.54 -19.69 -11.24
CA TYR B 197 -52.81 -20.42 -11.29
C TYR B 197 -53.80 -19.62 -12.11
N PHE B 198 -54.44 -20.29 -13.08
CA PHE B 198 -55.32 -19.63 -14.02
C PHE B 198 -56.72 -20.23 -13.98
N SER B 199 -57.73 -19.37 -14.09
CA SER B 199 -59.11 -19.78 -14.24
C SER B 199 -59.68 -19.03 -15.44
N GLN B 200 -60.37 -19.76 -16.32
CA GLN B 200 -60.85 -19.21 -17.58
C GLN B 200 -59.68 -18.66 -18.37
N PRO B 201 -58.75 -19.52 -18.83
CA PRO B 201 -57.58 -19.01 -19.56
C PRO B 201 -57.82 -18.84 -21.05
N VAL B 202 -58.81 -19.56 -21.58
CA VAL B 202 -59.09 -19.47 -23.00
C VAL B 202 -59.68 -18.10 -23.33
N ILE B 203 -59.40 -17.63 -24.55
CA ILE B 203 -59.84 -16.32 -25.02
C ILE B 203 -61.36 -16.29 -25.09
N TYR B 204 -61.93 -15.09 -25.24
CA TYR B 204 -63.37 -14.92 -25.24
C TYR B 204 -64.01 -15.73 -26.37
N ALA B 205 -65.35 -15.79 -26.33
CA ALA B 205 -66.10 -16.60 -27.29
C ALA B 205 -65.79 -16.21 -28.73
N GLU B 206 -65.87 -14.91 -29.04
CA GLU B 206 -65.62 -14.39 -30.37
C GLU B 206 -66.43 -15.15 -31.40
N PRO B 207 -67.76 -14.93 -31.45
CA PRO B 207 -68.59 -15.71 -32.39
C PRO B 207 -68.16 -15.58 -33.84
N GLY B 208 -67.74 -14.39 -34.26
CA GLY B 208 -67.31 -14.19 -35.63
C GLY B 208 -68.38 -14.45 -36.67
N ARG B 209 -69.65 -14.36 -36.30
CA ARG B 209 -70.75 -14.62 -37.22
C ARG B 209 -71.00 -13.37 -38.06
N VAL B 210 -72.05 -13.41 -38.88
CA VAL B 210 -72.41 -12.29 -39.74
C VAL B 210 -73.05 -11.22 -38.87
N GLU B 211 -72.28 -10.21 -38.48
CA GLU B 211 -72.76 -9.11 -37.67
C GLU B 211 -72.50 -7.79 -38.37
N ALA B 212 -73.38 -6.81 -38.12
CA ALA B 212 -73.29 -5.53 -38.81
C ALA B 212 -72.01 -4.79 -38.47
N THR B 213 -71.74 -4.60 -37.17
CA THR B 213 -70.59 -3.79 -36.75
C THR B 213 -69.56 -4.61 -35.99
N TYR B 214 -69.92 -5.25 -34.89
CA TYR B 214 -68.95 -5.96 -34.06
C TYR B 214 -69.68 -6.88 -33.10
N ARG B 215 -68.90 -7.74 -32.44
CA ARG B 215 -69.43 -8.65 -31.44
C ARG B 215 -69.30 -8.04 -30.05
N VAL B 216 -69.79 -8.76 -29.04
CA VAL B 216 -69.78 -8.25 -27.67
C VAL B 216 -69.26 -9.33 -26.72
N ARG B 217 -68.69 -10.40 -27.28
CA ARG B 217 -68.19 -11.50 -26.47
C ARG B 217 -67.07 -11.02 -25.55
N THR B 218 -67.16 -11.41 -24.27
CA THR B 218 -66.17 -11.01 -23.27
C THR B 218 -66.16 -12.03 -22.15
N THR B 219 -64.99 -12.18 -21.52
CA THR B 219 -64.82 -13.08 -20.39
C THR B 219 -63.98 -12.39 -19.32
N VAL B 220 -64.00 -12.97 -18.12
CA VAL B 220 -63.22 -12.47 -17.00
C VAL B 220 -62.26 -13.58 -16.56
N ASN B 221 -61.21 -13.17 -15.84
CA ASN B 221 -60.17 -14.10 -15.41
C ASN B 221 -59.74 -13.79 -13.99
N CYS B 222 -59.44 -14.83 -13.24
CA CYS B 222 -58.91 -14.73 -11.89
C CYS B 222 -57.47 -15.23 -11.90
N GLU B 223 -56.55 -14.41 -11.41
CA GLU B 223 -55.12 -14.71 -11.48
C GLU B 223 -54.53 -14.78 -10.08
N ILE B 224 -53.83 -15.87 -9.79
CA ILE B 224 -53.09 -16.05 -8.55
C ILE B 224 -51.64 -16.34 -8.93
N VAL B 225 -50.73 -15.45 -8.54
CA VAL B 225 -49.33 -15.53 -8.94
C VAL B 225 -48.48 -15.57 -7.68
N ASP B 226 -47.54 -16.51 -7.64
CA ASP B 226 -46.57 -16.61 -6.55
C ASP B 226 -45.24 -16.05 -7.03
N MET B 227 -44.71 -15.08 -6.30
CA MET B 227 -43.48 -14.40 -6.67
C MET B 227 -42.58 -14.27 -5.44
N ILE B 228 -41.39 -13.71 -5.65
CA ILE B 228 -40.41 -13.50 -4.60
C ILE B 228 -40.07 -12.01 -4.56
N ALA B 229 -40.01 -11.46 -3.35
CA ALA B 229 -39.74 -10.04 -3.15
C ALA B 229 -38.44 -9.85 -2.39
N ARG B 230 -37.76 -8.75 -2.68
CA ARG B 230 -36.50 -8.40 -2.04
C ARG B 230 -36.55 -6.95 -1.59
N SER B 231 -35.90 -6.68 -0.46
CA SER B 231 -35.86 -5.34 0.12
C SER B 231 -34.45 -4.98 0.53
N ALA B 232 -34.17 -3.68 0.57
CA ALA B 232 -32.84 -3.19 0.89
C ALA B 232 -32.63 -3.18 2.41
N GLU B 233 -31.48 -2.65 2.84
CA GLU B 233 -31.17 -2.61 4.27
C GLU B 233 -32.17 -1.79 5.08
N PRO B 234 -32.55 -0.56 4.69
CA PRO B 234 -33.52 0.19 5.52
C PRO B 234 -34.87 -0.49 5.67
N TYR B 235 -35.23 -1.39 4.74
CA TYR B 235 -36.48 -2.13 4.81
C TYR B 235 -37.69 -1.20 4.89
N ASN B 236 -37.67 -0.15 4.07
CA ASN B 236 -38.80 0.77 3.99
C ASN B 236 -39.66 0.55 2.75
N TYR B 237 -39.10 -0.07 1.71
CA TYR B 237 -39.84 -0.39 0.49
C TYR B 237 -39.18 -1.59 -0.16
N PHE B 238 -39.94 -2.28 -1.02
CA PHE B 238 -39.43 -3.46 -1.68
C PHE B 238 -40.07 -3.61 -3.05
N VAL B 239 -39.41 -4.38 -3.90
CA VAL B 239 -39.87 -4.64 -5.27
C VAL B 239 -39.93 -6.14 -5.48
N THR B 240 -41.03 -6.61 -6.06
CA THR B 240 -41.20 -8.04 -6.29
C THR B 240 -40.44 -8.47 -7.55
N SER B 241 -40.38 -9.79 -7.75
CA SER B 241 -39.69 -10.33 -8.92
C SER B 241 -40.42 -9.99 -10.22
N LEU B 242 -41.75 -9.89 -10.17
CA LEU B 242 -42.51 -9.58 -11.37
C LEU B 242 -42.15 -8.20 -11.92
N GLY B 243 -42.00 -7.22 -11.03
CA GLY B 243 -41.64 -5.89 -11.46
C GLY B 243 -42.38 -4.79 -10.72
N ASP B 244 -43.44 -5.15 -10.00
CA ASP B 244 -44.21 -4.17 -9.26
C ASP B 244 -43.39 -3.62 -8.09
N THR B 245 -43.60 -2.34 -7.79
CA THR B 245 -42.90 -1.66 -6.72
C THR B 245 -43.91 -1.04 -5.76
N VAL B 246 -43.72 -1.27 -4.47
CA VAL B 246 -44.60 -0.75 -3.43
C VAL B 246 -43.74 -0.08 -2.36
N GLU B 247 -44.22 1.03 -1.83
CA GLU B 247 -43.48 1.86 -0.89
C GLU B 247 -43.85 1.60 0.56
N VAL B 248 -44.16 0.37 0.92
CA VAL B 248 -44.47 0.02 2.30
C VAL B 248 -43.35 -0.83 2.87
N SER B 249 -43.26 -0.82 4.20
CA SER B 249 -42.21 -1.56 4.89
C SER B 249 -42.57 -3.04 4.97
N PRO B 250 -41.66 -3.94 4.58
CA PRO B 250 -41.97 -5.37 4.67
C PRO B 250 -42.27 -5.83 6.09
N PHE B 251 -41.65 -5.22 7.09
CA PHE B 251 -41.87 -5.58 8.49
C PHE B 251 -42.91 -4.64 9.08
N CYS B 252 -44.11 -5.16 9.30
CA CYS B 252 -45.21 -4.37 9.86
C CYS B 252 -46.21 -5.32 10.49
N TYR B 253 -47.06 -4.76 11.34
CA TYR B 253 -48.12 -5.47 12.07
C TYR B 253 -47.57 -6.58 12.96
N ASN B 254 -46.26 -6.60 13.21
CA ASN B 254 -45.65 -7.60 14.08
C ASN B 254 -44.41 -6.96 14.67
N GLU B 255 -44.53 -6.48 15.92
CA GLU B 255 -43.47 -5.73 16.59
C GLU B 255 -43.03 -4.52 15.77
N SER B 256 -43.96 -3.93 15.04
CA SER B 256 -43.67 -2.77 14.21
C SER B 256 -44.93 -1.92 14.06
N SER B 257 -44.72 -0.64 13.78
CA SER B 257 -45.81 0.31 13.65
C SER B 257 -46.25 0.41 12.19
N CYS B 258 -47.05 1.43 11.88
CA CYS B 258 -47.54 1.70 10.54
C CYS B 258 -48.39 0.55 10.00
N SER B 259 -49.20 -0.05 10.88
CA SER B 259 -50.09 -1.13 10.48
C SER B 259 -51.19 -1.24 11.52
N THR B 260 -52.43 -1.43 11.07
CA THR B 260 -53.57 -1.52 11.96
C THR B 260 -54.68 -2.29 11.26
N THR B 261 -55.66 -2.73 12.06
CA THR B 261 -56.79 -3.47 11.51
C THR B 261 -57.57 -2.68 10.46
N PRO B 262 -57.92 -1.40 10.66
CA PRO B 262 -58.58 -0.66 9.58
C PRO B 262 -57.67 -0.48 8.39
N SER B 263 -58.27 -0.42 7.20
CA SER B 263 -57.54 -0.26 5.95
C SER B 263 -57.52 1.21 5.58
N ASN B 264 -56.32 1.80 5.58
CA ASN B 264 -56.16 3.21 5.26
C ASN B 264 -54.70 3.53 4.94
N LYS B 265 -54.46 4.19 3.81
CA LYS B 265 -53.11 4.57 3.40
C LYS B 265 -53.24 5.60 2.28
N ASN B 266 -52.09 6.18 1.91
CA ASN B 266 -52.03 7.17 0.84
C ASN B 266 -51.92 6.42 -0.49
N GLY B 267 -53.08 6.05 -1.03
CA GLY B 267 -53.17 5.30 -2.27
C GLY B 267 -53.18 3.79 -2.07
N LEU B 268 -53.00 3.31 -0.85
CA LEU B 268 -53.00 1.88 -0.57
C LEU B 268 -54.02 1.56 0.52
N SER B 269 -54.01 0.32 1.00
CA SER B 269 -54.93 -0.11 2.06
C SER B 269 -54.20 -0.56 3.31
N VAL B 270 -53.19 -1.42 3.17
CA VAL B 270 -52.42 -1.95 4.29
C VAL B 270 -53.35 -2.57 5.32
N GLN B 271 -54.02 -3.65 4.94
CA GLN B 271 -54.96 -4.35 5.80
C GLN B 271 -54.29 -5.56 6.41
N VAL B 272 -54.51 -5.78 7.71
CA VAL B 272 -53.96 -6.91 8.45
C VAL B 272 -55.10 -7.84 8.84
N VAL B 273 -54.87 -9.14 8.67
CA VAL B 273 -55.84 -10.16 9.06
C VAL B 273 -55.19 -11.06 10.10
N LEU B 274 -55.95 -11.40 11.14
CA LEU B 274 -55.47 -12.24 12.22
C LEU B 274 -55.85 -13.69 11.94
N ASN B 275 -54.85 -14.56 11.88
CA ASN B 275 -55.04 -15.99 11.62
C ASN B 275 -55.79 -16.22 10.31
N HIS B 276 -55.14 -15.80 9.21
CA HIS B 276 -55.76 -15.93 7.90
C HIS B 276 -55.97 -17.38 7.51
N THR B 277 -55.06 -18.27 7.93
CA THR B 277 -55.15 -19.70 7.64
C THR B 277 -55.20 -19.97 6.14
N VAL B 278 -54.17 -19.48 5.44
CA VAL B 278 -54.07 -19.69 4.00
C VAL B 278 -53.70 -21.14 3.73
N VAL B 279 -54.45 -21.77 2.83
CA VAL B 279 -54.15 -23.16 2.46
C VAL B 279 -52.77 -23.24 1.82
N THR B 280 -52.46 -22.31 0.92
CA THR B 280 -51.16 -22.18 0.27
C THR B 280 -50.74 -23.45 -0.46
N TYR B 281 -51.70 -24.27 -0.89
CA TYR B 281 -51.38 -25.50 -1.62
C TYR B 281 -52.53 -25.78 -2.58
N SER B 282 -52.37 -25.32 -3.82
CA SER B 282 -53.39 -25.55 -4.84
C SER B 282 -53.32 -26.97 -5.40
N ASP B 283 -52.12 -27.54 -5.49
CA ASP B 283 -51.99 -28.89 -6.03
C ASP B 283 -52.67 -29.92 -5.13
N ARG B 284 -52.52 -29.78 -3.82
CA ARG B 284 -53.14 -30.71 -2.87
C ARG B 284 -53.47 -29.95 -1.61
N GLY B 285 -54.76 -29.82 -1.31
CA GLY B 285 -55.16 -29.08 -0.12
C GLY B 285 -54.63 -29.72 1.15
N THR B 286 -54.22 -28.88 2.09
CA THR B 286 -53.69 -29.35 3.37
C THR B 286 -54.36 -28.64 4.53
N SER B 287 -53.83 -28.83 5.74
CA SER B 287 -54.36 -28.22 6.95
C SER B 287 -53.22 -27.53 7.68
N PRO B 288 -52.80 -26.35 7.22
CA PRO B 288 -51.69 -25.64 7.84
C PRO B 288 -52.14 -24.77 9.01
N THR B 289 -51.16 -24.26 9.75
CA THR B 289 -51.44 -23.41 10.89
C THR B 289 -51.99 -22.05 10.43
N PRO B 290 -52.89 -21.44 11.20
CA PRO B 290 -53.42 -20.12 10.84
C PRO B 290 -52.43 -19.00 11.13
N GLN B 291 -51.39 -18.93 10.30
CA GLN B 291 -50.38 -17.90 10.47
C GLN B 291 -50.94 -16.52 10.10
N ASN B 292 -50.36 -15.49 10.71
CA ASN B 292 -50.79 -14.13 10.43
C ASN B 292 -50.35 -13.69 9.04
N ARG B 293 -51.09 -12.74 8.48
CA ARG B 293 -50.79 -12.24 7.14
C ARG B 293 -51.39 -10.84 7.00
N ILE B 294 -50.91 -10.12 6.00
CA ILE B 294 -51.39 -8.78 5.70
C ILE B 294 -51.64 -8.66 4.21
N PHE B 295 -52.44 -7.65 3.85
CA PHE B 295 -52.79 -7.40 2.46
C PHE B 295 -52.60 -5.93 2.14
N VAL B 296 -52.23 -5.66 0.88
CA VAL B 296 -52.10 -4.31 0.35
C VAL B 296 -52.86 -4.27 -0.96
N GLU B 297 -53.88 -3.42 -1.03
CA GLU B 297 -54.72 -3.30 -2.22
C GLU B 297 -54.26 -2.10 -3.03
N THR B 298 -53.61 -2.37 -4.16
CA THR B 298 -53.14 -1.32 -5.04
C THR B 298 -54.28 -0.91 -5.98
N GLY B 299 -53.95 -0.11 -7.00
CA GLY B 299 -54.96 0.30 -7.96
C GLY B 299 -55.35 -0.78 -8.95
N ALA B 300 -54.53 -1.82 -9.09
CA ALA B 300 -54.83 -2.89 -10.04
C ALA B 300 -54.61 -4.29 -9.50
N TYR B 301 -54.04 -4.47 -8.32
CA TYR B 301 -53.75 -5.80 -7.81
C TYR B 301 -53.62 -5.74 -6.29
N THR B 302 -53.61 -6.92 -5.67
CA THR B 302 -53.46 -7.07 -4.23
C THR B 302 -52.28 -7.99 -3.94
N LEU B 303 -51.43 -7.58 -3.01
CA LEU B 303 -50.26 -8.35 -2.63
C LEU B 303 -50.38 -8.81 -1.19
N SER B 304 -49.91 -10.03 -0.92
CA SER B 304 -49.99 -10.62 0.41
C SER B 304 -48.67 -11.28 0.77
N TRP B 305 -48.27 -11.12 2.03
CA TRP B 305 -47.06 -11.76 2.52
C TRP B 305 -47.14 -11.89 4.03
N ALA B 306 -46.45 -12.90 4.56
CA ALA B 306 -46.46 -13.14 6.00
C ALA B 306 -45.71 -12.04 6.74
N SER B 307 -46.20 -11.71 7.93
CA SER B 307 -45.61 -10.64 8.74
C SER B 307 -44.52 -11.19 9.63
N GLU B 308 -43.41 -10.46 9.71
CA GLU B 308 -42.28 -10.82 10.54
C GLU B 308 -41.66 -9.57 11.12
N SER B 309 -41.06 -9.72 12.31
CA SER B 309 -40.43 -8.60 12.98
C SER B 309 -39.09 -8.26 12.34
N LYS B 310 -38.70 -6.99 12.46
CA LYS B 310 -37.40 -6.56 11.95
C LYS B 310 -36.27 -7.31 12.64
N THR B 311 -36.36 -7.45 13.96
CA THR B 311 -35.37 -8.21 14.70
C THR B 311 -35.66 -9.71 14.56
N THR B 312 -34.65 -10.52 14.91
CA THR B 312 -34.72 -11.98 14.89
C THR B 312 -34.95 -12.51 13.47
N ALA B 313 -34.96 -11.63 12.48
CA ALA B 313 -35.12 -12.04 11.08
C ALA B 313 -33.89 -11.69 10.25
N VAL B 314 -33.46 -10.43 10.26
CA VAL B 314 -32.30 -9.99 9.48
C VAL B 314 -31.62 -8.86 10.24
N CYS B 315 -30.33 -9.01 10.49
CA CYS B 315 -29.51 -7.98 11.10
C CYS B 315 -28.19 -7.90 10.35
N PRO B 316 -27.60 -6.71 10.24
CA PRO B 316 -26.44 -6.51 9.33
C PRO B 316 -25.05 -6.78 9.92
N LEU B 317 -24.73 -8.07 10.07
CA LEU B 317 -23.40 -8.49 10.48
C LEU B 317 -23.18 -9.92 10.01
N ALA B 318 -22.20 -10.11 9.14
CA ALA B 318 -21.88 -11.42 8.58
C ALA B 318 -20.40 -11.74 8.80
N LEU B 319 -20.13 -12.98 9.20
CA LEU B 319 -18.75 -13.41 9.44
C LEU B 319 -17.97 -13.46 8.14
N TRP B 320 -16.72 -12.99 8.19
CA TRP B 320 -15.84 -12.99 7.04
C TRP B 320 -14.75 -14.04 7.14
N LYS B 321 -13.97 -14.03 8.23
CA LYS B 321 -12.88 -14.98 8.38
C LYS B 321 -12.63 -15.21 9.86
N THR B 322 -11.96 -16.32 10.16
CA THR B 322 -11.58 -16.68 11.51
C THR B 322 -10.10 -17.00 11.55
N PHE B 323 -9.39 -16.43 12.52
CA PHE B 323 -7.95 -16.65 12.68
C PHE B 323 -7.67 -17.27 14.04
N PRO B 324 -7.41 -18.58 14.10
CA PRO B 324 -7.14 -19.20 15.41
C PRO B 324 -5.91 -18.68 16.10
N ARG B 325 -4.96 -18.10 15.37
CA ARG B 325 -3.73 -17.58 15.96
C ARG B 325 -3.60 -16.11 15.57
N SER B 326 -3.46 -15.25 16.57
CA SER B 326 -3.28 -13.82 16.35
C SER B 326 -2.52 -13.24 17.53
N ILE B 327 -1.92 -12.08 17.32
CA ILE B 327 -1.11 -11.41 18.33
C ILE B 327 -1.66 -10.00 18.53
N GLN B 328 -1.84 -9.62 19.80
CA GLN B 328 -2.30 -8.29 20.15
C GLN B 328 -1.15 -7.54 20.81
N THR B 329 -0.79 -6.39 20.25
CA THR B 329 0.29 -5.56 20.78
C THR B 329 -0.29 -4.20 21.15
N THR B 330 -0.09 -3.79 22.39
CA THR B 330 -0.57 -2.49 22.83
C THR B 330 0.32 -1.39 22.29
N HIS B 331 -0.20 -0.16 22.33
CA HIS B 331 0.52 0.99 21.82
C HIS B 331 0.13 2.20 22.67
N GLU B 332 0.43 3.40 22.18
CA GLU B 332 0.14 4.61 22.94
C GLU B 332 -1.35 4.77 23.19
N ASP B 333 -2.17 4.70 22.13
CA ASP B 333 -3.60 4.87 22.31
C ASP B 333 -4.42 3.93 21.42
N SER B 334 -3.87 2.79 21.01
CA SER B 334 -4.61 1.88 20.15
C SER B 334 -4.02 0.49 20.26
N PHE B 335 -4.80 -0.50 19.85
CA PHE B 335 -4.37 -1.89 19.80
C PHE B 335 -3.95 -2.26 18.38
N HIS B 336 -3.36 -3.44 18.26
CA HIS B 336 -2.91 -3.94 16.96
C HIS B 336 -3.10 -5.45 16.95
N PHE B 337 -4.03 -5.92 16.12
CA PHE B 337 -4.28 -7.34 15.95
C PHE B 337 -3.68 -7.79 14.63
N VAL B 338 -2.85 -8.84 14.69
CA VAL B 338 -2.09 -9.30 13.53
C VAL B 338 -2.73 -10.58 13.02
N ALA B 339 -3.02 -10.62 11.72
CA ALA B 339 -3.54 -11.80 11.03
C ALA B 339 -2.62 -12.05 9.84
N ASN B 340 -1.61 -12.89 10.04
CA ASN B 340 -0.61 -13.11 9.01
C ASN B 340 -1.04 -14.11 7.94
N GLU B 341 -2.21 -14.74 8.09
CA GLU B 341 -2.71 -15.62 7.06
C GLU B 341 -3.09 -14.86 5.80
N ILE B 342 -3.41 -13.57 5.92
CA ILE B 342 -3.75 -12.74 4.77
C ILE B 342 -2.86 -11.51 4.77
N THR B 343 -1.90 -11.47 5.68
CA THR B 343 -0.95 -10.36 5.81
C THR B 343 -1.68 -9.03 5.97
N ALA B 344 -2.41 -8.91 7.08
CA ALA B 344 -3.16 -7.70 7.39
C ALA B 344 -3.13 -7.46 8.89
N THR B 345 -3.29 -6.20 9.28
CA THR B 345 -3.29 -5.79 10.67
C THR B 345 -4.44 -4.81 10.90
N PHE B 346 -5.26 -5.08 11.91
CA PHE B 346 -6.41 -4.24 12.24
C PHE B 346 -6.13 -3.46 13.51
N THR B 347 -6.44 -2.16 13.48
CA THR B 347 -6.22 -1.28 14.61
C THR B 347 -7.56 -0.81 15.18
N ALA B 348 -7.65 -0.77 16.50
CA ALA B 348 -8.86 -0.36 17.20
C ALA B 348 -8.48 0.53 18.37
N PRO B 349 -9.39 1.40 18.80
CA PRO B 349 -9.10 2.25 19.97
C PRO B 349 -8.94 1.41 21.22
N LEU B 350 -8.20 1.96 22.18
CA LEU B 350 -7.89 1.22 23.41
C LEU B 350 -9.16 0.87 24.18
N THR B 351 -10.10 1.79 24.25
CA THR B 351 -11.36 1.52 24.95
C THR B 351 -12.20 0.54 24.14
N PRO B 352 -12.84 -0.43 24.79
CA PRO B 352 -13.73 -1.36 24.06
C PRO B 352 -14.99 -0.65 23.61
N VAL B 353 -14.91 0.03 22.46
CA VAL B 353 -16.02 0.86 21.98
C VAL B 353 -17.31 0.06 21.93
N ALA B 354 -17.22 -1.22 21.57
CA ALA B 354 -18.40 -2.10 21.56
C ALA B 354 -18.77 -2.52 22.98
N ASN B 355 -19.12 -1.51 23.79
CA ASN B 355 -19.51 -1.76 25.17
C ASN B 355 -20.92 -2.32 25.30
N PHE B 356 -21.72 -2.21 24.25
CA PHE B 356 -23.10 -2.72 24.27
C PHE B 356 -23.33 -3.67 23.11
N THR B 357 -22.43 -4.65 22.95
CA THR B 357 -22.57 -5.62 21.87
C THR B 357 -23.73 -6.58 22.08
N ASP B 358 -24.52 -6.41 23.14
CA ASP B 358 -25.70 -7.23 23.35
C ASP B 358 -26.89 -6.80 22.51
N THR B 359 -26.84 -5.61 21.91
CA THR B 359 -27.91 -5.17 21.03
C THR B 359 -28.00 -6.07 19.79
N TYR B 360 -26.85 -6.48 19.26
CA TYR B 360 -26.81 -7.41 18.14
C TYR B 360 -27.15 -8.80 18.65
N SER B 361 -28.43 -9.01 18.99
CA SER B 361 -28.83 -10.26 19.63
C SER B 361 -28.73 -11.47 18.71
N CYS B 362 -28.62 -11.28 17.39
CA CYS B 362 -28.54 -12.42 16.48
C CYS B 362 -27.29 -13.25 16.75
N LEU B 363 -26.13 -12.59 16.78
CA LEU B 363 -24.86 -13.28 16.85
C LEU B 363 -24.58 -13.95 18.18
N THR B 364 -25.38 -13.67 19.21
CA THR B 364 -25.13 -14.28 20.52
C THR B 364 -25.28 -15.80 20.47
N SER B 365 -25.93 -16.34 19.45
CA SER B 365 -26.14 -17.77 19.34
C SER B 365 -25.22 -18.43 18.31
N ASP B 366 -24.39 -17.67 17.60
CA ASP B 366 -23.48 -18.25 16.62
C ASP B 366 -22.03 -17.94 16.90
N ILE B 367 -21.71 -16.75 17.40
CA ILE B 367 -20.33 -16.47 17.80
C ILE B 367 -19.91 -17.41 18.92
N ASN B 368 -20.86 -17.77 19.79
CA ASN B 368 -20.58 -18.73 20.84
C ASN B 368 -20.19 -20.08 20.24
N THR B 369 -20.92 -20.53 19.23
CA THR B 369 -20.62 -21.81 18.59
C THR B 369 -19.26 -21.78 17.89
N THR B 370 -18.97 -20.70 17.15
CA THR B 370 -17.69 -20.61 16.47
C THR B 370 -16.54 -20.57 17.46
N LEU B 371 -16.68 -19.79 18.54
CA LEU B 371 -15.64 -19.74 19.55
C LEU B 371 -15.47 -21.10 20.23
N ASN B 372 -16.57 -21.79 20.50
CA ASN B 372 -16.49 -23.11 21.11
C ASN B 372 -15.74 -24.08 20.21
N ALA B 373 -16.04 -24.07 18.91
CA ALA B 373 -15.35 -24.96 17.97
C ALA B 373 -13.87 -24.62 17.90
N SER B 374 -13.53 -23.34 17.78
CA SER B 374 -12.14 -22.95 17.67
C SER B 374 -11.36 -23.30 18.93
N LYS B 375 -11.93 -23.04 20.10
CA LYS B 375 -11.23 -23.36 21.34
C LYS B 375 -11.16 -24.86 21.58
N ALA B 376 -12.15 -25.61 21.12
CA ALA B 376 -12.04 -27.07 21.19
C ALA B 376 -10.90 -27.57 20.32
N LYS B 377 -10.75 -26.98 19.12
CA LYS B 377 -9.65 -27.37 18.26
C LYS B 377 -8.30 -27.01 18.87
N LEU B 378 -8.21 -25.83 19.48
CA LEU B 378 -6.95 -25.34 20.04
C LEU B 378 -6.70 -25.79 21.47
N ALA B 379 -7.60 -26.56 22.07
CA ALA B 379 -7.42 -27.00 23.46
C ALA B 379 -6.21 -27.89 23.66
N SER B 380 -5.63 -28.42 22.58
CA SER B 380 -4.46 -29.29 22.72
C SER B 380 -3.29 -28.55 23.35
N THR B 381 -3.07 -27.29 22.95
CA THR B 381 -1.92 -26.53 23.44
C THR B 381 -2.29 -25.12 23.89
N HIS B 382 -3.56 -24.83 24.14
CA HIS B 382 -3.95 -23.50 24.56
C HIS B 382 -5.20 -23.56 25.42
N VAL B 383 -5.32 -22.60 26.33
CA VAL B 383 -6.49 -22.48 27.21
C VAL B 383 -6.87 -21.02 27.34
N PRO B 384 -8.16 -20.77 27.58
CA PRO B 384 -8.60 -19.38 27.75
C PRO B 384 -7.99 -18.74 28.98
N ASN B 385 -7.76 -17.43 28.90
CA ASN B 385 -7.16 -16.68 29.99
C ASN B 385 -8.03 -15.53 30.49
N GLY B 386 -9.03 -15.09 29.74
CA GLY B 386 -9.85 -13.98 30.18
C GLY B 386 -11.18 -13.98 29.47
N THR B 387 -11.99 -12.97 29.80
CA THR B 387 -13.31 -12.84 29.22
C THR B 387 -13.23 -12.27 27.81
N VAL B 388 -14.27 -12.55 27.02
CA VAL B 388 -14.30 -12.09 25.63
C VAL B 388 -14.47 -10.57 25.59
N GLN B 389 -13.99 -9.96 24.51
CA GLN B 389 -14.11 -8.53 24.31
C GLN B 389 -14.48 -8.26 22.86
N TYR B 390 -15.15 -7.13 22.63
CA TYR B 390 -15.57 -6.72 21.30
C TYR B 390 -15.02 -5.32 21.01
N PHE B 391 -14.42 -5.17 19.83
CA PHE B 391 -13.84 -3.90 19.40
C PHE B 391 -14.51 -3.44 18.11
N HIS B 392 -14.10 -2.26 17.65
CA HIS B 392 -14.66 -1.65 16.44
C HIS B 392 -13.56 -0.86 15.75
N THR B 393 -13.07 -1.38 14.63
CA THR B 393 -12.00 -0.72 13.91
C THR B 393 -12.52 0.53 13.20
N THR B 394 -11.57 1.33 12.68
CA THR B 394 -11.94 2.56 12.01
C THR B 394 -12.54 2.31 10.64
N GLY B 395 -12.23 1.17 10.03
CA GLY B 395 -12.75 0.86 8.70
C GLY B 395 -14.18 0.40 8.65
N GLY B 396 -14.82 0.19 9.81
CA GLY B 396 -16.19 -0.25 9.86
C GLY B 396 -16.38 -1.73 10.15
N LEU B 397 -15.29 -2.46 10.37
CA LEU B 397 -15.37 -3.89 10.67
C LEU B 397 -15.35 -4.10 12.18
N TYR B 398 -16.06 -5.13 12.63
CA TYR B 398 -16.13 -5.46 14.05
C TYR B 398 -15.25 -6.66 14.35
N LEU B 399 -14.48 -6.56 15.43
CA LEU B 399 -13.57 -7.62 15.85
C LEU B 399 -14.04 -8.24 17.15
N VAL B 400 -13.82 -9.54 17.27
CA VAL B 400 -14.11 -10.29 18.49
C VAL B 400 -12.80 -10.89 18.98
N TRP B 401 -12.42 -10.57 20.20
CA TRP B 401 -11.14 -10.99 20.76
C TRP B 401 -11.38 -11.90 21.96
N GLN B 402 -10.69 -13.04 21.98
CA GLN B 402 -10.77 -13.99 23.08
C GLN B 402 -9.35 -14.45 23.41
N PRO B 403 -8.70 -13.78 24.37
CA PRO B 403 -7.31 -14.12 24.67
C PRO B 403 -7.17 -15.57 25.15
N MET B 404 -6.07 -16.19 24.73
CA MET B 404 -5.76 -17.57 25.09
C MET B 404 -4.31 -17.64 25.55
N SER B 405 -4.07 -18.41 26.61
CA SER B 405 -2.75 -18.56 27.19
C SER B 405 -2.20 -19.96 26.91
N ALA B 406 -0.92 -20.03 26.54
CA ALA B 406 -0.28 -21.30 26.29
C ALA B 406 -0.17 -22.10 27.59
N ILE B 407 -0.23 -23.43 27.46
CA ILE B 407 -0.17 -24.33 28.60
C ILE B 407 1.26 -24.84 28.75
N ASN B 408 1.79 -24.76 29.97
CA ASN B 408 3.13 -25.26 30.24
C ASN B 408 3.18 -26.77 30.10
N LEU B 409 4.32 -27.28 29.61
CA LEU B 409 4.48 -28.72 29.43
C LEU B 409 4.41 -29.45 30.76
N THR B 410 5.04 -28.90 31.79
CA THR B 410 5.03 -29.52 33.11
C THR B 410 3.91 -28.95 33.97
N ASP B 454 -13.87 -3.08 -0.47
CA ASP B 454 -12.63 -3.52 -1.08
C ASP B 454 -11.46 -2.67 -0.59
N ASN B 455 -11.77 -1.62 0.15
CA ASN B 455 -10.76 -0.70 0.69
C ASN B 455 -10.11 -1.35 1.90
N LEU B 456 -9.17 -2.27 1.62
CA LEU B 456 -8.44 -2.98 2.66
C LEU B 456 -6.93 -2.87 2.49
N SER B 457 -6.44 -1.99 1.61
CA SER B 457 -5.00 -1.89 1.37
C SER B 457 -4.27 -1.34 2.58
N TYR B 458 -4.90 -0.43 3.34
CA TYR B 458 -4.21 0.18 4.47
C TYR B 458 -3.86 -0.85 5.54
N THR B 459 -4.64 -1.93 5.67
CA THR B 459 -4.29 -2.98 6.61
C THR B 459 -2.98 -3.66 6.21
N GLN B 460 -2.83 -3.98 4.92
CA GLN B 460 -1.59 -4.57 4.44
C GLN B 460 -0.43 -3.61 4.61
N LEU B 461 -0.67 -2.33 4.34
CA LEU B 461 0.38 -1.33 4.53
C LEU B 461 0.83 -1.27 5.99
N GLN B 462 -0.13 -1.31 6.91
CA GLN B 462 0.20 -1.31 8.33
C GLN B 462 1.00 -2.56 8.70
N PHE B 463 0.61 -3.71 8.16
CA PHE B 463 1.34 -4.95 8.45
C PHE B 463 2.79 -4.85 8.00
N ALA B 464 3.00 -4.39 6.76
CA ALA B 464 4.36 -4.26 6.24
C ALA B 464 5.17 -3.26 7.06
N TYR B 465 4.57 -2.13 7.40
CA TYR B 465 5.27 -1.12 8.19
C TYR B 465 5.67 -1.67 9.55
N ASP B 466 4.77 -2.40 10.20
CA ASP B 466 5.08 -2.97 11.51
C ASP B 466 6.20 -3.98 11.41
N LYS B 467 6.18 -4.84 10.38
CA LYS B 467 7.24 -5.83 10.22
C LYS B 467 8.59 -5.15 10.03
N LEU B 468 8.64 -4.15 9.15
CA LEU B 468 9.91 -3.46 8.89
C LEU B 468 10.42 -2.75 10.13
N ARG B 469 9.52 -2.08 10.86
CA ARG B 469 9.92 -1.37 12.07
C ARG B 469 10.47 -2.33 13.12
N ASP B 470 9.81 -3.49 13.30
CA ASP B 470 10.29 -4.45 14.27
C ASP B 470 11.67 -4.97 13.90
N GLY B 471 11.89 -5.28 12.62
CA GLY B 471 13.19 -5.76 12.20
C GLY B 471 14.28 -4.73 12.44
N ILE B 472 14.00 -3.48 12.07
CA ILE B 472 15.00 -2.42 12.24
C ILE B 472 15.31 -2.22 13.72
N ASN B 473 14.28 -2.23 14.57
CA ASN B 473 14.52 -2.04 16.00
C ASN B 473 15.36 -3.17 16.58
N GLN B 474 15.09 -4.41 16.17
CA GLN B 474 15.90 -5.53 16.67
C GLN B 474 17.35 -5.39 16.24
N VAL B 475 17.58 -5.00 14.98
CA VAL B 475 18.95 -4.81 14.50
C VAL B 475 19.65 -3.72 15.31
N LEU B 476 18.94 -2.62 15.57
CA LEU B 476 19.54 -1.54 16.35
C LEU B 476 19.88 -2.00 17.76
N GLU B 477 19.03 -2.80 18.39
CA GLU B 477 19.30 -3.28 19.74
C GLU B 477 20.56 -4.15 19.74
N GLU B 478 20.68 -5.06 18.78
CA GLU B 478 21.86 -5.91 18.72
C GLU B 478 23.13 -5.08 18.51
N LEU B 479 23.06 -4.08 17.62
CA LEU B 479 24.21 -3.22 17.37
C LEU B 479 24.61 -2.47 18.63
N SER B 480 23.62 -1.97 19.39
CA SER B 480 23.92 -1.25 20.61
C SER B 480 24.60 -2.15 21.63
N ARG B 481 24.14 -3.39 21.76
CA ARG B 481 24.78 -4.31 22.70
C ARG B 481 26.23 -4.58 22.32
N ALA B 482 26.47 -4.83 21.03
CA ALA B 482 27.84 -5.06 20.57
C ALA B 482 28.72 -3.84 20.83
N TRP B 483 28.18 -2.64 20.58
CA TRP B 483 28.94 -1.42 20.82
C TRP B 483 29.28 -1.26 22.29
N CYS B 484 28.35 -1.60 23.18
CA CYS B 484 28.63 -1.50 24.61
C CYS B 484 29.76 -2.44 25.01
N ARG B 485 29.73 -3.67 24.50
CA ARG B 485 30.82 -4.61 24.80
C ARG B 485 32.16 -4.06 24.31
N GLU B 486 32.18 -3.53 23.08
CA GLU B 486 33.41 -2.98 22.53
C GLU B 486 33.91 -1.82 23.36
N GLN B 487 33.00 -0.95 23.81
CA GLN B 487 33.40 0.20 24.63
C GLN B 487 33.99 -0.25 25.95
N VAL B 488 33.41 -1.29 26.57
CA VAL B 488 33.97 -1.79 27.83
C VAL B 488 35.40 -2.30 27.61
N ARG B 489 35.60 -3.09 26.54
CA ARG B 489 36.94 -3.58 26.26
C ARG B 489 37.91 -2.44 25.98
N ASP B 490 37.45 -1.42 25.25
CA ASP B 490 38.29 -0.27 24.94
C ASP B 490 38.71 0.45 26.21
N ASN B 491 37.77 0.64 27.14
CA ASN B 491 38.10 1.29 28.40
C ASN B 491 39.13 0.48 29.19
N LEU B 492 38.98 -0.85 29.19
CA LEU B 492 39.96 -1.69 29.87
C LEU B 492 41.34 -1.53 29.24
N MET B 493 41.40 -1.50 27.91
CA MET B 493 42.71 -1.27 27.25
C MET B 493 43.26 0.07 27.73
N TRP B 494 42.43 1.11 27.68
CA TRP B 494 42.90 2.43 28.06
C TRP B 494 43.51 2.42 29.46
N TYR B 495 42.84 1.75 30.40
CA TYR B 495 43.38 1.66 31.75
C TYR B 495 44.73 0.94 31.75
N GLU B 496 44.82 -0.15 30.98
CA GLU B 496 46.09 -0.86 30.91
C GLU B 496 47.19 0.02 30.34
N LEU B 497 46.87 0.81 29.31
CA LEU B 497 47.87 1.68 28.71
C LEU B 497 48.27 2.81 29.65
N SER B 498 47.38 3.23 30.55
CA SER B 498 47.66 4.35 31.44
C SER B 498 48.77 4.07 32.43
N LYS B 499 49.20 2.81 32.60
CA LYS B 499 50.19 2.49 33.60
C LYS B 499 51.60 2.96 33.24
N ILE B 500 51.83 3.40 32.02
CA ILE B 500 53.17 3.82 31.61
C ILE B 500 53.36 5.31 31.91
N ASN B 501 52.54 6.16 31.31
CA ASN B 501 52.62 7.59 31.53
C ASN B 501 51.21 8.20 31.55
N PRO B 502 50.69 8.55 32.71
CA PRO B 502 49.32 9.07 32.78
C PRO B 502 49.11 10.37 32.03
N THR B 503 50.17 11.15 31.80
CA THR B 503 50.01 12.44 31.14
C THR B 503 49.44 12.27 29.73
N SER B 504 49.98 11.31 28.97
CA SER B 504 49.51 11.09 27.60
C SER B 504 48.05 10.65 27.59
N VAL B 505 47.68 9.74 28.48
CA VAL B 505 46.30 9.25 28.51
C VAL B 505 45.35 10.37 28.90
N MET B 506 45.72 11.18 29.90
CA MET B 506 44.86 12.28 30.32
C MET B 506 44.71 13.31 29.19
N THR B 507 45.80 13.64 28.51
CA THR B 507 45.70 14.57 27.39
C THR B 507 44.93 13.98 26.23
N ALA B 508 44.88 12.66 26.11
CA ALA B 508 44.08 12.04 25.06
C ALA B 508 42.60 12.09 25.41
N ILE B 509 42.25 11.83 26.67
CA ILE B 509 40.84 11.82 27.07
C ILE B 509 40.27 13.23 27.06
N TYR B 510 40.99 14.18 27.64
CA TYR B 510 40.56 15.57 27.68
C TYR B 510 41.26 16.37 26.60
N GLY B 511 40.48 17.11 25.82
CA GLY B 511 41.08 17.92 24.76
C GLY B 511 42.07 18.94 25.28
N ARG B 512 41.77 19.54 26.42
CA ARG B 512 42.67 20.53 27.01
C ARG B 512 43.90 19.84 27.59
N PRO B 513 45.11 20.28 27.25
CA PRO B 513 46.30 19.69 27.84
C PRO B 513 46.32 19.87 29.35
N VAL B 514 46.76 18.82 30.03
CA VAL B 514 46.79 18.83 31.52
C VAL B 514 48.14 18.27 31.96
N SER B 515 48.20 17.76 33.18
CA SER B 515 49.44 17.14 33.70
C SER B 515 49.03 16.15 34.79
N ALA B 516 49.81 15.11 35.03
CA ALA B 516 49.33 14.10 36.00
C ALA B 516 50.48 13.33 36.63
N LYS B 517 50.18 12.61 37.71
CA LYS B 517 51.20 11.78 38.38
C LYS B 517 50.46 10.71 39.15
N PHE B 518 51.07 9.54 39.34
CA PHE B 518 50.33 8.43 39.98
C PHE B 518 50.46 8.52 41.49
N VAL B 519 49.70 9.41 42.11
CA VAL B 519 49.69 9.46 43.60
C VAL B 519 49.16 8.11 44.06
N GLY B 520 49.95 7.37 44.84
CA GLY B 520 49.50 6.03 45.23
C GLY B 520 48.92 5.32 44.03
N ASP B 521 47.71 4.78 44.15
CA ASP B 521 47.04 4.14 42.99
C ASP B 521 45.89 5.03 42.58
N ALA B 522 46.19 6.30 42.32
CA ALA B 522 45.13 7.25 41.93
C ALA B 522 45.76 8.42 41.18
N ILE B 523 45.26 8.72 39.99
CA ILE B 523 45.87 9.79 39.16
C ILE B 523 45.50 11.14 39.78
N SER B 524 46.41 12.10 39.74
CA SER B 524 46.12 13.46 40.26
C SER B 524 46.24 14.44 39.10
N VAL B 525 45.15 15.13 38.78
CA VAL B 525 45.20 16.01 37.58
C VAL B 525 45.42 17.45 38.02
N THR B 526 46.41 18.10 37.44
CA THR B 526 46.77 19.52 37.68
C THR B 526 46.65 20.29 36.36
N GLU B 527 46.35 21.60 36.44
CA GLU B 527 46.24 22.40 35.24
C GLU B 527 47.63 22.76 34.72
N CYS B 528 47.67 23.46 33.59
CA CYS B 528 48.93 23.87 32.99
C CYS B 528 48.94 25.38 32.79
N ILE B 529 50.14 25.94 32.82
CA ILE B 529 50.33 27.39 32.78
C ILE B 529 51.26 27.71 31.62
N ASN B 530 50.89 28.72 30.82
CA ASN B 530 51.68 29.14 29.68
C ASN B 530 52.78 30.09 30.13
N VAL B 531 53.54 30.60 29.16
CA VAL B 531 54.62 31.54 29.40
C VAL B 531 54.56 32.63 28.33
N ASP B 532 55.54 33.54 28.37
CA ASP B 532 55.62 34.62 27.39
C ASP B 532 55.98 34.05 26.03
N GLN B 533 55.05 34.16 25.07
CA GLN B 533 55.29 33.60 23.74
C GLN B 533 56.45 34.30 23.05
N SER B 534 56.54 35.61 23.18
CA SER B 534 57.62 36.35 22.53
C SER B 534 58.98 35.95 23.10
N SER B 535 59.06 35.76 24.42
CA SER B 535 60.32 35.43 25.08
C SER B 535 60.58 33.93 24.93
N VAL B 536 61.12 33.57 23.77
CA VAL B 536 61.49 32.19 23.47
C VAL B 536 62.84 32.20 22.76
N ASN B 537 63.70 31.24 23.10
CA ASN B 537 65.01 31.14 22.46
C ASN B 537 65.41 29.67 22.44
N ILE B 538 65.73 29.15 21.25
CA ILE B 538 66.13 27.78 21.07
C ILE B 538 67.56 27.77 20.54
N HIS B 539 68.45 27.05 21.23
CA HIS B 539 69.84 26.98 20.81
C HIS B 539 69.95 26.20 19.52
N LYS B 540 70.83 26.68 18.62
CA LYS B 540 71.02 26.04 17.32
C LYS B 540 71.85 24.77 17.40
N SER B 541 72.47 24.48 18.54
CA SER B 541 73.30 23.29 18.70
C SER B 541 72.86 22.53 19.93
N LEU B 542 72.56 21.25 19.76
CA LEU B 542 72.22 20.37 20.87
C LEU B 542 73.43 19.63 21.42
N ARG B 543 74.61 19.84 20.84
CA ARG B 543 75.83 19.22 21.34
C ARG B 543 76.29 19.97 22.59
N THR B 544 76.28 19.27 23.72
CA THR B 544 76.68 19.85 24.99
C THR B 544 78.17 19.62 25.22
N ASN B 545 78.63 19.88 26.44
CA ASN B 545 80.04 19.70 26.79
C ASN B 545 80.42 18.22 26.74
N SER B 546 81.70 17.96 26.95
CA SER B 546 82.27 16.61 26.94
C SER B 546 82.01 15.98 25.56
N LYS B 547 81.88 14.66 25.51
CA LYS B 547 81.64 13.97 24.25
C LYS B 547 80.72 12.77 24.50
N ASP B 548 79.99 12.40 23.45
CA ASP B 548 79.07 11.25 23.49
C ASP B 548 78.01 11.40 24.57
N VAL B 549 77.68 12.64 24.93
CA VAL B 549 76.66 12.92 25.93
C VAL B 549 75.71 13.98 25.37
N CYS B 550 75.64 14.08 24.05
CA CYS B 550 74.85 15.11 23.40
C CYS B 550 73.39 15.02 23.80
N TYR B 551 72.75 16.19 23.87
CA TYR B 551 71.36 16.27 24.30
C TYR B 551 70.43 15.56 23.32
N ALA B 552 69.44 14.86 23.85
CA ALA B 552 68.46 14.19 23.00
C ALA B 552 67.52 15.20 22.36
N ARG B 553 67.19 16.26 23.08
CA ARG B 553 66.31 17.31 22.60
C ARG B 553 66.98 18.66 22.80
N PRO B 554 66.67 19.64 21.95
CA PRO B 554 67.30 20.96 22.09
C PRO B 554 66.89 21.65 23.37
N LEU B 555 67.82 22.44 23.92
CA LEU B 555 67.54 23.22 25.10
C LEU B 555 66.85 24.53 24.73
N VAL B 556 65.98 24.99 25.61
CA VAL B 556 65.21 26.21 25.37
C VAL B 556 65.33 27.13 26.58
N THR B 557 65.15 28.43 26.33
CA THR B 557 65.17 29.44 27.37
C THR B 557 64.00 30.39 27.16
N PHE B 558 63.36 30.78 28.26
CA PHE B 558 62.18 31.61 28.17
C PHE B 558 62.00 32.37 29.48
N LYS B 559 61.02 33.27 29.49
CA LYS B 559 60.66 34.05 30.67
C LYS B 559 59.27 33.63 31.14
N PHE B 560 59.08 33.61 32.46
CA PHE B 560 57.84 33.13 33.07
C PHE B 560 56.74 34.18 32.91
N LEU B 561 56.33 34.38 31.66
CA LEU B 561 55.23 35.29 31.31
C LEU B 561 55.42 36.69 31.87
N ASN B 562 54.54 37.09 32.79
CA ASN B 562 54.57 38.43 33.37
C ASN B 562 55.57 38.47 34.51
N SER B 563 56.85 38.34 34.14
CA SER B 563 57.94 38.38 35.10
C SER B 563 59.23 38.70 34.36
N SER B 564 60.23 39.13 35.12
CA SER B 564 61.55 39.47 34.60
C SER B 564 62.54 38.44 35.14
N ASN B 565 62.64 37.30 34.45
CA ASN B 565 63.54 36.24 34.87
C ASN B 565 63.79 35.33 33.67
N LEU B 566 64.85 34.54 33.78
CA LEU B 566 65.23 33.61 32.72
C LEU B 566 65.43 32.22 33.30
N PHE B 567 64.95 31.21 32.57
CA PHE B 567 65.12 29.82 32.97
C PHE B 567 65.51 29.00 31.75
N THR B 568 66.18 27.89 32.00
CA THR B 568 66.64 26.98 30.95
C THR B 568 65.88 25.67 31.04
N GLY B 569 65.26 25.27 29.93
CA GLY B 569 64.49 24.05 29.88
C GLY B 569 64.75 23.29 28.58
N GLN B 570 64.16 22.11 28.50
CA GLN B 570 64.29 21.24 27.33
C GLN B 570 62.94 21.12 26.64
N LEU B 571 62.95 21.28 25.32
CA LEU B 571 61.72 21.19 24.54
C LEU B 571 61.22 19.75 24.51
N GLY B 572 59.92 19.57 24.79
CA GLY B 572 59.33 18.26 24.77
C GLY B 572 58.54 17.98 23.52
N ALA B 573 57.23 17.77 23.67
CA ALA B 573 56.34 17.50 22.54
C ALA B 573 55.10 18.38 22.67
N ARG B 574 54.50 18.70 21.52
CA ARG B 574 53.31 19.55 21.46
C ARG B 574 53.54 20.88 22.18
N ASN B 575 54.74 21.45 21.98
CA ASN B 575 55.14 22.72 22.58
C ASN B 575 55.03 22.66 24.11
N GLU B 576 55.83 21.76 24.69
CA GLU B 576 55.89 21.57 26.13
C GLU B 576 57.33 21.72 26.59
N ILE B 577 57.50 22.28 27.78
CA ILE B 577 58.82 22.55 28.35
C ILE B 577 59.00 21.70 29.61
N ILE B 578 60.19 21.13 29.76
CA ILE B 578 60.54 20.32 30.91
C ILE B 578 61.69 20.99 31.64
N LEU B 579 61.53 21.21 32.95
CA LEU B 579 62.55 21.90 33.71
C LEU B 579 63.84 21.09 33.80
N THR B 580 63.74 19.79 34.07
CA THR B 580 64.91 18.94 34.21
C THR B 580 65.44 18.54 32.84
N ASN B 581 66.69 18.89 32.58
CA ASN B 581 67.34 18.59 31.30
C ASN B 581 68.23 17.35 31.42
N ASN B 582 67.57 16.20 31.53
CA ASN B 582 68.25 14.92 31.65
C ASN B 582 68.25 14.12 30.36
N GLN B 583 67.73 14.68 29.26
CA GLN B 583 67.66 13.97 28.00
C GLN B 583 69.02 14.05 27.31
N VAL B 584 69.82 12.99 27.45
CA VAL B 584 71.13 12.91 26.83
C VAL B 584 71.26 11.56 26.15
N GLU B 585 72.17 11.50 25.16
CA GLU B 585 72.39 10.29 24.41
C GLU B 585 73.81 10.30 23.85
N THR B 586 74.29 9.12 23.46
CA THR B 586 75.61 9.00 22.89
C THR B 586 75.67 9.62 21.50
N CYS B 587 76.76 10.32 21.22
CA CYS B 587 76.93 10.95 19.92
C CYS B 587 77.08 9.90 18.83
N LYS B 588 76.38 10.10 17.72
CA LYS B 588 76.43 9.19 16.58
C LYS B 588 76.77 9.96 15.32
N ASP B 589 77.62 9.39 14.48
CA ASP B 589 78.01 10.03 13.23
C ASP B 589 76.81 10.14 12.30
N THR B 590 76.74 11.25 11.56
CA THR B 590 75.66 11.52 10.60
C THR B 590 74.29 11.40 11.26
N CYS B 591 74.17 11.93 12.48
CA CYS B 591 72.90 11.89 13.19
C CYS B 591 71.87 12.79 12.52
N GLU B 592 70.64 12.30 12.42
CA GLU B 592 69.54 13.03 11.83
C GLU B 592 68.44 13.21 12.87
N HIS B 593 67.88 14.42 12.91
CA HIS B 593 66.85 14.74 13.90
C HIS B 593 65.82 15.69 13.28
N TYR B 594 64.57 15.53 13.71
CA TYR B 594 63.49 16.40 13.30
C TYR B 594 62.65 16.74 14.52
N PHE B 595 62.01 17.91 14.48
CA PHE B 595 61.19 18.36 15.59
C PHE B 595 59.98 19.11 15.05
N ILE B 596 58.88 19.07 15.81
CA ILE B 596 57.62 19.68 15.43
C ILE B 596 57.36 20.86 16.35
N THR B 597 57.08 22.03 15.76
CA THR B 597 56.77 23.25 16.52
C THR B 597 55.68 24.00 15.76
N ARG B 598 54.43 23.72 16.10
CA ARG B 598 53.25 24.36 15.50
C ARG B 598 53.30 24.17 13.99
N ASN B 599 53.41 25.21 13.19
CA ASN B 599 53.41 25.10 11.74
C ASN B 599 54.81 25.07 11.13
N GLU B 600 55.85 25.07 11.95
CA GLU B 600 57.22 25.04 11.47
C GLU B 600 57.97 23.85 12.08
N THR B 601 59.03 23.43 11.38
CA THR B 601 59.81 22.29 11.79
C THR B 601 61.30 22.65 11.79
N LEU B 602 62.07 21.87 12.54
CA LEU B 602 63.51 22.05 12.65
C LEU B 602 64.22 20.80 12.16
N VAL B 603 65.32 20.99 11.44
CA VAL B 603 66.11 19.91 10.88
C VAL B 603 67.53 20.03 11.39
N TYR B 604 68.10 18.90 11.85
CA TYR B 604 69.46 18.84 12.36
C TYR B 604 70.21 17.73 11.62
N LYS B 605 70.83 18.08 10.50
CA LYS B 605 71.64 17.13 9.76
C LYS B 605 72.87 16.71 10.53
N ASP B 606 73.31 17.51 11.49
CA ASP B 606 74.48 17.20 12.31
C ASP B 606 74.15 17.66 13.74
N TYR B 607 75.17 17.74 14.58
CA TYR B 607 74.98 18.19 15.96
C TYR B 607 74.49 19.62 16.05
N ALA B 608 74.38 20.34 14.93
CA ALA B 608 73.89 21.72 14.94
C ALA B 608 73.41 22.06 13.54
N TYR B 609 72.17 22.53 13.44
CA TYR B 609 71.59 22.93 12.16
C TYR B 609 70.30 23.68 12.43
N LEU B 610 69.92 24.53 11.49
CA LEU B 610 68.70 25.33 11.59
C LEU B 610 67.98 25.38 10.24
N ARG B 611 67.89 24.25 9.56
CA ARG B 611 67.19 24.16 8.27
C ARG B 611 65.69 24.12 8.53
N THR B 612 65.13 25.28 8.84
CA THR B 612 63.71 25.39 9.13
C THR B 612 62.89 25.21 7.86
N ILE B 613 61.95 24.27 7.86
CA ILE B 613 61.07 24.00 6.73
C ILE B 613 59.65 23.88 7.24
N ASN B 614 58.71 23.85 6.30
CA ASN B 614 57.30 23.73 6.65
C ASN B 614 57.00 22.37 7.26
N THR B 615 56.02 22.34 8.16
CA THR B 615 55.65 21.09 8.81
C THR B 615 55.00 20.12 7.83
N THR B 616 54.21 20.62 6.89
CA THR B 616 53.49 19.77 5.95
C THR B 616 54.42 19.07 4.95
N ASP B 617 55.70 19.43 4.90
CA ASP B 617 56.61 18.82 3.94
C ASP B 617 56.77 17.33 4.17
N ILE B 618 56.61 16.88 5.42
CA ILE B 618 56.72 15.46 5.75
C ILE B 618 55.35 14.81 5.61
N SER B 619 55.31 13.64 4.99
CA SER B 619 54.05 12.95 4.77
C SER B 619 53.42 12.54 6.10
N THR B 620 52.10 12.56 6.13
CA THR B 620 51.32 12.21 7.32
C THR B 620 50.57 10.92 7.04
N LEU B 621 50.94 9.86 7.77
CA LEU B 621 50.25 8.59 7.63
C LEU B 621 48.88 8.65 8.31
N ASN B 622 47.96 7.82 7.83
CA ASN B 622 46.60 7.80 8.33
C ASN B 622 46.23 6.39 8.79
N THR B 623 45.43 6.34 9.85
CA THR B 623 44.91 5.08 10.41
C THR B 623 43.41 5.25 10.53
N PHE B 624 42.69 4.98 9.44
CA PHE B 624 41.25 5.14 9.39
C PHE B 624 40.61 3.96 8.70
N ILE B 625 39.49 3.49 9.23
CA ILE B 625 38.70 2.44 8.62
C ILE B 625 37.44 3.12 8.10
N ALA B 626 37.43 3.45 6.80
CA ALA B 626 36.33 4.18 6.22
C ALA B 626 35.05 3.35 6.24
N LEU B 627 33.94 4.00 6.58
CA LEU B 627 32.62 3.38 6.59
C LEU B 627 31.87 3.94 5.38
N ASN B 628 32.05 3.28 4.23
CA ASN B 628 31.43 3.72 2.99
C ASN B 628 29.96 3.28 2.97
N LEU B 629 29.19 3.87 3.88
CA LEU B 629 27.77 3.58 3.99
C LEU B 629 27.03 4.14 2.77
N SER B 630 26.03 3.38 2.31
CA SER B 630 25.21 3.78 1.17
C SER B 630 23.81 4.11 1.69
N PHE B 631 23.36 5.33 1.41
CA PHE B 631 22.05 5.76 1.90
C PHE B 631 20.94 5.09 1.10
N ILE B 632 19.70 5.44 1.41
CA ILE B 632 18.52 4.85 0.78
C ILE B 632 17.94 5.86 -0.20
N GLN B 633 17.90 5.49 -1.48
CA GLN B 633 17.34 6.37 -2.49
C GLN B 633 15.83 6.47 -2.32
N ASN B 634 15.29 7.63 -2.70
CA ASN B 634 13.86 7.91 -2.60
C ASN B 634 13.27 7.93 -4.00
N ILE B 635 12.21 7.15 -4.20
CA ILE B 635 11.57 7.00 -5.50
C ILE B 635 10.14 7.54 -5.42
N ASP B 636 9.48 7.57 -6.58
CA ASP B 636 8.12 8.07 -6.70
C ASP B 636 7.22 6.95 -7.21
N PHE B 637 6.02 6.87 -6.64
CA PHE B 637 5.03 5.88 -7.04
C PHE B 637 4.00 6.52 -7.95
N LYS B 638 3.55 5.77 -8.95
CA LYS B 638 2.58 6.26 -9.93
C LYS B 638 1.35 5.38 -9.93
N ALA B 639 0.18 5.99 -10.02
CA ALA B 639 -1.06 5.24 -10.06
C ALA B 639 -1.18 4.46 -11.36
N ILE B 640 -1.67 3.22 -11.25
CA ILE B 640 -1.84 2.35 -12.40
C ILE B 640 -3.28 1.83 -12.41
N GLU B 641 -3.92 1.90 -13.56
CA GLU B 641 -5.29 1.42 -13.73
C GLU B 641 -5.28 0.21 -14.65
N LEU B 642 -5.86 -0.89 -14.18
CA LEU B 642 -5.85 -2.13 -14.96
C LEU B 642 -6.70 -1.98 -16.22
N TYR B 643 -7.92 -1.49 -16.08
CA TYR B 643 -8.85 -1.34 -17.19
C TYR B 643 -9.13 0.13 -17.43
N SER B 644 -8.98 0.57 -18.68
CA SER B 644 -9.25 1.95 -19.03
C SER B 644 -10.75 2.21 -19.02
N SER B 645 -11.11 3.50 -19.10
CA SER B 645 -12.51 3.88 -19.09
C SER B 645 -13.25 3.36 -20.32
N ALA B 646 -12.54 3.20 -21.44
CA ALA B 646 -13.19 2.69 -22.65
C ALA B 646 -13.69 1.27 -22.44
N GLU B 647 -12.89 0.41 -21.80
CA GLU B 647 -13.33 -0.95 -21.52
C GLU B 647 -14.49 -0.95 -20.54
N LYS B 648 -14.45 -0.08 -19.53
CA LYS B 648 -15.55 0.02 -18.58
C LYS B 648 -16.86 0.41 -19.28
N ARG B 649 -16.78 1.37 -20.21
CA ARG B 649 -17.97 1.74 -20.97
C ARG B 649 -18.43 0.59 -21.86
N LEU B 650 -17.50 -0.10 -22.50
CA LEU B 650 -17.86 -1.24 -23.35
C LEU B 650 -18.46 -2.38 -22.56
N ALA B 651 -18.18 -2.47 -21.26
CA ALA B 651 -18.80 -3.51 -20.44
C ALA B 651 -20.32 -3.36 -20.42
N SER B 652 -20.80 -2.13 -20.26
CA SER B 652 -22.23 -1.80 -20.28
C SER B 652 -22.93 -2.65 -19.22
N SER B 653 -24.00 -3.36 -19.55
CA SER B 653 -24.72 -4.19 -18.59
C SER B 653 -24.81 -5.63 -19.05
N GLU C 53 51.92 -27.15 51.25
CA GLU C 53 51.95 -25.74 50.87
C GLU C 53 50.60 -25.08 51.10
N ALA C 54 50.15 -24.32 50.10
CA ALA C 54 48.87 -23.62 50.16
C ALA C 54 47.92 -24.21 49.14
N SER C 55 46.69 -24.48 49.55
CA SER C 55 45.67 -25.04 48.68
C SER C 55 44.31 -24.60 49.15
N GLY C 56 43.32 -24.70 48.26
CA GLY C 56 41.97 -24.33 48.57
C GLY C 56 41.16 -23.99 47.34
N PRO C 57 40.05 -23.26 47.53
CA PRO C 57 39.20 -22.91 46.39
C PRO C 57 39.89 -21.92 45.47
N LYS C 58 39.52 -21.99 44.19
CA LYS C 58 40.07 -21.12 43.17
C LYS C 58 39.23 -19.84 43.07
N SER C 59 39.92 -18.71 42.94
CA SER C 59 39.25 -17.42 42.87
C SER C 59 38.41 -17.32 41.60
N VAL C 60 37.25 -16.66 41.72
CA VAL C 60 36.34 -16.45 40.60
C VAL C 60 35.92 -15.00 40.46
N ASP C 61 36.30 -14.13 41.38
CA ASP C 61 35.93 -12.72 41.30
C ASP C 61 36.97 -11.88 42.05
N PHE C 62 36.98 -10.59 41.74
CA PHE C 62 37.92 -9.66 42.37
C PHE C 62 37.34 -9.12 43.69
N TYR C 63 37.14 -10.04 44.63
CA TYR C 63 36.59 -9.68 45.93
C TYR C 63 37.30 -10.30 47.12
N GLN C 64 38.21 -11.25 46.91
CA GLN C 64 38.93 -11.89 48.00
C GLN C 64 40.43 -11.79 47.73
N PHE C 65 41.20 -11.52 48.78
CA PHE C 65 42.65 -11.46 48.66
C PHE C 65 43.19 -12.80 48.19
N ARG C 66 44.09 -12.77 47.21
CA ARG C 66 44.64 -14.00 46.67
C ARG C 66 46.09 -13.77 46.26
N VAL C 67 46.88 -14.84 46.31
CA VAL C 67 48.28 -14.81 45.89
C VAL C 67 48.54 -16.08 45.10
N CYS C 68 49.17 -15.93 43.93
CA CYS C 68 49.43 -17.07 43.06
C CYS C 68 50.61 -16.77 42.15
N SER C 69 51.71 -17.48 42.36
CA SER C 69 52.91 -17.38 41.53
C SER C 69 53.49 -18.76 41.29
N ALA C 70 52.62 -19.75 41.15
CA ALA C 70 53.06 -21.14 41.01
C ALA C 70 53.89 -21.34 39.75
N SER C 71 54.90 -22.21 39.85
CA SER C 71 55.77 -22.54 38.74
C SER C 71 55.26 -23.70 37.89
N ILE C 72 54.14 -24.31 38.27
CA ILE C 72 53.58 -25.40 37.48
C ILE C 72 53.03 -24.86 36.17
N THR C 73 53.49 -25.43 35.05
CA THR C 73 53.04 -24.97 33.75
C THR C 73 51.59 -25.38 33.50
N GLY C 74 50.79 -24.42 33.04
CA GLY C 74 49.40 -24.64 32.71
C GLY C 74 49.18 -24.79 31.22
N GLU C 75 48.02 -24.35 30.76
CA GLU C 75 47.71 -24.41 29.34
C GLU C 75 48.58 -23.42 28.57
N LEU C 76 48.80 -23.73 27.29
CA LEU C 76 49.62 -22.91 26.42
C LEU C 76 48.73 -22.20 25.42
N PHE C 77 48.92 -20.88 25.28
CA PHE C 77 48.15 -20.07 24.35
C PHE C 77 49.08 -19.21 23.53
N ARG C 78 48.69 -18.96 22.28
CA ARG C 78 49.44 -18.11 21.37
C ARG C 78 48.49 -17.15 20.68
N PHE C 79 49.03 -16.00 20.28
CA PHE C 79 48.23 -14.99 19.61
C PHE C 79 48.11 -15.31 18.13
N ASN C 80 46.87 -15.31 17.63
CA ASN C 80 46.61 -15.59 16.21
C ASN C 80 46.98 -14.36 15.41
N LEU C 81 48.27 -14.27 15.07
CA LEU C 81 48.79 -13.10 14.37
C LEU C 81 48.19 -12.93 12.98
N GLU C 82 47.66 -13.99 12.39
CA GLU C 82 47.08 -13.95 11.06
C GLU C 82 45.57 -14.09 11.18
N GLN C 83 44.87 -13.05 10.70
CA GLN C 83 43.38 -13.06 10.75
C GLN C 83 42.87 -12.21 9.59
N THR C 84 41.77 -12.60 8.98
CA THR C 84 41.15 -11.86 7.89
C THR C 84 39.74 -12.39 7.66
N CYS C 85 38.95 -11.60 6.94
CA CYS C 85 37.60 -11.99 6.54
C CYS C 85 37.41 -11.63 5.07
N PRO C 86 36.64 -12.42 4.34
CA PRO C 86 36.48 -12.16 2.90
C PRO C 86 35.32 -11.24 2.58
N ASP C 87 35.16 -10.93 1.30
CA ASP C 87 34.05 -10.10 0.82
C ASP C 87 33.10 -10.98 0.02
N THR C 88 31.80 -10.81 0.28
CA THR C 88 30.80 -11.62 -0.40
C THR C 88 30.79 -11.32 -1.90
N LYS C 89 30.55 -12.36 -2.69
CA LYS C 89 30.49 -12.22 -4.14
C LYS C 89 29.09 -11.78 -4.56
N ASP C 90 29.03 -10.89 -5.54
CA ASP C 90 27.75 -10.40 -6.02
C ASP C 90 26.95 -11.53 -6.67
N LYS C 91 25.68 -11.63 -6.31
CA LYS C 91 24.79 -12.65 -6.85
C LYS C 91 24.13 -12.10 -8.11
N TYR C 92 24.56 -12.62 -9.27
CA TYR C 92 23.99 -12.15 -10.53
C TYR C 92 22.52 -12.54 -10.63
N HIS C 93 21.77 -11.75 -11.40
CA HIS C 93 20.33 -11.93 -11.51
C HIS C 93 19.93 -12.07 -12.97
N GLN C 94 18.99 -12.96 -13.22
CA GLN C 94 18.49 -13.17 -14.57
C GLN C 94 17.65 -11.98 -15.03
N GLU C 95 17.57 -11.81 -16.35
CA GLU C 95 16.78 -10.73 -16.91
C GLU C 95 16.23 -11.18 -18.26
N GLY C 96 15.15 -10.53 -18.69
CA GLY C 96 14.54 -10.87 -19.95
C GLY C 96 13.28 -10.09 -20.18
N ILE C 97 12.60 -10.42 -21.27
CA ILE C 97 11.36 -9.74 -21.64
C ILE C 97 10.21 -10.36 -20.86
N LEU C 98 9.36 -9.50 -20.29
CA LEU C 98 8.21 -9.94 -19.50
C LEU C 98 6.95 -9.30 -20.06
N LEU C 99 5.92 -10.12 -20.28
CA LEU C 99 4.64 -9.65 -20.78
C LEU C 99 3.53 -10.11 -19.84
N VAL C 100 2.61 -9.21 -19.52
CA VAL C 100 1.47 -9.52 -18.69
C VAL C 100 0.26 -9.76 -19.58
N TYR C 101 -0.77 -10.37 -19.01
CA TYR C 101 -1.98 -10.68 -19.77
C TYR C 101 -3.17 -10.67 -18.82
N LYS C 102 -3.92 -9.58 -18.84
CA LYS C 102 -5.13 -9.46 -18.02
C LYS C 102 -6.28 -10.23 -18.64
N LYS C 103 -7.32 -10.46 -17.84
CA LYS C 103 -8.49 -11.18 -18.31
C LYS C 103 -9.39 -10.24 -19.11
N ASN C 104 -9.76 -10.66 -20.31
CA ASN C 104 -10.58 -9.83 -21.18
C ASN C 104 -12.00 -9.71 -20.64
N ILE C 105 -12.58 -8.52 -20.81
CA ILE C 105 -13.95 -8.26 -20.38
C ILE C 105 -14.79 -7.63 -21.48
N VAL C 106 -14.22 -7.38 -22.64
CA VAL C 106 -14.99 -6.77 -23.74
C VAL C 106 -15.97 -7.80 -24.29
N PRO C 107 -17.26 -7.51 -24.35
CA PRO C 107 -18.23 -8.49 -24.85
C PRO C 107 -18.06 -8.75 -26.34
N HIS C 108 -18.45 -9.95 -26.75
CA HIS C 108 -18.41 -10.33 -28.16
C HIS C 108 -19.42 -9.51 -28.94
N ILE C 109 -19.05 -9.08 -30.14
CA ILE C 109 -19.89 -8.23 -30.97
C ILE C 109 -20.04 -8.88 -32.34
N PHE C 110 -21.28 -8.99 -32.80
CA PHE C 110 -21.57 -9.53 -34.13
C PHE C 110 -22.87 -8.92 -34.64
N LYS C 111 -23.06 -8.99 -35.95
CA LYS C 111 -24.23 -8.41 -36.60
C LYS C 111 -25.34 -9.44 -36.72
N VAL C 112 -26.59 -8.98 -36.58
CA VAL C 112 -27.75 -9.84 -36.63
C VAL C 112 -28.82 -9.16 -37.48
N ARG C 113 -29.50 -9.93 -38.32
CA ARG C 113 -30.58 -9.44 -39.17
C ARG C 113 -31.91 -9.96 -38.65
N ARG C 114 -32.92 -9.10 -38.64
CA ARG C 114 -34.23 -9.43 -38.09
C ARG C 114 -35.32 -9.21 -39.15
N TYR C 115 -36.27 -10.15 -39.19
CA TYR C 115 -37.43 -10.06 -40.07
C TYR C 115 -38.69 -10.09 -39.24
N ARG C 116 -39.68 -9.28 -39.65
CA ARG C 116 -40.93 -9.20 -38.91
C ARG C 116 -42.06 -8.77 -39.85
N LYS C 117 -43.22 -9.40 -39.67
CA LYS C 117 -44.42 -9.08 -40.44
C LYS C 117 -45.38 -8.30 -39.56
N ILE C 118 -45.88 -7.18 -40.07
CA ILE C 118 -46.75 -6.29 -39.33
C ILE C 118 -48.06 -6.13 -40.08
N ALA C 119 -49.17 -6.33 -39.38
CA ALA C 119 -50.51 -6.13 -39.92
C ALA C 119 -51.27 -5.16 -39.02
N THR C 120 -51.86 -4.14 -39.61
CA THR C 120 -52.56 -3.10 -38.86
C THR C 120 -53.83 -2.70 -39.59
N SER C 121 -54.84 -2.30 -38.80
CA SER C 121 -56.11 -1.85 -39.35
C SER C 121 -56.54 -0.58 -38.61
N VAL C 122 -57.31 0.25 -39.30
CA VAL C 122 -57.84 1.49 -38.74
C VAL C 122 -59.33 1.55 -39.03
N THR C 123 -60.12 1.88 -38.01
CA THR C 123 -61.57 1.96 -38.12
C THR C 123 -62.00 3.33 -37.58
N VAL C 124 -61.98 4.34 -38.45
CA VAL C 124 -62.36 5.71 -38.08
C VAL C 124 -63.40 6.19 -39.09
N TYR C 125 -64.67 5.93 -38.80
CA TYR C 125 -65.77 6.49 -39.58
C TYR C 125 -66.97 6.82 -38.69
N ARG C 126 -66.71 7.17 -37.43
CA ARG C 126 -67.80 7.42 -36.49
C ARG C 126 -68.64 8.61 -36.92
N GLY C 127 -69.94 8.53 -36.68
CA GLY C 127 -70.84 9.58 -37.12
C GLY C 127 -70.84 9.70 -38.62
N HIS C 128 -70.67 10.93 -39.12
CA HIS C 128 -70.59 11.14 -40.56
C HIS C 128 -69.23 10.72 -41.09
N ARG C 129 -68.16 11.37 -40.61
CA ARG C 129 -66.81 11.04 -41.04
C ARG C 129 -65.85 11.45 -39.93
N GLU C 130 -65.39 10.46 -39.16
CA GLU C 130 -64.46 10.70 -38.06
C GLU C 130 -63.04 10.30 -38.46
N SER C 131 -62.08 10.74 -37.65
CA SER C 131 -60.68 10.45 -37.87
C SER C 131 -60.04 9.95 -36.58
N ALA C 132 -59.21 8.92 -36.69
CA ALA C 132 -58.50 8.33 -35.56
C ALA C 132 -59.47 7.94 -34.44
N ILE C 133 -60.61 7.37 -34.82
CA ILE C 133 -61.59 6.94 -33.83
C ILE C 133 -61.06 5.78 -33.01
N THR C 134 -60.48 4.78 -33.67
CA THR C 134 -59.94 3.61 -32.98
C THR C 134 -58.91 2.94 -33.87
N ASN C 135 -58.05 2.15 -33.25
CA ASN C 135 -57.02 1.39 -33.94
C ASN C 135 -57.16 -0.09 -33.63
N LYS C 136 -56.60 -0.92 -34.49
CA LYS C 136 -56.67 -2.36 -34.33
C LYS C 136 -55.59 -2.84 -33.37
N TYR C 137 -55.50 -4.16 -33.21
CA TYR C 137 -54.50 -4.73 -32.32
C TYR C 137 -53.09 -4.49 -32.82
N GLU C 138 -52.91 -4.40 -34.14
CA GLU C 138 -51.59 -4.20 -34.75
C GLU C 138 -50.60 -5.28 -34.30
N LEU C 139 -51.08 -6.51 -34.24
CA LEU C 139 -50.26 -7.61 -33.76
C LEU C 139 -49.20 -7.98 -34.80
N PRO C 140 -47.91 -7.94 -34.45
CA PRO C 140 -46.88 -8.37 -35.39
C PRO C 140 -46.65 -9.86 -35.31
N ARG C 141 -46.27 -10.44 -36.44
CA ARG C 141 -46.07 -11.87 -36.55
C ARG C 141 -44.72 -12.18 -37.19
N PRO C 142 -44.12 -13.31 -36.85
CA PRO C 142 -42.85 -13.69 -37.48
C PRO C 142 -43.05 -14.01 -38.95
N VAL C 143 -42.00 -13.79 -39.73
CA VAL C 143 -42.06 -14.06 -41.17
C VAL C 143 -42.08 -15.56 -41.39
N PRO C 144 -43.11 -16.09 -42.05
CA PRO C 144 -43.17 -17.54 -42.29
C PRO C 144 -42.17 -17.96 -43.35
N LEU C 145 -41.85 -19.25 -43.35
CA LEU C 145 -40.91 -19.85 -44.29
C LEU C 145 -41.63 -20.62 -45.39
N TYR C 146 -42.78 -20.13 -45.82
CA TYR C 146 -43.47 -20.75 -46.95
C TYR C 146 -42.60 -20.72 -48.20
N GLU C 147 -41.96 -19.57 -48.45
CA GLU C 147 -40.95 -19.44 -49.48
C GLU C 147 -39.54 -19.50 -48.91
N ILE C 148 -39.41 -19.90 -47.63
CA ILE C 148 -38.15 -19.95 -46.92
C ILE C 148 -37.51 -18.56 -46.89
N SER C 149 -38.35 -17.52 -47.01
CA SER C 149 -37.89 -16.13 -47.03
C SER C 149 -36.83 -15.91 -48.11
N HIS C 150 -36.89 -16.71 -49.18
CA HIS C 150 -35.90 -16.57 -50.26
C HIS C 150 -36.03 -15.23 -50.96
N MET C 151 -37.27 -14.79 -51.21
CA MET C 151 -37.48 -13.49 -51.86
C MET C 151 -36.95 -12.36 -50.99
N ASP C 152 -37.19 -12.43 -49.68
CA ASP C 152 -36.67 -11.42 -48.77
C ASP C 152 -35.15 -11.45 -48.75
N SER C 153 -34.56 -12.65 -48.75
CA SER C 153 -33.11 -12.76 -48.78
C SER C 153 -32.53 -12.16 -50.04
N THR C 154 -33.24 -12.30 -51.17
CA THR C 154 -32.82 -11.67 -52.41
C THR C 154 -32.87 -10.16 -52.35
N TYR C 155 -33.55 -9.58 -51.34
CA TYR C 155 -33.65 -8.14 -51.15
C TYR C 155 -34.25 -7.45 -52.38
N GLN C 156 -35.18 -8.13 -53.06
CA GLN C 156 -35.83 -7.59 -54.23
C GLN C 156 -37.34 -7.44 -54.04
N CYS C 157 -38.00 -8.45 -53.50
CA CYS C 157 -39.44 -8.41 -53.30
C CYS C 157 -39.80 -9.38 -52.19
N PHE C 158 -41.07 -9.35 -51.79
CA PHE C 158 -41.59 -10.23 -50.76
C PHE C 158 -43.07 -10.47 -51.00
N SER C 159 -43.57 -11.58 -50.47
CA SER C 159 -44.96 -11.96 -50.62
C SER C 159 -45.78 -11.33 -49.49
N SER C 160 -46.70 -10.45 -49.85
CA SER C 160 -47.54 -9.77 -48.89
C SER C 160 -48.75 -10.65 -48.55
N MET C 161 -49.71 -10.08 -47.83
CA MET C 161 -50.95 -10.77 -47.45
C MET C 161 -50.66 -12.05 -46.66
N LYS C 162 -50.02 -11.87 -45.51
CA LYS C 162 -49.72 -12.99 -44.63
C LYS C 162 -50.99 -13.56 -44.03
N VAL C 163 -51.06 -14.89 -43.97
CA VAL C 163 -52.22 -15.59 -43.42
C VAL C 163 -51.75 -16.38 -42.20
N ASN C 164 -52.26 -16.00 -41.03
CA ASN C 164 -51.89 -16.65 -39.78
C ASN C 164 -52.80 -16.14 -38.67
N VAL C 165 -53.29 -17.06 -37.83
CA VAL C 165 -54.10 -16.72 -36.66
C VAL C 165 -54.17 -17.93 -35.74
N ASN C 166 -54.41 -17.67 -34.45
CA ASN C 166 -54.52 -18.77 -33.49
C ASN C 166 -55.78 -19.59 -33.71
N GLY C 167 -56.88 -18.96 -34.11
CA GLY C 167 -58.12 -19.65 -34.35
C GLY C 167 -58.16 -20.39 -35.66
N VAL C 168 -58.10 -19.64 -36.77
CA VAL C 168 -58.09 -20.23 -38.10
C VAL C 168 -57.36 -19.28 -39.03
N GLU C 169 -56.71 -19.85 -40.05
CA GLU C 169 -55.91 -19.06 -40.99
C GLU C 169 -56.76 -18.08 -41.77
N ASN C 170 -56.58 -16.79 -41.52
CA ASN C 170 -57.29 -15.73 -42.23
C ASN C 170 -56.27 -14.76 -42.81
N THR C 171 -56.47 -14.40 -44.07
CA THR C 171 -55.54 -13.53 -44.79
C THR C 171 -55.93 -12.07 -44.59
N PHE C 172 -54.95 -11.26 -44.18
CA PHE C 172 -55.13 -9.83 -44.00
C PHE C 172 -54.22 -9.10 -44.99
N THR C 173 -54.79 -8.13 -45.71
CA THR C 173 -54.05 -7.37 -46.70
C THR C 173 -54.83 -6.10 -47.02
N ASP C 174 -54.43 -5.42 -48.09
CA ASP C 174 -55.11 -4.22 -48.58
C ASP C 174 -56.05 -4.53 -49.73
N ARG C 175 -56.73 -5.68 -49.65
CA ARG C 175 -57.62 -6.18 -50.70
C ARG C 175 -56.85 -6.43 -51.99
N ASP C 176 -55.89 -7.34 -51.90
CA ASP C 176 -55.05 -7.72 -53.02
C ASP C 176 -54.89 -9.24 -53.01
N ASP C 177 -53.94 -9.73 -53.81
CA ASP C 177 -53.71 -11.16 -53.92
C ASP C 177 -53.11 -11.71 -52.63
N VAL C 178 -53.33 -13.01 -52.41
CA VAL C 178 -52.82 -13.67 -51.20
C VAL C 178 -51.30 -13.76 -51.25
N ASN C 179 -50.73 -14.03 -52.42
CA ASN C 179 -49.30 -14.19 -52.59
C ASN C 179 -48.74 -13.13 -53.53
N THR C 180 -49.28 -11.91 -53.46
CA THR C 180 -48.78 -10.83 -54.28
C THR C 180 -47.37 -10.43 -53.84
N THR C 181 -46.56 -10.02 -54.82
CA THR C 181 -45.18 -9.66 -54.56
C THR C 181 -45.04 -8.14 -54.56
N VAL C 182 -44.38 -7.61 -53.52
CA VAL C 182 -44.15 -6.18 -53.37
C VAL C 182 -42.65 -5.95 -53.26
N PHE C 183 -42.14 -5.01 -54.04
CA PHE C 183 -40.70 -4.74 -54.05
C PHE C 183 -40.29 -3.99 -52.80
N LEU C 184 -39.22 -4.47 -52.16
CA LEU C 184 -38.70 -3.80 -50.97
C LEU C 184 -37.89 -2.57 -51.37
N GLN C 185 -37.65 -1.70 -50.39
CA GLN C 185 -36.90 -0.47 -50.61
C GLN C 185 -36.27 -0.04 -49.29
N PRO C 186 -35.15 0.67 -49.32
CA PRO C 186 -34.54 1.17 -48.08
C PRO C 186 -35.06 2.54 -47.71
N VAL C 187 -35.22 2.75 -46.40
CA VAL C 187 -35.71 4.00 -45.86
C VAL C 187 -34.65 4.59 -44.93
N GLU C 188 -34.34 5.87 -45.12
CA GLU C 188 -33.34 6.52 -44.30
C GLU C 188 -33.85 6.73 -42.88
N GLY C 189 -32.91 6.91 -41.96
CA GLY C 189 -33.26 7.12 -40.56
C GLY C 189 -32.14 7.85 -39.84
N LEU C 190 -32.43 8.21 -38.59
CA LEU C 190 -31.48 8.93 -37.75
C LEU C 190 -30.57 7.96 -36.98
N THR C 191 -29.93 7.08 -37.75
CA THR C 191 -29.03 6.09 -37.17
C THR C 191 -28.00 5.70 -38.21
N ASP C 192 -26.76 5.49 -37.77
CA ASP C 192 -25.66 5.12 -38.66
C ASP C 192 -25.43 3.61 -38.69
N ASN C 193 -26.24 2.82 -37.99
CA ASN C 193 -26.04 1.38 -37.96
C ASN C 193 -27.33 0.59 -38.09
N ILE C 194 -28.45 1.24 -38.42
CA ILE C 194 -29.74 0.58 -38.57
C ILE C 194 -30.24 0.91 -39.98
N GLN C 195 -29.94 0.02 -40.93
CA GLN C 195 -30.38 0.20 -42.31
C GLN C 195 -31.71 -0.53 -42.52
N ARG C 196 -32.76 0.08 -41.95
CA ARG C 196 -34.09 -0.51 -42.04
C ARG C 196 -34.62 -0.45 -43.45
N TYR C 197 -35.27 -1.53 -43.88
CA TYR C 197 -35.90 -1.62 -45.19
C TYR C 197 -37.40 -1.77 -45.00
N PHE C 198 -38.17 -0.95 -45.70
CA PHE C 198 -39.61 -0.89 -45.52
C PHE C 198 -40.33 -1.16 -46.84
N SER C 199 -41.44 -1.89 -46.75
CA SER C 199 -42.34 -2.12 -47.87
C SER C 199 -43.75 -1.78 -47.39
N GLN C 200 -44.48 -1.00 -48.18
CA GLN C 200 -45.79 -0.48 -47.81
C GLN C 200 -45.65 0.30 -46.51
N PRO C 201 -44.95 1.46 -46.53
CA PRO C 201 -44.75 2.21 -45.29
C PRO C 201 -45.89 3.19 -45.00
N VAL C 202 -46.63 3.58 -46.04
CA VAL C 202 -47.72 4.52 -45.86
C VAL C 202 -48.85 3.86 -45.08
N ILE C 203 -49.57 4.68 -44.31
CA ILE C 203 -50.66 4.21 -43.46
C ILE C 203 -51.78 3.66 -44.33
N TYR C 204 -52.73 2.96 -43.72
CA TYR C 204 -53.81 2.32 -44.44
C TYR C 204 -54.63 3.34 -45.23
N ALA C 205 -55.52 2.82 -46.08
CA ALA C 205 -56.30 3.67 -46.97
C ALA C 205 -57.10 4.71 -46.19
N GLU C 206 -57.84 4.27 -45.17
CA GLU C 206 -58.66 5.13 -44.34
C GLU C 206 -59.57 6.00 -45.22
N PRO C 207 -60.61 5.41 -45.84
CA PRO C 207 -61.45 6.21 -46.75
C PRO C 207 -62.07 7.43 -46.09
N GLY C 208 -62.50 7.32 -44.84
CA GLY C 208 -63.10 8.45 -44.16
C GLY C 208 -64.37 8.97 -44.79
N ARG C 209 -65.07 8.14 -45.56
CA ARG C 209 -66.29 8.55 -46.22
C ARG C 209 -67.46 8.49 -45.23
N VAL C 210 -68.67 8.73 -45.73
CA VAL C 210 -69.87 8.70 -44.90
C VAL C 210 -70.20 7.23 -44.63
N GLU C 211 -69.82 6.73 -43.47
CA GLU C 211 -70.09 5.36 -43.06
C GLU C 211 -70.84 5.35 -41.74
N ALA C 212 -71.68 4.32 -41.56
CA ALA C 212 -72.52 4.26 -40.38
C ALA C 212 -71.71 4.11 -39.10
N THR C 213 -70.81 3.12 -39.06
CA THR C 213 -70.07 2.84 -37.84
C THR C 213 -68.57 3.06 -37.99
N TYR C 214 -67.91 2.38 -38.93
CA TYR C 214 -66.47 2.47 -39.06
C TYR C 214 -66.04 1.92 -40.40
N ARG C 215 -64.77 2.14 -40.74
CA ARG C 215 -64.19 1.62 -41.97
C ARG C 215 -63.50 0.29 -41.70
N VAL C 216 -62.96 -0.33 -42.75
CA VAL C 216 -62.32 -1.63 -42.63
C VAL C 216 -60.97 -1.63 -43.34
N ARG C 217 -60.50 -0.44 -43.71
CA ARG C 217 -59.24 -0.33 -44.43
C ARG C 217 -58.08 -0.85 -43.57
N THR C 218 -57.23 -1.67 -44.19
CA THR C 218 -56.09 -2.26 -43.49
C THR C 218 -55.02 -2.62 -44.49
N THR C 219 -53.76 -2.57 -44.04
CA THR C 219 -52.61 -2.93 -44.86
C THR C 219 -51.64 -3.77 -44.03
N VAL C 220 -50.72 -4.43 -44.73
CA VAL C 220 -49.68 -5.23 -44.11
C VAL C 220 -48.33 -4.64 -44.47
N ASN C 221 -47.32 -5.00 -43.68
CA ASN C 221 -45.98 -4.46 -43.85
C ASN C 221 -44.94 -5.55 -43.64
N CYS C 222 -43.87 -5.49 -44.44
CA CYS C 222 -42.73 -6.38 -44.31
C CYS C 222 -41.54 -5.55 -43.83
N GLU C 223 -40.91 -5.98 -42.73
CA GLU C 223 -39.84 -5.23 -42.11
C GLU C 223 -38.56 -6.04 -42.07
N ILE C 224 -37.47 -5.46 -42.57
CA ILE C 224 -36.14 -6.04 -42.51
C ILE C 224 -35.24 -5.03 -41.80
N VAL C 225 -34.72 -5.42 -40.63
CA VAL C 225 -33.94 -4.53 -39.78
C VAL C 225 -32.57 -5.16 -39.56
N ASP C 226 -31.52 -4.35 -39.72
CA ASP C 226 -30.16 -4.77 -39.45
C ASP C 226 -29.73 -4.16 -38.12
N MET C 227 -29.29 -5.01 -37.19
CA MET C 227 -28.91 -4.57 -35.85
C MET C 227 -27.60 -5.24 -35.47
N ILE C 228 -27.11 -4.90 -34.27
CA ILE C 228 -25.87 -5.43 -33.73
C ILE C 228 -26.17 -6.08 -32.39
N ALA C 229 -25.62 -7.27 -32.17
CA ALA C 229 -25.86 -8.02 -30.95
C ALA C 229 -24.56 -8.19 -30.16
N ARG C 230 -24.69 -8.26 -28.84
CA ARG C 230 -23.55 -8.45 -27.96
C ARG C 230 -23.88 -9.53 -26.94
N SER C 231 -22.85 -10.29 -26.56
CA SER C 231 -22.99 -11.40 -25.63
C SER C 231 -21.89 -11.34 -24.59
N ALA C 232 -22.17 -11.91 -23.42
CA ALA C 232 -21.24 -11.89 -22.31
C ALA C 232 -20.17 -12.98 -22.48
N GLU C 233 -19.32 -13.14 -21.47
CA GLU C 233 -18.27 -14.14 -21.53
C GLU C 233 -18.78 -15.57 -21.66
N PRO C 234 -19.76 -16.03 -20.86
CA PRO C 234 -20.23 -17.41 -21.02
C PRO C 234 -20.82 -17.71 -22.38
N TYR C 235 -21.28 -16.71 -23.12
CA TYR C 235 -21.83 -16.87 -24.45
C TYR C 235 -23.00 -17.86 -24.47
N ASN C 236 -23.87 -17.76 -23.48
CA ASN C 236 -25.07 -18.58 -23.43
C ASN C 236 -26.33 -17.85 -23.87
N TYR C 237 -26.33 -16.52 -23.80
CA TYR C 237 -27.45 -15.70 -24.25
C TYR C 237 -26.92 -14.34 -24.65
N PHE C 238 -27.70 -13.63 -25.46
CA PHE C 238 -27.29 -12.33 -25.95
C PHE C 238 -28.51 -11.44 -26.17
N VAL C 239 -28.26 -10.14 -26.20
CA VAL C 239 -29.30 -9.14 -26.39
C VAL C 239 -28.89 -8.24 -27.56
N THR C 240 -29.82 -7.99 -28.47
CA THR C 240 -29.53 -7.16 -29.63
C THR C 240 -29.60 -5.68 -29.26
N SER C 241 -29.17 -4.84 -30.21
CA SER C 241 -29.18 -3.40 -29.98
C SER C 241 -30.60 -2.85 -29.89
N LEU C 242 -31.54 -3.45 -30.62
CA LEU C 242 -32.92 -2.97 -30.60
C LEU C 242 -33.52 -3.10 -29.20
N GLY C 243 -33.27 -4.22 -28.53
CA GLY C 243 -33.79 -4.41 -27.20
C GLY C 243 -34.28 -5.82 -26.93
N ASP C 244 -34.45 -6.60 -27.99
CA ASP C 244 -34.92 -7.98 -27.84
C ASP C 244 -33.86 -8.84 -27.16
N THR C 245 -34.31 -9.79 -26.35
CA THR C 245 -33.44 -10.69 -25.61
C THR C 245 -33.81 -12.13 -25.93
N VAL C 246 -32.81 -12.94 -26.26
CA VAL C 246 -33.00 -14.34 -26.59
C VAL C 246 -32.02 -15.17 -25.77
N GLU C 247 -32.48 -16.33 -25.30
CA GLU C 247 -31.70 -17.18 -24.39
C GLU C 247 -30.99 -18.32 -25.11
N VAL C 248 -30.51 -18.09 -26.33
CA VAL C 248 -29.77 -19.11 -27.06
C VAL C 248 -28.31 -18.69 -27.17
N SER C 249 -27.46 -19.69 -27.37
CA SER C 249 -26.02 -19.45 -27.45
C SER C 249 -25.65 -18.91 -28.83
N PRO C 250 -24.91 -17.81 -28.91
CA PRO C 250 -24.51 -17.28 -30.22
C PRO C 250 -23.70 -18.25 -31.05
N PHE C 251 -22.89 -19.10 -30.39
CA PHE C 251 -22.07 -20.08 -31.09
C PHE C 251 -22.81 -21.41 -31.09
N CYS C 252 -23.32 -21.80 -32.27
CA CYS C 252 -24.04 -23.05 -32.42
C CYS C 252 -24.00 -23.45 -33.88
N TYR C 253 -24.30 -24.73 -34.13
CA TYR C 253 -24.33 -25.34 -35.46
C TYR C 253 -22.99 -25.26 -36.17
N ASN C 254 -21.92 -24.94 -35.46
CA ASN C 254 -20.58 -24.87 -36.03
C ASN C 254 -19.60 -25.17 -34.91
N GLU C 255 -19.12 -26.42 -34.85
CA GLU C 255 -18.26 -26.90 -33.78
C GLU C 255 -18.91 -26.70 -32.42
N SER C 256 -20.23 -26.79 -32.36
CA SER C 256 -20.97 -26.61 -31.12
C SER C 256 -22.26 -27.42 -31.21
N SER C 257 -22.78 -27.76 -30.03
CA SER C 257 -23.99 -28.56 -29.91
C SER C 257 -25.22 -27.65 -29.81
N CYS C 258 -26.36 -28.24 -29.43
CA CYS C 258 -27.62 -27.52 -29.24
C CYS C 258 -28.08 -26.86 -30.54
N SER C 259 -27.90 -27.56 -31.66
CA SER C 259 -28.34 -27.06 -32.95
C SER C 259 -28.44 -28.23 -33.92
N THR C 260 -29.51 -28.27 -34.70
CA THR C 260 -29.73 -29.35 -35.64
C THR C 260 -30.64 -28.87 -36.76
N THR C 261 -30.68 -29.64 -37.85
CA THR C 261 -31.51 -29.29 -38.99
C THR C 261 -33.00 -29.18 -38.62
N PRO C 262 -33.61 -30.10 -37.88
CA PRO C 262 -35.01 -29.90 -37.49
C PRO C 262 -35.16 -28.70 -36.56
N SER C 263 -36.32 -28.06 -36.64
CA SER C 263 -36.62 -26.89 -35.83
C SER C 263 -37.39 -27.32 -34.60
N ASN C 264 -36.78 -27.16 -33.43
CA ASN C 264 -37.41 -27.54 -32.17
C ASN C 264 -36.70 -26.89 -30.99
N LYS C 265 -37.47 -26.24 -30.11
CA LYS C 265 -36.91 -25.59 -28.93
C LYS C 265 -38.06 -25.30 -27.98
N ASN C 266 -37.71 -24.86 -26.77
CA ASN C 266 -38.69 -24.49 -25.75
C ASN C 266 -39.12 -23.05 -26.00
N GLY C 267 -40.12 -22.91 -26.87
CA GLY C 267 -40.63 -21.61 -27.26
C GLY C 267 -39.95 -21.00 -28.47
N LEU C 268 -38.90 -21.64 -28.99
CA LEU C 268 -38.18 -21.13 -30.15
C LEU C 268 -38.11 -22.22 -31.22
N SER C 269 -37.35 -21.97 -32.28
CA SER C 269 -37.19 -22.92 -33.36
C SER C 269 -35.75 -23.39 -33.54
N VAL C 270 -34.79 -22.46 -33.58
CA VAL C 270 -33.38 -22.76 -33.74
C VAL C 270 -33.17 -23.62 -34.99
N GLN C 271 -33.46 -23.04 -36.15
CA GLN C 271 -33.32 -23.73 -37.42
C GLN C 271 -32.02 -23.33 -38.09
N VAL C 272 -31.32 -24.31 -38.65
CA VAL C 272 -30.05 -24.09 -39.35
C VAL C 272 -30.25 -24.39 -40.83
N VAL C 273 -29.69 -23.51 -41.67
CA VAL C 273 -29.74 -23.67 -43.12
C VAL C 273 -28.32 -23.77 -43.64
N LEU C 274 -28.10 -24.70 -44.56
CA LEU C 274 -26.78 -24.94 -45.14
C LEU C 274 -26.66 -24.14 -46.44
N ASN C 275 -25.66 -23.27 -46.50
CA ASN C 275 -25.40 -22.43 -47.68
C ASN C 275 -26.62 -21.59 -48.03
N HIS C 276 -26.99 -20.71 -47.11
CA HIS C 276 -28.17 -19.87 -47.31
C HIS C 276 -27.99 -18.91 -48.48
N THR C 277 -26.75 -18.44 -48.71
CA THR C 277 -26.44 -17.54 -49.82
C THR C 277 -27.28 -16.26 -49.76
N VAL C 278 -27.16 -15.57 -48.62
CA VAL C 278 -27.88 -14.31 -48.43
C VAL C 278 -27.23 -13.23 -49.29
N VAL C 279 -28.04 -12.51 -50.05
CA VAL C 279 -27.53 -11.41 -50.86
C VAL C 279 -26.91 -10.33 -49.97
N THR C 280 -27.60 -9.99 -48.89
CA THR C 280 -27.12 -9.04 -47.88
C THR C 280 -26.79 -7.68 -48.46
N TYR C 281 -27.38 -7.31 -49.59
CA TYR C 281 -27.13 -6.01 -50.21
C TYR C 281 -28.42 -5.57 -50.92
N SER C 282 -29.23 -4.79 -50.21
CA SER C 282 -30.46 -4.27 -50.80
C SER C 282 -30.20 -3.11 -51.75
N ASP C 283 -29.20 -2.28 -51.47
CA ASP C 283 -28.90 -1.14 -52.31
C ASP C 283 -28.45 -1.58 -53.70
N ARG C 284 -27.61 -2.61 -53.77
CA ARG C 284 -27.11 -3.11 -55.05
C ARG C 284 -26.87 -4.61 -54.90
N GLY C 285 -27.65 -5.40 -55.64
CA GLY C 285 -27.51 -6.84 -55.55
C GLY C 285 -26.13 -7.30 -55.98
N THR C 286 -25.60 -8.31 -55.27
CA THR C 286 -24.27 -8.83 -55.57
C THR C 286 -24.31 -10.35 -55.65
N SER C 287 -23.14 -10.99 -55.73
CA SER C 287 -23.02 -12.44 -55.81
C SER C 287 -22.04 -12.91 -54.74
N PRO C 288 -22.49 -12.98 -53.49
CA PRO C 288 -21.61 -13.38 -52.39
C PRO C 288 -21.56 -14.90 -52.23
N THR C 289 -20.63 -15.33 -51.39
CA THR C 289 -20.46 -16.76 -51.13
C THR C 289 -21.64 -17.29 -50.31
N PRO C 290 -22.04 -18.54 -50.53
CA PRO C 290 -23.15 -19.13 -49.75
C PRO C 290 -22.71 -19.53 -48.34
N GLN C 291 -22.51 -18.53 -47.50
CA GLN C 291 -22.10 -18.77 -46.13
C GLN C 291 -23.24 -19.39 -45.32
N ASN C 292 -22.86 -20.16 -44.30
CA ASN C 292 -23.86 -20.79 -43.45
C ASN C 292 -24.55 -19.76 -42.57
N ARG C 293 -25.78 -20.09 -42.16
CA ARG C 293 -26.57 -19.19 -41.32
C ARG C 293 -27.60 -20.01 -40.57
N ILE C 294 -28.15 -19.40 -39.52
CA ILE C 294 -29.18 -20.04 -38.71
C ILE C 294 -30.30 -19.04 -38.46
N PHE C 295 -31.46 -19.58 -38.10
CA PHE C 295 -32.64 -18.76 -37.82
C PHE C 295 -33.27 -19.17 -36.50
N VAL C 296 -33.86 -18.20 -35.83
CA VAL C 296 -34.61 -18.41 -34.59
C VAL C 296 -35.95 -17.71 -34.76
N GLU C 297 -37.04 -18.48 -34.69
CA GLU C 297 -38.38 -17.96 -34.86
C GLU C 297 -39.01 -17.74 -33.50
N THR C 298 -39.13 -16.48 -33.09
CA THR C 298 -39.73 -16.13 -31.81
C THR C 298 -41.25 -16.07 -31.99
N GLY C 299 -41.95 -15.54 -30.97
CA GLY C 299 -43.39 -15.39 -31.07
C GLY C 299 -43.84 -14.25 -31.94
N ALA C 300 -42.96 -13.29 -32.23
CA ALA C 300 -43.33 -12.14 -33.04
C ALA C 300 -42.30 -11.77 -34.11
N TYR C 301 -41.12 -12.37 -34.14
CA TYR C 301 -40.10 -11.99 -35.10
C TYR C 301 -39.13 -13.14 -35.29
N THR C 302 -38.29 -13.03 -36.32
CA THR C 302 -37.26 -14.01 -36.63
C THR C 302 -35.91 -13.32 -36.70
N LEU C 303 -34.91 -13.91 -36.06
CA LEU C 303 -33.56 -13.36 -36.02
C LEU C 303 -32.60 -14.30 -36.75
N SER C 304 -31.64 -13.71 -37.47
CA SER C 304 -30.67 -14.48 -38.24
C SER C 304 -29.27 -13.91 -38.03
N TRP C 305 -28.30 -14.81 -37.92
CA TRP C 305 -26.91 -14.40 -37.79
C TRP C 305 -26.01 -15.54 -38.24
N ALA C 306 -24.82 -15.17 -38.73
CA ALA C 306 -23.87 -16.17 -39.20
C ALA C 306 -23.33 -17.00 -38.04
N SER C 307 -23.08 -18.28 -38.32
CA SER C 307 -22.60 -19.21 -37.30
C SER C 307 -21.08 -19.19 -37.25
N GLU C 308 -20.55 -19.19 -36.04
CA GLU C 308 -19.10 -19.21 -35.82
C GLU C 308 -18.80 -20.05 -34.58
N SER C 309 -17.61 -20.64 -34.58
CA SER C 309 -17.19 -21.49 -33.47
C SER C 309 -16.78 -20.64 -32.27
N LYS C 310 -16.92 -21.22 -31.07
CA LYS C 310 -16.49 -20.53 -29.87
C LYS C 310 -14.99 -20.25 -29.91
N THR C 311 -14.20 -21.24 -30.33
CA THR C 311 -12.77 -21.05 -30.49
C THR C 311 -12.48 -20.30 -31.79
N THR C 312 -11.25 -19.78 -31.88
CA THR C 312 -10.76 -19.05 -33.05
C THR C 312 -11.56 -17.79 -33.32
N ALA C 313 -12.50 -17.46 -32.45
CA ALA C 313 -13.30 -16.23 -32.58
C ALA C 313 -13.07 -15.29 -31.41
N VAL C 314 -13.25 -15.76 -30.17
CA VAL C 314 -13.08 -14.92 -28.98
C VAL C 314 -12.58 -15.81 -27.85
N CYS C 315 -11.46 -15.42 -27.24
CA CYS C 315 -10.92 -16.09 -26.07
C CYS C 315 -10.48 -15.04 -25.07
N PRO C 316 -10.59 -15.32 -23.77
CA PRO C 316 -10.39 -14.27 -22.74
C PRO C 316 -8.97 -14.04 -22.24
N LEU C 317 -8.16 -13.40 -23.08
CA LEU C 317 -6.81 -12.99 -22.69
C LEU C 317 -6.40 -11.83 -23.57
N ALA C 318 -6.16 -10.66 -22.96
CA ALA C 318 -5.77 -9.46 -23.67
C ALA C 318 -4.48 -8.89 -23.08
N LEU C 319 -3.57 -8.47 -23.96
CA LEU C 319 -2.30 -7.93 -23.51
C LEU C 319 -2.51 -6.58 -22.83
N TRP C 320 -1.78 -6.37 -21.73
CA TRP C 320 -1.86 -5.13 -20.97
C TRP C 320 -0.63 -4.25 -21.15
N LYS C 321 0.56 -4.79 -20.90
CA LYS C 321 1.79 -4.02 -21.01
C LYS C 321 2.94 -4.95 -21.34
N THR C 322 4.01 -4.36 -21.86
CA THR C 322 5.23 -5.10 -22.17
C THR C 322 6.43 -4.38 -21.55
N PHE C 323 7.28 -5.14 -20.87
CA PHE C 323 8.47 -4.59 -20.21
C PHE C 323 9.71 -5.22 -20.80
N PRO C 324 10.44 -4.52 -21.68
CA PRO C 324 11.65 -5.11 -22.27
C PRO C 324 12.73 -5.43 -21.25
N ARG C 325 12.73 -4.78 -20.09
CA ARG C 325 13.74 -5.02 -19.06
C ARG C 325 13.04 -5.40 -17.77
N SER C 326 13.40 -6.56 -17.22
CA SER C 326 12.85 -7.03 -15.96
C SER C 326 13.88 -7.93 -15.30
N ILE C 327 13.71 -8.11 -13.99
CA ILE C 327 14.63 -8.92 -13.18
C ILE C 327 13.83 -9.99 -12.47
N GLN C 328 14.31 -11.23 -12.53
CA GLN C 328 13.69 -12.36 -11.84
C GLN C 328 14.61 -12.79 -10.70
N THR C 329 14.08 -12.79 -9.49
CA THR C 329 14.83 -13.20 -8.30
C THR C 329 14.13 -14.38 -7.68
N THR C 330 14.86 -15.47 -7.48
CA THR C 330 14.29 -16.65 -6.85
C THR C 330 14.16 -16.44 -5.34
N HIS C 331 13.35 -17.28 -4.72
CA HIS C 331 13.10 -17.19 -3.29
C HIS C 331 12.87 -18.60 -2.75
N GLU C 332 12.32 -18.70 -1.56
CA GLU C 332 12.11 -20.01 -0.93
C GLU C 332 11.16 -20.87 -1.76
N ASP C 333 9.98 -20.33 -2.09
CA ASP C 333 9.01 -21.10 -2.85
C ASP C 333 8.27 -20.27 -3.89
N SER C 334 8.85 -19.17 -4.37
CA SER C 334 8.16 -18.34 -5.34
C SER C 334 9.18 -17.49 -6.08
N PHE C 335 8.76 -16.99 -7.24
CA PHE C 335 9.57 -16.09 -8.05
C PHE C 335 9.16 -14.65 -7.80
N HIS C 336 9.95 -13.72 -8.33
CA HIS C 336 9.68 -12.30 -8.19
C HIS C 336 10.11 -11.61 -9.48
N PHE C 337 9.15 -11.09 -10.23
CA PHE C 337 9.41 -10.35 -11.46
C PHE C 337 9.22 -8.87 -11.18
N VAL C 338 10.24 -8.07 -11.50
CA VAL C 338 10.25 -6.65 -11.18
C VAL C 338 9.99 -5.86 -12.45
N ALA C 339 9.02 -4.94 -12.39
CA ALA C 339 8.70 -4.03 -13.49
C ALA C 339 8.72 -2.62 -12.89
N ASN C 340 9.88 -1.96 -12.97
CA ASN C 340 10.04 -0.66 -12.34
C ASN C 340 9.48 0.49 -13.16
N GLU C 341 9.00 0.23 -14.38
CA GLU C 341 8.36 1.28 -15.15
C GLU C 341 7.04 1.73 -14.54
N ILE C 342 6.39 0.86 -13.75
CA ILE C 342 5.14 1.20 -13.08
C ILE C 342 5.29 0.94 -11.59
N THR C 343 6.50 0.58 -11.17
CA THR C 343 6.82 0.30 -9.77
C THR C 343 5.89 -0.78 -9.20
N ALA C 344 6.00 -1.97 -9.78
CA ALA C 344 5.19 -3.11 -9.35
C ALA C 344 6.03 -4.38 -9.45
N THR C 345 5.66 -5.37 -8.63
CA THR C 345 6.34 -6.65 -8.60
C THR C 345 5.29 -7.77 -8.57
N PHE C 346 5.43 -8.73 -9.47
CA PHE C 346 4.50 -9.85 -9.57
C PHE C 346 5.16 -11.12 -9.06
N THR C 347 4.43 -11.87 -8.24
CA THR C 347 4.92 -13.10 -7.64
C THR C 347 4.14 -14.28 -8.20
N ALA C 348 4.85 -15.37 -8.48
CA ALA C 348 4.28 -16.58 -9.03
C ALA C 348 4.89 -17.79 -8.35
N PRO C 349 4.19 -18.91 -8.30
CA PRO C 349 4.76 -20.13 -7.71
C PRO C 349 5.96 -20.61 -8.51
N LEU C 350 6.84 -21.34 -7.83
CA LEU C 350 8.07 -21.80 -8.46
C LEU C 350 7.79 -22.71 -9.65
N THR C 351 6.80 -23.61 -9.52
CA THR C 351 6.46 -24.49 -10.62
C THR C 351 5.75 -23.71 -11.72
N PRO C 352 6.08 -23.97 -12.99
CA PRO C 352 5.38 -23.29 -14.09
C PRO C 352 3.95 -23.79 -14.21
N VAL C 353 3.05 -23.22 -13.40
CA VAL C 353 1.67 -23.69 -13.33
C VAL C 353 1.04 -23.75 -14.71
N ALA C 354 1.37 -22.79 -15.59
CA ALA C 354 0.88 -22.80 -16.95
C ALA C 354 1.65 -23.84 -17.78
N ASN C 355 1.49 -25.10 -17.39
CA ASN C 355 2.14 -26.20 -18.08
C ASN C 355 1.46 -26.57 -19.39
N PHE C 356 0.21 -26.12 -19.57
CA PHE C 356 -0.54 -26.43 -20.79
C PHE C 356 -1.03 -25.14 -21.44
N THR C 357 -0.13 -24.17 -21.63
CA THR C 357 -0.50 -22.91 -22.24
C THR C 357 -0.81 -23.04 -23.73
N ASP C 358 -0.80 -24.25 -24.28
CA ASP C 358 -1.18 -24.47 -25.67
C ASP C 358 -2.69 -24.50 -25.87
N THR C 359 -3.47 -24.62 -24.80
CA THR C 359 -4.91 -24.56 -24.93
C THR C 359 -5.37 -23.19 -25.43
N TYR C 360 -4.73 -22.12 -24.95
CA TYR C 360 -5.02 -20.79 -25.42
C TYR C 360 -4.42 -20.60 -26.81
N SER C 361 -5.02 -21.25 -27.81
CA SER C 361 -4.44 -21.28 -29.15
C SER C 361 -4.46 -19.94 -29.84
N CYS C 362 -5.25 -18.97 -29.36
CA CYS C 362 -5.30 -17.67 -30.02
C CYS C 362 -3.94 -16.98 -29.96
N LEU C 363 -3.36 -16.88 -28.77
CA LEU C 363 -2.16 -16.07 -28.56
C LEU C 363 -0.92 -16.67 -29.17
N THR C 364 -0.96 -17.93 -29.64
CA THR C 364 0.23 -18.53 -30.23
C THR C 364 0.68 -17.80 -31.48
N SER C 365 -0.17 -16.99 -32.09
CA SER C 365 0.16 -16.26 -33.31
C SER C 365 0.44 -14.78 -33.06
N ASP C 366 0.31 -14.29 -31.83
CA ASP C 366 0.57 -12.89 -31.54
C ASP C 366 1.64 -12.69 -30.48
N ILE C 367 1.71 -13.55 -29.47
CA ILE C 367 2.80 -13.45 -28.51
C ILE C 367 4.13 -13.70 -29.21
N ASN C 368 4.13 -14.55 -30.24
CA ASN C 368 5.33 -14.77 -31.03
C ASN C 368 5.76 -13.49 -31.72
N THR C 369 4.81 -12.76 -32.30
CA THR C 369 5.14 -11.51 -32.99
C THR C 369 5.65 -10.46 -32.00
N THR C 370 5.00 -10.32 -30.85
CA THR C 370 5.44 -9.33 -29.87
C THR C 370 6.84 -9.67 -29.35
N LEU C 371 7.08 -10.95 -29.05
CA LEU C 371 8.41 -11.36 -28.59
C LEU C 371 9.45 -11.14 -29.67
N ASN C 372 9.11 -11.42 -30.93
CA ASN C 372 10.04 -11.20 -32.03
C ASN C 372 10.39 -9.72 -32.14
N ALA C 373 9.40 -8.85 -32.06
CA ALA C 373 9.66 -7.42 -32.14
C ALA C 373 10.53 -6.95 -30.99
N SER C 374 10.19 -7.37 -29.76
CA SER C 374 10.97 -6.93 -28.60
C SER C 374 12.40 -7.43 -28.66
N LYS C 375 12.61 -8.70 -29.04
CA LYS C 375 13.95 -9.22 -29.11
C LYS C 375 14.72 -8.61 -30.28
N ALA C 376 14.05 -8.27 -31.37
CA ALA C 376 14.72 -7.56 -32.45
C ALA C 376 15.19 -6.18 -31.98
N LYS C 377 14.36 -5.49 -31.20
CA LYS C 377 14.76 -4.20 -30.67
C LYS C 377 15.93 -4.34 -29.70
N LEU C 378 15.91 -5.37 -28.86
CA LEU C 378 16.94 -5.55 -27.83
C LEU C 378 18.15 -6.34 -28.31
N ALA C 379 18.17 -6.77 -29.58
CA ALA C 379 19.30 -7.55 -30.08
C ALA C 379 20.61 -6.78 -30.10
N SER C 380 20.58 -5.46 -29.94
CA SER C 380 21.81 -4.68 -29.94
C SER C 380 22.72 -5.09 -28.80
N THR C 381 22.16 -5.32 -27.61
CA THR C 381 22.97 -5.63 -26.43
C THR C 381 22.43 -6.82 -25.64
N HIS C 382 21.58 -7.65 -26.24
CA HIS C 382 21.04 -8.80 -25.52
C HIS C 382 20.71 -9.93 -26.49
N VAL C 383 20.81 -11.16 -25.98
CA VAL C 383 20.48 -12.35 -26.77
C VAL C 383 19.72 -13.33 -25.91
N PRO C 384 18.86 -14.14 -26.51
CA PRO C 384 18.11 -15.14 -25.74
C PRO C 384 19.04 -16.18 -25.12
N ASN C 385 18.64 -16.68 -23.95
CA ASN C 385 19.44 -17.66 -23.23
C ASN C 385 18.69 -18.96 -22.96
N GLY C 386 17.37 -18.98 -23.07
CA GLY C 386 16.62 -20.20 -22.79
C GLY C 386 15.27 -20.18 -23.45
N THR C 387 14.51 -21.24 -23.21
CA THR C 387 13.19 -21.38 -23.78
C THR C 387 12.17 -20.54 -23.01
N VAL C 388 11.08 -20.19 -23.69
CA VAL C 388 10.05 -19.37 -23.07
C VAL C 388 9.32 -20.16 -21.99
N GLN C 389 8.77 -19.44 -21.02
CA GLN C 389 8.02 -20.05 -19.93
C GLN C 389 6.78 -19.21 -19.65
N TYR C 390 5.74 -19.85 -19.12
CA TYR C 390 4.49 -19.20 -18.79
C TYR C 390 4.15 -19.44 -17.34
N PHE C 391 3.81 -18.39 -16.61
CA PHE C 391 3.47 -18.46 -15.20
C PHE C 391 2.05 -17.96 -14.98
N HIS C 392 1.61 -18.03 -13.73
CA HIS C 392 0.26 -17.61 -13.35
C HIS C 392 0.30 -17.05 -11.95
N THR C 393 0.17 -15.72 -11.83
CA THR C 393 0.24 -15.07 -10.53
C THR C 393 -1.03 -15.36 -9.73
N THR C 394 -0.99 -14.99 -8.44
CA THR C 394 -2.13 -15.23 -7.56
C THR C 394 -3.28 -14.28 -7.85
N GLY C 395 -2.99 -13.11 -8.43
CA GLY C 395 -4.03 -12.14 -8.71
C GLY C 395 -4.89 -12.43 -9.92
N GLY C 396 -4.56 -13.47 -10.68
CA GLY C 396 -5.31 -13.82 -11.86
C GLY C 396 -4.70 -13.38 -13.17
N LEU C 397 -3.52 -12.76 -13.15
CA LEU C 397 -2.85 -12.31 -14.35
C LEU C 397 -1.85 -13.36 -14.81
N TYR C 398 -1.68 -13.47 -16.12
CA TYR C 398 -0.74 -14.43 -16.71
C TYR C 398 0.51 -13.72 -17.17
N LEU C 399 1.67 -14.30 -16.85
CA LEU C 399 2.96 -13.74 -17.21
C LEU C 399 3.65 -14.62 -18.23
N VAL C 400 4.38 -13.98 -19.13
CA VAL C 400 5.20 -14.66 -20.14
C VAL C 400 6.64 -14.23 -19.91
N TRP C 401 7.52 -15.19 -19.68
CA TRP C 401 8.91 -14.91 -19.36
C TRP C 401 9.81 -15.48 -20.44
N GLN C 402 10.75 -14.65 -20.91
CA GLN C 402 11.72 -15.06 -21.92
C GLN C 402 13.08 -14.54 -21.49
N PRO C 403 13.86 -15.36 -20.79
CA PRO C 403 15.15 -14.89 -20.28
C PRO C 403 16.09 -14.47 -21.40
N MET C 404 16.85 -13.41 -21.16
CA MET C 404 17.81 -12.88 -22.11
C MET C 404 19.14 -12.64 -21.38
N SER C 405 20.23 -12.98 -22.05
CA SER C 405 21.57 -12.83 -21.48
C SER C 405 22.31 -11.71 -22.19
N ALA C 406 23.02 -10.90 -21.40
CA ALA C 406 23.81 -9.81 -21.96
C ALA C 406 24.97 -10.38 -22.77
N ILE C 407 25.37 -9.63 -23.80
CA ILE C 407 26.44 -10.03 -24.71
C ILE C 407 27.73 -9.34 -24.28
N ASN C 408 28.80 -10.12 -24.15
CA ASN C 408 30.09 -9.56 -23.78
C ASN C 408 30.63 -8.67 -24.90
N LEU C 409 31.32 -7.59 -24.51
CA LEU C 409 31.88 -6.68 -25.49
C LEU C 409 32.91 -7.37 -26.37
N THR C 410 33.78 -8.19 -25.77
CA THR C 410 34.79 -8.92 -26.52
C THR C 410 34.30 -10.30 -26.92
N ASP C 454 -8.81 -3.51 -10.60
CA ASP C 454 -8.14 -2.32 -10.07
C ASP C 454 -7.35 -2.68 -8.81
N ASN C 455 -7.53 -3.91 -8.33
CA ASN C 455 -6.86 -4.38 -7.13
C ASN C 455 -5.42 -4.74 -7.48
N LEU C 456 -4.58 -3.70 -7.57
CA LEU C 456 -3.17 -3.86 -7.89
C LEU C 456 -2.25 -3.20 -6.87
N SER C 457 -2.78 -2.77 -5.72
CA SER C 457 -1.95 -2.08 -4.74
C SER C 457 -0.92 -3.00 -4.11
N TYR C 458 -1.25 -4.28 -3.93
CA TYR C 458 -0.33 -5.20 -3.28
C TYR C 458 0.96 -5.37 -4.08
N THR C 459 0.89 -5.23 -5.41
CA THR C 459 2.12 -5.30 -6.21
C THR C 459 3.05 -4.15 -5.86
N GLN C 460 2.51 -2.93 -5.76
CA GLN C 460 3.32 -1.79 -5.39
C GLN C 460 3.86 -1.94 -3.98
N LEU C 461 3.04 -2.47 -3.07
CA LEU C 461 3.50 -2.71 -1.71
C LEU C 461 4.67 -3.68 -1.69
N GLN C 462 4.57 -4.75 -2.48
CA GLN C 462 5.66 -5.73 -2.57
C GLN C 462 6.92 -5.09 -3.13
N PHE C 463 6.77 -4.24 -4.14
CA PHE C 463 7.92 -3.55 -4.73
C PHE C 463 8.62 -2.68 -3.70
N ALA C 464 7.86 -1.88 -2.96
CA ALA C 464 8.45 -1.02 -1.95
C ALA C 464 9.12 -1.83 -0.85
N TYR C 465 8.47 -2.90 -0.40
CA TYR C 465 9.04 -3.74 0.65
C TYR C 465 10.36 -4.35 0.18
N ASP C 466 10.39 -4.85 -1.05
CA ASP C 466 11.62 -5.45 -1.57
C ASP C 466 12.74 -4.43 -1.67
N LYS C 467 12.43 -3.22 -2.13
CA LYS C 467 13.46 -2.19 -2.24
C LYS C 467 14.03 -1.85 -0.86
N LEU C 468 13.15 -1.65 0.12
CA LEU C 468 13.62 -1.31 1.46
C LEU C 468 14.45 -2.43 2.07
N ARG C 469 14.00 -3.67 1.90
CA ARG C 469 14.73 -4.81 2.45
C ARG C 469 16.11 -4.92 1.82
N ASP C 470 16.20 -4.74 0.51
CA ASP C 470 17.50 -4.82 -0.15
C ASP C 470 18.44 -3.74 0.35
N GLY C 471 17.94 -2.50 0.48
CA GLY C 471 18.79 -1.43 0.98
C GLY C 471 19.29 -1.71 2.38
N ILE C 472 18.40 -2.16 3.27
CA ILE C 472 18.79 -2.44 4.64
C ILE C 472 19.82 -3.56 4.69
N ASN C 473 19.62 -4.62 3.89
CA ASN C 473 20.57 -5.72 3.90
C ASN C 473 21.94 -5.28 3.41
N GLN C 474 21.99 -4.45 2.37
CA GLN C 474 23.28 -3.96 1.89
C GLN C 474 23.99 -3.13 2.95
N VAL C 475 23.24 -2.26 3.64
CA VAL C 475 23.84 -1.45 4.70
C VAL C 475 24.40 -2.34 5.80
N LEU C 476 23.64 -3.39 6.18
CA LEU C 476 24.10 -4.29 7.21
C LEU C 476 25.37 -5.02 6.80
N GLU C 477 25.45 -5.43 5.53
CA GLU C 477 26.64 -6.12 5.05
C GLU C 477 27.87 -5.22 5.13
N GLU C 478 27.72 -3.96 4.69
CA GLU C 478 28.83 -3.02 4.75
C GLU C 478 29.28 -2.79 6.19
N LEU C 479 28.31 -2.63 7.10
CA LEU C 479 28.63 -2.42 8.51
C LEU C 479 29.38 -3.61 9.08
N SER C 480 28.96 -4.83 8.72
CA SER C 480 29.63 -6.03 9.22
C SER C 480 31.06 -6.10 8.72
N ARG C 481 31.29 -5.76 7.45
CA ARG C 481 32.66 -5.78 6.93
C ARG C 481 33.55 -4.78 7.67
N ALA C 482 33.04 -3.56 7.89
CA ALA C 482 33.81 -2.56 8.62
C ALA C 482 34.11 -3.03 10.04
N TRP C 483 33.12 -3.65 10.69
CA TRP C 483 33.32 -4.14 12.05
C TRP C 483 34.38 -5.23 12.07
N CYS C 484 34.40 -6.12 11.08
CA CYS C 484 35.42 -7.16 11.04
C CYS C 484 36.81 -6.55 10.91
N ARG C 485 36.95 -5.55 10.04
CA ARG C 485 38.26 -4.90 9.90
C ARG C 485 38.69 -4.27 11.23
N GLU C 486 37.77 -3.58 11.89
CA GLU C 486 38.09 -2.95 13.16
C GLU C 486 38.49 -3.98 14.21
N GLN C 487 37.79 -5.11 14.24
CA GLN C 487 38.11 -6.17 15.20
C GLN C 487 39.50 -6.74 14.94
N VAL C 488 39.86 -6.92 13.68
CA VAL C 488 41.21 -7.42 13.36
C VAL C 488 42.27 -6.45 13.86
N ARG C 489 42.07 -5.16 13.60
CA ARG C 489 43.03 -4.15 14.06
C ARG C 489 43.10 -4.13 15.59
N ASP C 490 41.95 -4.27 16.25
CA ASP C 490 41.91 -4.26 17.70
C ASP C 490 42.69 -5.45 18.26
N ASN C 491 42.53 -6.63 17.65
CA ASN C 491 43.26 -7.80 18.11
C ASN C 491 44.76 -7.60 17.93
N LEU C 492 45.17 -7.00 16.82
CA LEU C 492 46.59 -6.71 16.62
C LEU C 492 47.12 -5.79 17.70
N MET C 493 46.35 -4.75 18.04
CA MET C 493 46.77 -3.83 19.10
C MET C 493 46.86 -4.55 20.44
N TRP C 494 45.92 -5.46 20.71
CA TRP C 494 45.98 -6.24 21.94
C TRP C 494 47.25 -7.07 22.01
N TYR C 495 47.60 -7.74 20.91
CA TYR C 495 48.83 -8.53 20.89
C TYR C 495 50.04 -7.64 21.13
N GLU C 496 50.07 -6.47 20.50
CA GLU C 496 51.19 -5.55 20.71
C GLU C 496 51.28 -5.13 22.17
N LEU C 497 50.14 -4.85 22.80
CA LEU C 497 50.13 -4.44 24.20
C LEU C 497 50.55 -5.57 25.12
N SER C 498 50.29 -6.82 24.73
CA SER C 498 50.60 -7.96 25.60
C SER C 498 52.08 -8.16 25.86
N LYS C 499 52.96 -7.49 25.10
CA LYS C 499 54.39 -7.72 25.24
C LYS C 499 54.98 -7.14 26.52
N ILE C 500 54.23 -6.30 27.25
CA ILE C 500 54.76 -5.69 28.46
C ILE C 500 54.51 -6.59 29.65
N ASN C 501 53.24 -6.86 29.95
CA ASN C 501 52.88 -7.73 31.06
C ASN C 501 51.67 -8.58 30.68
N PRO C 502 51.88 -9.87 30.41
CA PRO C 502 50.75 -10.72 29.99
C PRO C 502 49.65 -10.87 31.01
N THR C 503 49.95 -10.66 32.30
CA THR C 503 48.94 -10.85 33.33
C THR C 503 47.77 -9.90 33.15
N SER C 504 48.06 -8.63 32.88
CA SER C 504 46.99 -7.65 32.70
C SER C 504 46.14 -7.98 31.49
N VAL C 505 46.76 -8.36 30.38
CA VAL C 505 46.00 -8.68 29.17
C VAL C 505 45.14 -9.91 29.40
N MET C 506 45.69 -10.94 30.04
CA MET C 506 44.91 -12.15 30.31
C MET C 506 43.74 -11.85 31.23
N THR C 507 43.96 -11.05 32.28
CA THR C 507 42.87 -10.70 33.17
C THR C 507 41.84 -9.82 32.47
N ALA C 508 42.26 -9.07 31.45
CA ALA C 508 41.30 -8.27 30.70
C ALA C 508 40.45 -9.13 29.77
N ILE C 509 41.07 -10.12 29.11
CA ILE C 509 40.33 -10.97 28.19
C ILE C 509 39.37 -11.89 28.93
N TYR C 510 39.86 -12.53 30.00
CA TYR C 510 39.06 -13.43 30.80
C TYR C 510 38.58 -12.71 32.06
N GLY C 511 37.29 -12.79 32.33
CA GLY C 511 36.75 -12.14 33.52
C GLY C 511 37.37 -12.66 34.80
N ARG C 512 37.61 -13.97 34.86
CA ARG C 512 38.20 -14.56 36.05
C ARG C 512 39.68 -14.19 36.14
N PRO C 513 40.15 -13.68 37.27
CA PRO C 513 41.58 -13.37 37.40
C PRO C 513 42.43 -14.63 37.25
N VAL C 514 43.56 -14.47 36.57
CA VAL C 514 44.50 -15.57 36.32
C VAL C 514 45.92 -15.04 36.49
N SER C 515 46.89 -15.93 36.35
CA SER C 515 48.30 -15.60 36.40
C SER C 515 48.97 -16.16 35.15
N ALA C 516 49.71 -15.32 34.43
CA ALA C 516 50.29 -15.78 33.14
C ALA C 516 51.70 -15.25 32.95
N LYS C 517 52.44 -15.79 31.97
CA LYS C 517 53.83 -15.35 31.69
C LYS C 517 54.20 -15.75 30.26
N PHE C 518 55.35 -15.24 29.80
CA PHE C 518 55.81 -15.54 28.43
C PHE C 518 56.83 -16.66 28.46
N VAL C 519 56.37 -17.90 28.40
CA VAL C 519 57.34 -19.04 28.29
C VAL C 519 57.81 -19.01 26.85
N GLY C 520 59.11 -18.90 26.64
CA GLY C 520 59.59 -18.76 25.25
C GLY C 520 58.82 -17.68 24.54
N ASP C 521 58.05 -18.04 23.52
CA ASP C 521 57.21 -17.05 22.81
C ASP C 521 55.77 -17.53 22.86
N ALA C 522 55.39 -18.12 24.00
CA ALA C 522 53.98 -18.54 24.15
C ALA C 522 53.54 -18.27 25.59
N ILE C 523 52.36 -17.69 25.75
CA ILE C 523 51.92 -17.31 27.12
C ILE C 523 51.44 -18.56 27.83
N SER C 524 51.91 -18.79 29.05
CA SER C 524 51.42 -19.93 29.86
C SER C 524 50.53 -19.39 30.99
N VAL C 525 49.27 -19.84 31.05
CA VAL C 525 48.32 -19.31 32.07
C VAL C 525 48.18 -20.32 33.22
N THR C 526 48.10 -19.83 34.46
CA THR C 526 47.91 -20.73 35.63
C THR C 526 46.77 -20.19 36.49
N GLU C 527 46.10 -21.08 37.25
CA GLU C 527 44.93 -20.66 38.08
C GLU C 527 45.43 -19.91 39.32
N CYS C 528 44.54 -19.18 40.00
CA CYS C 528 44.91 -18.43 41.19
C CYS C 528 44.22 -19.02 42.40
N ILE C 529 44.86 -18.87 43.56
CA ILE C 529 44.41 -19.48 44.80
C ILE C 529 44.23 -18.38 45.84
N ASN C 530 43.10 -18.41 46.55
CA ASN C 530 42.81 -17.44 47.58
C ASN C 530 43.50 -17.83 48.89
N VAL C 531 43.24 -17.04 49.93
CA VAL C 531 43.78 -17.27 51.27
C VAL C 531 42.67 -17.02 52.28
N ASP C 532 43.03 -17.11 53.56
CA ASP C 532 42.08 -16.88 54.65
C ASP C 532 41.73 -15.39 54.69
N GLN C 533 40.47 -15.06 54.42
CA GLN C 533 40.05 -13.66 54.38
C GLN C 533 40.18 -13.02 55.76
N SER C 534 39.82 -13.75 56.83
CA SER C 534 39.90 -13.19 58.17
C SER C 534 41.34 -12.91 58.56
N SER C 535 42.26 -13.80 58.19
CA SER C 535 43.68 -13.66 58.56
C SER C 535 44.35 -12.69 57.59
N VAL C 536 44.16 -11.40 57.85
CA VAL C 536 44.78 -10.34 57.07
C VAL C 536 45.28 -9.27 58.02
N ASN C 537 46.45 -8.71 57.73
CA ASN C 537 47.04 -7.66 58.55
C ASN C 537 47.88 -6.76 57.67
N ILE C 538 47.57 -5.45 57.69
CA ILE C 538 48.28 -4.46 56.90
C ILE C 538 48.97 -3.49 57.86
N HIS C 539 50.27 -3.33 57.69
CA HIS C 539 51.03 -2.43 58.55
C HIS C 539 50.64 -0.98 58.28
N LYS C 540 50.52 -0.20 59.35
CA LYS C 540 50.12 1.21 59.23
C LYS C 540 51.24 2.11 58.74
N SER C 541 52.47 1.61 58.65
CA SER C 541 53.60 2.40 58.19
C SER C 541 54.32 1.66 57.08
N LEU C 542 54.50 2.32 55.94
CA LEU C 542 55.28 1.76 54.84
C LEU C 542 56.75 2.18 54.88
N ARG C 543 57.13 2.98 55.86
CA ARG C 543 58.53 3.38 56.02
C ARG C 543 59.32 2.23 56.61
N THR C 544 60.27 1.70 55.84
CA THR C 544 61.07 0.58 56.29
C THR C 544 62.35 1.10 56.95
N ASN C 545 63.31 0.20 57.18
CA ASN C 545 64.57 0.57 57.82
C ASN C 545 65.38 1.49 56.90
N SER C 546 66.50 1.96 57.43
CA SER C 546 67.42 2.86 56.71
C SER C 546 66.64 4.14 56.36
N LYS C 547 67.03 4.79 55.25
CA LYS C 547 66.37 6.01 54.83
C LYS C 547 66.34 6.07 53.31
N ASP C 548 65.34 6.77 52.79
CA ASP C 548 65.17 6.97 51.34
C ASP C 548 65.01 5.64 50.61
N VAL C 549 64.51 4.61 51.30
CA VAL C 549 64.29 3.30 50.69
C VAL C 549 62.89 2.83 51.06
N CYS C 550 62.01 3.79 51.37
CA CYS C 550 60.66 3.47 51.82
C CYS C 550 59.91 2.62 50.80
N TYR C 551 59.06 1.74 51.31
CA TYR C 551 58.31 0.82 50.45
C TYR C 551 57.35 1.58 49.55
N ALA C 552 57.25 1.13 48.30
CA ALA C 552 56.30 1.75 47.37
C ALA C 552 54.87 1.36 47.72
N ARG C 553 54.66 0.14 48.19
CA ARG C 553 53.35 -0.35 48.58
C ARG C 553 53.42 -0.91 49.99
N PRO C 554 52.32 -0.87 50.73
CA PRO C 554 52.34 -1.39 52.11
C PRO C 554 52.55 -2.89 52.14
N LEU C 555 53.23 -3.34 53.19
CA LEU C 555 53.45 -4.76 53.40
C LEU C 555 52.23 -5.38 54.07
N VAL C 556 51.97 -6.65 53.74
CA VAL C 556 50.83 -7.36 54.27
C VAL C 556 51.28 -8.71 54.82
N THR C 557 50.51 -9.23 55.76
CA THR C 557 50.76 -10.54 56.36
C THR C 557 49.45 -11.31 56.43
N PHE C 558 49.51 -12.60 56.13
CA PHE C 558 48.30 -13.42 56.08
C PHE C 558 48.68 -14.87 56.30
N LYS C 559 47.65 -15.71 56.41
CA LYS C 559 47.80 -17.15 56.57
C LYS C 559 47.28 -17.85 55.33
N PHE C 560 47.95 -18.93 54.93
CA PHE C 560 47.63 -19.65 53.69
C PHE C 560 46.36 -20.49 53.88
N LEU C 561 45.24 -19.78 54.04
CA LEU C 561 43.91 -20.38 54.15
C LEU C 561 43.85 -21.44 55.25
N ASN C 562 43.61 -22.69 54.85
CA ASN C 562 43.47 -23.80 55.79
C ASN C 562 44.86 -24.32 56.19
N SER C 563 45.57 -23.47 56.92
CA SER C 563 46.90 -23.81 57.41
C SER C 563 47.24 -22.90 58.58
N SER C 564 48.22 -23.31 59.36
CA SER C 564 48.71 -22.55 60.52
C SER C 564 50.12 -22.08 60.20
N ASN C 565 50.21 -20.94 59.51
CA ASN C 565 51.50 -20.38 59.15
C ASN C 565 51.31 -18.90 58.83
N LEU C 566 52.42 -18.16 58.82
CA LEU C 566 52.41 -16.74 58.56
C LEU C 566 53.43 -16.42 57.47
N PHE C 567 53.04 -15.53 56.56
CA PHE C 567 53.93 -15.09 55.49
C PHE C 567 53.79 -13.57 55.34
N THR C 568 54.85 -12.96 54.83
CA THR C 568 54.89 -11.51 54.62
C THR C 568 54.91 -11.22 53.12
N GLY C 569 53.96 -10.41 52.66
CA GLY C 569 53.86 -10.05 51.26
C GLY C 569 53.56 -8.57 51.09
N GLN C 570 53.55 -8.15 49.83
CA GLN C 570 53.27 -6.77 49.47
C GLN C 570 51.96 -6.69 48.72
N LEU C 571 51.10 -5.74 49.10
CA LEU C 571 49.82 -5.57 48.45
C LEU C 571 50.00 -5.03 47.05
N GLY C 572 49.33 -5.65 46.08
CA GLY C 572 49.41 -5.21 44.70
C GLY C 572 48.20 -4.41 44.27
N ALA C 573 47.46 -4.93 43.28
CA ALA C 573 46.26 -4.28 42.79
C ALA C 573 45.13 -5.29 42.69
N ARG C 574 43.90 -4.80 42.82
CA ARG C 574 42.71 -5.64 42.77
C ARG C 574 42.79 -6.77 43.80
N ASN C 575 43.28 -6.43 44.99
CA ASN C 575 43.44 -7.38 46.10
C ASN C 575 44.31 -8.58 45.68
N GLU C 576 45.56 -8.26 45.34
CA GLU C 576 46.54 -9.26 44.95
C GLU C 576 47.77 -9.13 45.83
N ILE C 577 48.39 -10.27 46.14
CA ILE C 577 49.55 -10.32 47.01
C ILE C 577 50.75 -10.80 46.20
N ILE C 578 51.90 -10.17 46.45
CA ILE C 578 53.16 -10.53 45.79
C ILE C 578 54.14 -10.97 46.86
N LEU C 579 54.72 -12.16 46.68
CA LEU C 579 55.64 -12.70 47.68
C LEU C 579 56.90 -11.86 47.79
N THR C 580 57.49 -11.46 46.66
CA THR C 580 58.73 -10.69 46.68
C THR C 580 58.43 -9.22 46.97
N ASN C 581 59.02 -8.70 48.03
CA ASN C 581 58.81 -7.31 48.45
C ASN C 581 59.99 -6.45 48.00
N ASN C 582 60.03 -6.22 46.68
CA ASN C 582 61.07 -5.40 46.08
C ASN C 582 60.60 -4.00 45.71
N GLN C 583 59.37 -3.63 46.05
CA GLN C 583 58.83 -2.32 45.71
C GLN C 583 59.34 -1.31 46.74
N VAL C 584 60.38 -0.57 46.35
CA VAL C 584 60.97 0.45 47.21
C VAL C 584 61.17 1.72 46.37
N GLU C 585 61.24 2.86 47.07
CA GLU C 585 61.41 4.14 46.41
C GLU C 585 62.06 5.11 47.38
N THR C 586 62.60 6.19 46.83
CA THR C 586 63.25 7.21 47.64
C THR C 586 62.21 7.99 48.43
N CYS C 587 62.53 8.29 49.69
CA CYS C 587 61.62 9.05 50.53
C CYS C 587 61.49 10.48 50.03
N LYS C 588 60.25 10.96 50.00
CA LYS C 588 59.95 12.32 49.54
C LYS C 588 59.12 13.03 50.59
N ASP C 589 59.45 14.30 50.83
CA ASP C 589 58.71 15.09 51.81
C ASP C 589 57.27 15.31 51.36
N THR C 590 56.36 15.28 52.34
CA THR C 590 54.93 15.47 52.09
C THR C 590 54.40 14.48 51.04
N CYS C 591 54.84 13.24 51.14
CA CYS C 591 54.40 12.22 50.20
C CYS C 591 52.94 11.88 50.42
N GLU C 592 52.20 11.72 49.33
CA GLU C 592 50.79 11.39 49.35
C GLU C 592 50.57 10.07 48.64
N HIS C 593 49.74 9.20 49.22
CA HIS C 593 49.48 7.89 48.65
C HIS C 593 48.04 7.48 48.90
N TYR C 594 47.48 6.75 47.94
CA TYR C 594 46.13 6.20 48.05
C TYR C 594 46.15 4.77 47.57
N PHE C 595 45.23 3.97 48.09
CA PHE C 595 45.14 2.56 47.73
C PHE C 595 43.69 2.13 47.70
N ILE C 596 43.40 1.14 46.87
CA ILE C 596 42.05 0.64 46.66
C ILE C 596 41.97 -0.77 47.24
N THR C 597 40.97 -1.00 48.09
CA THR C 597 40.74 -2.32 48.69
C THR C 597 39.22 -2.53 48.78
N ARG C 598 38.66 -3.14 47.74
CA ARG C 598 37.23 -3.47 47.66
C ARG C 598 36.44 -2.18 47.84
N ASN C 599 35.62 -2.04 48.87
CA ASN C 599 34.79 -0.85 49.08
C ASN C 599 35.42 0.17 50.01
N GLU C 600 36.65 -0.05 50.47
CA GLU C 600 37.32 0.87 51.36
C GLU C 600 38.66 1.28 50.78
N THR C 601 39.15 2.43 51.22
CA THR C 601 40.40 3.00 50.72
C THR C 601 41.29 3.38 51.89
N LEU C 602 42.59 3.50 51.59
CA LEU C 602 43.60 3.90 52.57
C LEU C 602 44.27 5.18 52.13
N VAL C 603 44.55 6.06 53.08
CA VAL C 603 45.17 7.34 52.82
C VAL C 603 46.43 7.45 53.66
N TYR C 604 47.53 7.88 53.04
CA TYR C 604 48.82 8.03 53.71
C TYR C 604 49.33 9.45 53.45
N LYS C 605 48.94 10.39 54.31
CA LYS C 605 49.44 11.76 54.19
C LYS C 605 50.93 11.86 54.46
N ASP C 606 51.51 10.88 55.15
CA ASP C 606 52.93 10.85 55.45
C ASP C 606 53.38 9.39 55.32
N TYR C 607 54.58 9.09 55.82
CA TYR C 607 55.10 7.73 55.78
C TYR C 607 54.25 6.75 56.58
N ALA C 608 53.23 7.21 57.30
CA ALA C 608 52.36 6.34 58.07
C ALA C 608 51.05 7.05 58.34
N TYR C 609 49.95 6.42 57.97
CA TYR C 609 48.62 6.97 58.20
C TYR C 609 47.58 5.89 57.94
N LEU C 610 46.42 6.04 58.57
CA LEU C 610 45.32 5.10 58.44
C LEU C 610 43.99 5.82 58.32
N ARG C 611 43.95 6.89 57.51
CA ARG C 611 42.72 7.66 57.30
C ARG C 611 41.84 6.90 56.31
N THR C 612 41.19 5.85 56.82
CA THR C 612 40.33 5.02 55.99
C THR C 612 39.06 5.78 55.63
N ILE C 613 38.77 5.88 54.33
CA ILE C 613 37.58 6.55 53.83
C ILE C 613 36.94 5.67 52.76
N ASN C 614 35.72 6.03 52.38
CA ASN C 614 34.98 5.28 51.37
C ASN C 614 35.67 5.38 50.00
N THR C 615 35.53 4.31 49.22
CA THR C 615 36.14 4.29 47.89
C THR C 615 35.48 5.28 46.95
N THR C 616 34.16 5.44 47.06
CA THR C 616 33.43 6.33 46.16
C THR C 616 33.74 7.80 46.36
N ASP C 617 34.47 8.15 47.43
CA ASP C 617 34.76 9.56 47.69
C ASP C 617 35.59 10.18 46.58
N ILE C 618 36.41 9.39 45.89
CA ILE C 618 37.22 9.89 44.78
C ILE C 618 36.42 9.78 43.49
N SER C 619 36.48 10.83 42.68
CA SER C 619 35.74 10.86 41.43
C SER C 619 36.25 9.79 40.47
N THR C 620 35.33 9.24 39.68
CA THR C 620 35.63 8.19 38.72
C THR C 620 35.45 8.76 37.31
N LEU C 621 36.54 8.87 36.58
CA LEU C 621 36.47 9.34 35.20
C LEU C 621 35.89 8.26 34.30
N ASN C 622 35.28 8.69 33.20
CA ASN C 622 34.63 7.78 32.26
C ASN C 622 35.20 7.98 30.86
N THR C 623 35.30 6.88 30.13
CA THR C 623 35.75 6.88 28.73
C THR C 623 34.69 6.11 27.94
N PHE C 624 33.65 6.81 27.51
CA PHE C 624 32.55 6.20 26.79
C PHE C 624 32.15 7.09 25.63
N ILE C 625 31.85 6.47 24.49
CA ILE C 625 31.34 7.16 23.33
C ILE C 625 29.88 6.74 23.20
N ALA C 626 28.98 7.57 23.71
CA ALA C 626 27.57 7.23 23.73
C ALA C 626 27.00 7.13 22.32
N LEU C 627 26.19 6.11 22.10
CA LEU C 627 25.50 5.90 20.83
C LEU C 627 24.04 6.26 21.05
N ASN C 628 23.72 7.54 20.87
CA ASN C 628 22.37 8.04 21.08
C ASN C 628 21.50 7.70 19.89
N LEU C 629 21.28 6.40 19.70
CA LEU C 629 20.46 5.92 18.59
C LEU C 629 19.00 6.29 18.82
N SER C 630 18.31 6.64 17.75
CA SER C 630 16.90 7.00 17.79
C SER C 630 16.11 5.89 17.10
N PHE C 631 15.16 5.31 17.83
CA PHE C 631 14.37 4.22 17.28
C PHE C 631 13.37 4.75 16.26
N ILE C 632 12.55 3.84 15.74
CA ILE C 632 11.57 4.16 14.69
C ILE C 632 10.19 4.19 15.33
N GLN C 633 9.54 5.35 15.27
CA GLN C 633 8.19 5.48 15.81
C GLN C 633 7.20 4.70 14.96
N ASN C 634 6.15 4.20 15.61
CA ASN C 634 5.09 3.44 14.95
C ASN C 634 3.83 4.28 14.88
N ILE C 635 3.27 4.41 13.69
CA ILE C 635 2.09 5.24 13.45
C ILE C 635 0.94 4.36 13.01
N ASP C 636 -0.23 4.98 12.87
CA ASP C 636 -1.45 4.31 12.45
C ASP C 636 -1.96 4.90 11.16
N PHE C 637 -2.42 4.04 10.26
CA PHE C 637 -2.97 4.45 8.98
C PHE C 637 -4.49 4.42 9.04
N LYS C 638 -5.12 5.40 8.40
CA LYS C 638 -6.57 5.54 8.39
C LYS C 638 -7.08 5.51 6.96
N ALA C 639 -8.20 4.81 6.77
CA ALA C 639 -8.81 4.73 5.44
C ALA C 639 -9.37 6.08 5.02
N ILE C 640 -9.17 6.43 3.76
CA ILE C 640 -9.64 7.69 3.19
C ILE C 640 -10.46 7.39 1.94
N GLU C 641 -11.64 7.99 1.84
CA GLU C 641 -12.51 7.84 0.69
C GLU C 641 -12.58 9.16 -0.06
N LEU C 642 -12.28 9.12 -1.36
CA LEU C 642 -12.28 10.35 -2.15
C LEU C 642 -13.68 10.92 -2.29
N TYR C 643 -14.64 10.08 -2.69
CA TYR C 643 -16.02 10.50 -2.90
C TYR C 643 -16.93 9.85 -1.86
N SER C 644 -17.74 10.66 -1.20
CA SER C 644 -18.67 10.14 -0.22
C SER C 644 -19.82 9.41 -0.91
N SER C 645 -20.60 8.69 -0.11
CA SER C 645 -21.73 7.95 -0.65
C SER C 645 -22.78 8.87 -1.25
N ALA C 646 -22.90 10.09 -0.73
CA ALA C 646 -23.88 11.04 -1.27
C ALA C 646 -23.57 11.38 -2.72
N GLU C 647 -22.29 11.63 -3.03
CA GLU C 647 -21.91 11.91 -4.41
C GLU C 647 -22.13 10.71 -5.30
N LYS C 648 -21.83 9.51 -4.79
CA LYS C 648 -22.07 8.30 -5.57
C LYS C 648 -23.55 8.14 -5.91
N ARG C 649 -24.43 8.40 -4.94
CA ARG C 649 -25.86 8.35 -5.21
C ARG C 649 -26.27 9.43 -6.20
N LEU C 650 -25.73 10.64 -6.05
CA LEU C 650 -26.07 11.72 -6.97
C LEU C 650 -25.57 11.44 -8.39
N ALA C 651 -24.57 10.59 -8.54
CA ALA C 651 -24.10 10.24 -9.88
C ALA C 651 -25.21 9.56 -10.68
N SER C 652 -25.92 8.63 -10.05
CA SER C 652 -27.07 7.92 -10.65
C SER C 652 -26.59 7.26 -11.93
N SER C 653 -27.27 7.46 -13.05
CA SER C 653 -26.87 6.84 -14.32
C SER C 653 -26.66 7.88 -15.40
#